data_3ZOB
#
_entry.id   3ZOB
#
_cell.length_a   1.000
_cell.length_b   1.000
_cell.length_c   1.000
_cell.angle_alpha   90.00
_cell.angle_beta   90.00
_cell.angle_gamma   90.00
#
_symmetry.space_group_name_H-M   'P 1'
#
_entity_poly.entity_id   1
_entity_poly.type   'polypeptide(L)'
_entity_poly.pdbx_seq_one_letter_code
;GPMASDKRPRTAFTAEQLQRLKAEFQTNRYLTEQRRQSLAQELGLNESQIKIWFQNKRAKIKKATQA
;
_entity_poly.pdbx_strand_id   A
#
# COMPACT_ATOMS: atom_id res chain seq x y z
N GLY A 1 15.20 -7.79 -2.24
CA GLY A 1 13.71 -7.81 -2.17
C GLY A 1 13.13 -8.87 -3.07
N PRO A 2 11.85 -8.76 -3.45
CA PRO A 2 11.14 -9.82 -4.14
C PRO A 2 11.46 -9.88 -5.61
N MET A 3 12.32 -8.97 -6.13
CA MET A 3 12.73 -8.96 -7.53
C MET A 3 14.14 -9.49 -7.54
N ALA A 4 14.95 -9.05 -8.54
CA ALA A 4 16.34 -9.43 -8.69
C ALA A 4 17.16 -8.47 -7.85
N SER A 5 17.75 -7.44 -8.51
CA SER A 5 18.48 -6.39 -7.84
C SER A 5 17.49 -5.28 -7.66
N ASP A 6 17.13 -4.99 -6.39
CA ASP A 6 16.08 -4.06 -6.06
C ASP A 6 16.27 -3.67 -4.63
N LYS A 7 15.30 -2.90 -4.08
CA LYS A 7 15.30 -2.47 -2.71
C LYS A 7 14.64 -3.53 -1.89
N ARG A 8 14.91 -3.54 -0.57
CA ARG A 8 14.33 -4.49 0.34
C ARG A 8 12.98 -3.97 0.77
N PRO A 9 12.04 -4.81 1.18
CA PRO A 9 10.77 -4.37 1.76
C PRO A 9 11.00 -3.85 3.17
N ARG A 10 11.16 -2.51 3.31
CA ARG A 10 11.41 -1.86 4.56
C ARG A 10 10.20 -1.01 4.79
N THR A 11 10.25 0.26 4.32
CA THR A 11 9.13 1.15 4.20
C THR A 11 8.85 1.17 2.73
N ALA A 12 9.93 1.30 1.93
CA ALA A 12 9.88 1.48 0.51
C ALA A 12 9.45 0.22 -0.19
N PHE A 13 8.63 0.40 -1.23
CA PHE A 13 8.06 -0.67 -2.02
C PHE A 13 8.90 -0.79 -3.26
N THR A 14 8.73 -1.91 -3.98
CA THR A 14 9.32 -2.11 -5.28
C THR A 14 8.17 -2.30 -6.22
N ALA A 15 8.45 -2.60 -7.50
CA ALA A 15 7.46 -2.61 -8.56
C ALA A 15 6.49 -3.76 -8.42
N GLU A 16 6.94 -4.86 -7.78
CA GLU A 16 6.17 -6.07 -7.61
C GLU A 16 5.32 -5.97 -6.37
N GLN A 17 5.69 -5.09 -5.42
CA GLN A 17 4.97 -4.90 -4.18
C GLN A 17 3.80 -4.00 -4.46
N LEU A 18 4.06 -2.85 -5.15
CA LEU A 18 3.10 -1.89 -5.63
C LEU A 18 2.04 -2.51 -6.52
N GLN A 19 2.44 -3.47 -7.40
CA GLN A 19 1.60 -4.16 -8.36
C GLN A 19 0.43 -4.84 -7.68
N ARG A 20 0.72 -5.57 -6.60
CA ARG A 20 -0.21 -6.30 -5.78
C ARG A 20 -1.22 -5.38 -5.15
N LEU A 21 -0.77 -4.23 -4.61
CA LEU A 21 -1.61 -3.29 -3.88
C LEU A 21 -2.55 -2.55 -4.78
N LYS A 22 -2.17 -2.33 -6.06
CA LYS A 22 -2.98 -1.65 -7.06
C LYS A 22 -4.10 -2.53 -7.53
N ALA A 23 -3.87 -3.85 -7.49
CA ALA A 23 -4.84 -4.85 -7.88
C ALA A 23 -5.92 -4.98 -6.83
N GLU A 24 -5.54 -4.79 -5.54
CA GLU A 24 -6.43 -4.81 -4.41
C GLU A 24 -7.25 -3.55 -4.38
N PHE A 25 -6.58 -2.38 -4.60
CA PHE A 25 -7.12 -1.03 -4.55
C PHE A 25 -8.24 -0.84 -5.54
N GLN A 26 -8.13 -1.50 -6.72
CA GLN A 26 -9.05 -1.40 -7.83
C GLN A 26 -10.43 -1.87 -7.44
N THR A 27 -10.49 -3.02 -6.73
CA THR A 27 -11.73 -3.61 -6.26
C THR A 27 -12.14 -2.86 -5.02
N ASN A 28 -11.39 -3.11 -3.93
CA ASN A 28 -11.65 -2.64 -2.61
C ASN A 28 -10.57 -1.68 -2.25
N ARG A 29 -10.94 -0.40 -2.06
CA ARG A 29 -10.06 0.60 -1.49
C ARG A 29 -10.01 0.42 0.00
N TYR A 30 -11.05 -0.24 0.57
CA TYR A 30 -11.24 -0.47 1.97
C TYR A 30 -10.38 -1.62 2.38
N LEU A 31 -9.13 -1.30 2.78
CA LEU A 31 -8.21 -2.24 3.36
C LEU A 31 -8.56 -2.32 4.82
N THR A 32 -8.46 -3.55 5.38
CA THR A 32 -8.86 -3.88 6.72
C THR A 32 -7.59 -4.08 7.49
N GLU A 33 -7.66 -4.08 8.83
CA GLU A 33 -6.51 -4.28 9.68
C GLU A 33 -6.07 -5.73 9.66
N GLN A 34 -6.96 -6.64 9.22
CA GLN A 34 -6.75 -8.06 9.26
C GLN A 34 -6.09 -8.53 7.99
N ARG A 35 -6.52 -7.98 6.84
CA ARG A 35 -5.96 -8.31 5.55
C ARG A 35 -4.66 -7.61 5.35
N ARG A 36 -4.54 -6.38 5.91
CA ARG A 36 -3.32 -5.59 5.99
C ARG A 36 -2.21 -6.31 6.69
N GLN A 37 -2.57 -7.16 7.67
CA GLN A 37 -1.67 -7.94 8.48
C GLN A 37 -1.02 -9.04 7.68
N SER A 38 -1.74 -9.49 6.61
CA SER A 38 -1.32 -10.56 5.76
C SER A 38 -0.47 -10.01 4.64
N LEU A 39 -0.70 -8.74 4.23
CA LEU A 39 0.09 -8.09 3.21
C LEU A 39 1.44 -7.75 3.79
N ALA A 40 1.46 -7.52 5.12
CA ALA A 40 2.63 -7.19 5.89
C ALA A 40 3.51 -8.39 6.05
N GLN A 41 2.90 -9.60 6.07
CA GLN A 41 3.62 -10.83 6.27
C GLN A 41 4.35 -11.20 4.99
N GLU A 42 3.66 -11.00 3.84
CA GLU A 42 4.03 -11.64 2.59
C GLU A 42 4.92 -10.81 1.74
N LEU A 43 4.68 -9.48 1.69
CA LEU A 43 5.57 -8.54 1.04
C LEU A 43 6.78 -8.40 1.91
N GLY A 44 6.55 -8.54 3.23
CA GLY A 44 7.60 -8.56 4.22
C GLY A 44 7.81 -7.18 4.75
N LEU A 45 6.69 -6.42 4.84
CA LEU A 45 6.66 -5.08 5.35
C LEU A 45 6.17 -5.15 6.76
N ASN A 46 5.64 -4.02 7.29
CA ASN A 46 4.86 -3.97 8.49
C ASN A 46 3.50 -3.54 8.02
N GLU A 47 2.54 -3.41 8.96
CA GLU A 47 1.19 -3.02 8.69
C GLU A 47 1.14 -1.56 8.34
N SER A 48 1.94 -0.79 9.11
CA SER A 48 1.97 0.65 9.13
C SER A 48 2.41 1.27 7.83
N GLN A 49 3.23 0.53 7.02
CA GLN A 49 3.78 1.01 5.78
C GLN A 49 2.72 1.07 4.71
N ILE A 50 1.83 0.05 4.70
CA ILE A 50 0.82 -0.17 3.70
C ILE A 50 -0.43 0.58 4.10
N LYS A 51 -0.55 0.94 5.40
CA LYS A 51 -1.64 1.72 5.95
C LYS A 51 -1.60 3.10 5.36
N ILE A 52 -0.39 3.68 5.38
CA ILE A 52 -0.01 4.96 4.85
C ILE A 52 -0.26 5.00 3.36
N TRP A 53 0.14 3.93 2.64
CA TRP A 53 -0.01 3.77 1.21
C TRP A 53 -1.46 3.89 0.79
N PHE A 54 -2.38 3.19 1.50
CA PHE A 54 -3.79 3.13 1.18
C PHE A 54 -4.47 4.45 1.47
N GLN A 55 -4.02 5.18 2.53
CA GLN A 55 -4.58 6.45 2.92
C GLN A 55 -4.24 7.56 1.96
N ASN A 56 -3.05 7.46 1.33
CA ASN A 56 -2.51 8.43 0.40
C ASN A 56 -3.24 8.32 -0.92
N LYS A 57 -3.49 7.07 -1.37
CA LYS A 57 -4.11 6.74 -2.64
C LYS A 57 -5.54 7.17 -2.69
N ARG A 58 -6.27 6.94 -1.59
CA ARG A 58 -7.64 7.36 -1.41
C ARG A 58 -7.79 8.86 -1.31
N ALA A 59 -6.70 9.57 -0.93
CA ALA A 59 -6.70 11.02 -0.79
C ALA A 59 -6.39 11.71 -2.10
N LYS A 60 -6.11 10.94 -3.18
CA LYS A 60 -5.80 11.49 -4.49
C LYS A 60 -7.08 11.87 -5.21
N ILE A 61 -8.18 11.13 -4.94
CA ILE A 61 -9.44 11.23 -5.62
C ILE A 61 -10.12 12.54 -5.31
N LYS A 62 -11.16 12.88 -6.11
CA LYS A 62 -11.96 14.07 -5.95
C LYS A 62 -13.06 13.74 -4.98
N LYS A 63 -12.72 13.83 -3.67
CA LYS A 63 -13.62 13.60 -2.57
C LYS A 63 -13.84 14.94 -1.92
N ALA A 64 -14.44 14.94 -0.70
CA ALA A 64 -14.86 16.15 -0.01
C ALA A 64 -13.69 16.79 0.68
N THR A 65 -13.21 16.16 1.79
CA THR A 65 -12.09 16.63 2.59
C THR A 65 -10.83 16.21 1.89
N GLN A 66 -9.66 16.79 2.31
CA GLN A 66 -8.36 16.57 1.72
C GLN A 66 -8.32 17.19 0.35
N ALA A 67 -8.37 16.35 -0.71
CA ALA A 67 -8.48 16.79 -2.08
C ALA A 67 -9.98 16.84 -2.44
N GLY A 1 -17.26 12.12 -5.02
CA GLY A 1 -15.97 12.82 -5.19
C GLY A 1 -15.48 12.70 -6.60
N PRO A 2 -15.96 13.51 -7.55
CA PRO A 2 -15.70 13.30 -8.97
C PRO A 2 -14.32 13.78 -9.36
N MET A 3 -13.67 14.63 -8.53
CA MET A 3 -12.37 15.18 -8.79
C MET A 3 -11.40 14.44 -7.92
N ALA A 4 -10.08 14.72 -8.12
CA ALA A 4 -9.06 14.08 -7.33
C ALA A 4 -7.90 15.02 -7.21
N SER A 5 -7.06 14.77 -6.17
CA SER A 5 -5.83 15.48 -5.91
C SER A 5 -4.72 14.49 -6.11
N ASP A 6 -3.46 14.99 -6.18
CA ASP A 6 -2.30 14.19 -6.49
C ASP A 6 -1.52 13.89 -5.24
N LYS A 7 -1.17 12.59 -5.08
CA LYS A 7 -0.22 12.10 -4.11
C LYS A 7 0.70 11.24 -4.94
N ARG A 8 1.30 10.20 -4.33
CA ARG A 8 2.22 9.34 -5.02
C ARG A 8 2.17 7.97 -4.39
N PRO A 9 2.56 6.89 -5.08
CA PRO A 9 3.01 5.67 -4.43
C PRO A 9 4.39 5.89 -3.87
N ARG A 10 4.75 5.20 -2.77
CA ARG A 10 5.98 5.47 -2.05
C ARG A 10 7.07 4.60 -2.58
N THR A 11 8.32 5.00 -2.23
CA THR A 11 9.56 4.43 -2.70
C THR A 11 10.08 3.45 -1.68
N ALA A 12 9.31 3.22 -0.58
CA ALA A 12 9.66 2.29 0.47
C ALA A 12 9.12 0.92 0.14
N PHE A 13 8.92 0.65 -1.16
CA PHE A 13 8.41 -0.58 -1.69
C PHE A 13 9.32 -0.93 -2.82
N THR A 14 9.12 -2.12 -3.44
CA THR A 14 9.75 -2.50 -4.68
C THR A 14 8.65 -2.43 -5.72
N ALA A 15 9.00 -2.71 -6.99
CA ALA A 15 8.08 -2.63 -8.11
C ALA A 15 7.08 -3.76 -8.08
N GLU A 16 7.50 -4.92 -7.51
CA GLU A 16 6.72 -6.12 -7.40
C GLU A 16 5.67 -5.99 -6.34
N GLN A 17 5.95 -5.17 -5.30
CA GLN A 17 5.08 -4.98 -4.18
C GLN A 17 3.99 -4.02 -4.55
N LEU A 18 4.37 -2.85 -5.15
CA LEU A 18 3.50 -1.79 -5.62
C LEU A 18 2.45 -2.27 -6.58
N GLN A 19 2.83 -3.20 -7.50
CA GLN A 19 2.02 -3.79 -8.52
C GLN A 19 0.77 -4.42 -7.96
N ARG A 20 0.96 -5.24 -6.91
CA ARG A 20 -0.08 -5.98 -6.23
C ARG A 20 -1.06 -5.07 -5.56
N LEU A 21 -0.58 -3.99 -4.88
CA LEU A 21 -1.38 -3.09 -4.09
C LEU A 21 -2.34 -2.27 -4.90
N LYS A 22 -1.99 -2.00 -6.18
CA LYS A 22 -2.77 -1.19 -7.09
C LYS A 22 -3.96 -1.95 -7.57
N ALA A 23 -3.83 -3.30 -7.65
CA ALA A 23 -4.89 -4.21 -8.02
C ALA A 23 -5.79 -4.45 -6.83
N GLU A 24 -5.24 -4.34 -5.61
CA GLU A 24 -5.92 -4.61 -4.37
C GLU A 24 -6.62 -3.39 -3.85
N PHE A 25 -6.31 -2.17 -4.37
CA PHE A 25 -7.02 -0.96 -4.02
C PHE A 25 -8.30 -0.93 -4.82
N GLN A 26 -8.22 -1.41 -6.08
CA GLN A 26 -9.30 -1.48 -7.03
C GLN A 26 -10.37 -2.41 -6.56
N THR A 27 -9.97 -3.60 -6.05
CA THR A 27 -10.85 -4.63 -5.56
C THR A 27 -11.37 -4.22 -4.21
N ASN A 28 -10.47 -4.24 -3.21
CA ASN A 28 -10.77 -3.95 -1.85
C ASN A 28 -10.48 -2.51 -1.58
N ARG A 29 -11.56 -1.70 -1.62
CA ARG A 29 -11.55 -0.31 -1.26
C ARG A 29 -11.68 -0.23 0.23
N TYR A 30 -12.52 -1.15 0.79
CA TYR A 30 -12.72 -1.39 2.18
C TYR A 30 -11.65 -2.35 2.63
N LEU A 31 -10.40 -1.87 2.58
CA LEU A 31 -9.19 -2.55 2.95
C LEU A 31 -9.14 -2.48 4.47
N THR A 32 -9.09 -3.66 5.13
CA THR A 32 -9.20 -3.78 6.56
C THR A 32 -7.81 -3.81 7.13
N GLU A 33 -7.68 -3.66 8.46
CA GLU A 33 -6.43 -3.73 9.16
C GLU A 33 -5.94 -5.16 9.27
N GLN A 34 -6.85 -6.15 9.07
CA GLN A 34 -6.60 -7.56 9.24
C GLN A 34 -6.04 -8.11 7.95
N ARG A 35 -6.53 -7.57 6.81
CA ARG A 35 -6.09 -7.91 5.49
C ARG A 35 -4.82 -7.20 5.18
N ARG A 36 -4.72 -5.92 5.65
CA ARG A 36 -3.55 -5.08 5.46
C ARG A 36 -2.33 -5.65 6.10
N GLN A 37 -2.51 -6.35 7.25
CA GLN A 37 -1.42 -6.98 7.97
C GLN A 37 -1.19 -8.37 7.43
N SER A 38 -2.06 -8.83 6.49
CA SER A 38 -1.81 -10.06 5.76
C SER A 38 -1.05 -9.72 4.51
N LEU A 39 -1.12 -8.45 4.05
CA LEU A 39 -0.30 -7.95 2.97
C LEU A 39 1.06 -7.68 3.54
N ALA A 40 1.12 -7.41 4.87
CA ALA A 40 2.34 -7.23 5.60
C ALA A 40 3.04 -8.55 5.81
N GLN A 41 2.27 -9.66 5.85
CA GLN A 41 2.83 -10.98 6.05
C GLN A 41 3.52 -11.43 4.78
N GLU A 42 2.92 -11.11 3.61
CA GLU A 42 3.25 -11.73 2.36
C GLU A 42 4.30 -11.00 1.59
N LEU A 43 4.15 -9.66 1.48
CA LEU A 43 5.13 -8.80 0.86
C LEU A 43 6.33 -8.73 1.77
N GLY A 44 6.06 -8.88 3.09
CA GLY A 44 7.06 -8.97 4.11
C GLY A 44 7.35 -7.59 4.61
N LEU A 45 6.28 -6.77 4.71
CA LEU A 45 6.35 -5.40 5.16
C LEU A 45 5.82 -5.36 6.56
N ASN A 46 5.49 -4.15 7.05
CA ASN A 46 4.80 -3.93 8.30
C ASN A 46 3.42 -3.49 7.91
N GLU A 47 2.58 -3.18 8.92
CA GLU A 47 1.25 -2.64 8.71
C GLU A 47 1.35 -1.22 8.28
N SER A 48 2.33 -0.52 8.91
CA SER A 48 2.54 0.90 8.87
C SER A 48 3.02 1.39 7.53
N GLN A 49 3.73 0.54 6.76
CA GLN A 49 4.25 0.87 5.45
C GLN A 49 3.13 1.02 4.47
N ILE A 50 2.19 0.04 4.51
CA ILE A 50 1.11 -0.12 3.57
C ILE A 50 -0.04 0.78 3.98
N LYS A 51 -0.05 1.23 5.26
CA LYS A 51 -1.03 2.13 5.82
C LYS A 51 -0.95 3.47 5.16
N ILE A 52 0.29 3.97 5.05
CA ILE A 52 0.71 5.19 4.42
C ILE A 52 0.37 5.17 2.96
N TRP A 53 0.63 4.02 2.30
CA TRP A 53 0.36 3.81 0.89
C TRP A 53 -1.11 3.90 0.58
N PHE A 54 -1.99 3.30 1.42
CA PHE A 54 -3.41 3.33 1.21
C PHE A 54 -3.98 4.67 1.56
N GLN A 55 -3.32 5.44 2.47
CA GLN A 55 -3.73 6.78 2.85
C GLN A 55 -3.51 7.75 1.71
N ASN A 56 -2.54 7.48 0.82
CA ASN A 56 -2.28 8.25 -0.36
C ASN A 56 -3.36 8.02 -1.37
N LYS A 57 -3.72 6.73 -1.61
CA LYS A 57 -4.69 6.34 -2.61
C LYS A 57 -6.11 6.72 -2.26
N ARG A 58 -6.42 6.76 -0.94
CA ARG A 58 -7.73 7.12 -0.43
C ARG A 58 -7.89 8.61 -0.43
N ALA A 59 -6.76 9.35 -0.33
CA ALA A 59 -6.74 10.80 -0.29
C ALA A 59 -6.72 11.38 -1.68
N LYS A 60 -6.60 10.53 -2.75
CA LYS A 60 -6.85 10.92 -4.12
C LYS A 60 -8.29 11.31 -4.23
N ILE A 61 -9.18 10.37 -3.86
CA ILE A 61 -10.62 10.51 -3.90
C ILE A 61 -10.98 11.41 -2.75
N LYS A 62 -12.03 12.23 -2.95
CA LYS A 62 -12.49 13.21 -1.98
C LYS A 62 -13.16 12.52 -0.83
N LYS A 63 -13.99 11.49 -1.13
CA LYS A 63 -14.57 10.62 -0.14
C LYS A 63 -13.59 9.51 0.15
N ALA A 64 -13.80 8.81 1.29
CA ALA A 64 -13.02 7.65 1.64
C ALA A 64 -13.83 6.94 2.68
N THR A 65 -14.81 6.13 2.23
CA THR A 65 -15.70 5.40 3.11
C THR A 65 -15.06 4.06 3.35
N GLN A 66 -14.69 3.79 4.61
CA GLN A 66 -14.01 2.59 5.03
C GLN A 66 -14.92 1.92 6.03
N ALA A 67 -14.47 0.75 6.55
CA ALA A 67 -15.22 -0.04 7.49
C ALA A 67 -14.97 0.51 8.90
N GLY A 1 2.76 8.42 -5.79
CA GLY A 1 3.29 8.34 -7.17
C GLY A 1 2.17 8.60 -8.16
N PRO A 2 1.85 9.85 -8.51
CA PRO A 2 0.78 10.15 -9.47
C PRO A 2 1.27 9.94 -10.88
N MET A 3 2.59 9.76 -11.07
CA MET A 3 3.22 9.52 -12.34
C MET A 3 3.74 8.11 -12.28
N ALA A 4 4.60 7.73 -13.25
CA ALA A 4 5.24 6.44 -13.28
C ALA A 4 6.49 6.53 -12.45
N SER A 5 6.36 6.14 -11.16
CA SER A 5 7.44 6.19 -10.21
C SER A 5 7.15 5.11 -9.20
N ASP A 6 8.22 4.61 -8.55
CA ASP A 6 8.13 3.56 -7.57
C ASP A 6 8.96 3.98 -6.40
N LYS A 7 8.76 3.32 -5.24
CA LYS A 7 9.58 3.45 -4.08
C LYS A 7 10.55 2.30 -4.14
N ARG A 8 11.72 2.47 -3.49
CA ARG A 8 12.80 1.51 -3.52
C ARG A 8 13.01 1.05 -2.10
N PRO A 9 13.46 -0.19 -1.87
CA PRO A 9 13.28 -0.87 -0.59
C PRO A 9 14.29 -0.39 0.43
N ARG A 10 13.79 0.36 1.44
CA ARG A 10 14.55 0.74 2.61
C ARG A 10 13.72 0.16 3.71
N THR A 11 12.57 0.82 3.97
CA THR A 11 11.48 0.31 4.78
C THR A 11 10.36 -0.01 3.82
N ALA A 12 10.44 0.57 2.59
CA ALA A 12 9.32 0.76 1.72
C ALA A 12 9.22 -0.38 0.73
N PHE A 13 8.74 -0.05 -0.48
CA PHE A 13 8.22 -0.98 -1.45
C PHE A 13 9.24 -1.23 -2.51
N THR A 14 8.91 -2.12 -3.47
CA THR A 14 9.59 -2.24 -4.75
C THR A 14 8.51 -1.93 -5.76
N ALA A 15 8.79 -2.16 -7.06
CA ALA A 15 7.83 -1.98 -8.12
C ALA A 15 6.81 -3.09 -8.10
N GLU A 16 7.24 -4.30 -7.70
CA GLU A 16 6.46 -5.51 -7.68
C GLU A 16 5.51 -5.55 -6.51
N GLN A 17 5.84 -4.81 -5.42
CA GLN A 17 5.03 -4.75 -4.24
C GLN A 17 3.88 -3.80 -4.46
N LEU A 18 4.14 -2.65 -5.12
CA LEU A 18 3.17 -1.62 -5.41
C LEU A 18 2.07 -2.09 -6.33
N GLN A 19 2.41 -2.84 -7.41
CA GLN A 19 1.46 -3.24 -8.44
C GLN A 19 0.49 -4.26 -7.95
N ARG A 20 0.93 -5.08 -6.98
CA ARG A 20 0.14 -6.10 -6.32
C ARG A 20 -0.87 -5.46 -5.39
N LEU A 21 -0.52 -4.30 -4.79
CA LEU A 21 -1.42 -3.53 -3.96
C LEU A 21 -2.44 -2.81 -4.78
N LYS A 22 -2.18 -2.54 -6.08
CA LYS A 22 -3.13 -1.90 -6.97
C LYS A 22 -4.15 -2.92 -7.42
N ALA A 23 -3.78 -4.22 -7.39
CA ALA A 23 -4.65 -5.32 -7.73
C ALA A 23 -5.56 -5.63 -6.57
N GLU A 24 -5.15 -5.24 -5.34
CA GLU A 24 -5.95 -5.31 -4.15
C GLU A 24 -6.84 -4.09 -4.09
N PHE A 25 -6.33 -2.90 -4.50
CA PHE A 25 -6.95 -1.60 -4.30
C PHE A 25 -8.20 -1.43 -5.11
N GLN A 26 -8.26 -2.07 -6.30
CA GLN A 26 -9.33 -1.90 -7.26
C GLN A 26 -10.68 -2.35 -6.76
N THR A 27 -10.73 -3.48 -6.03
CA THR A 27 -11.95 -4.03 -5.50
C THR A 27 -12.10 -3.46 -4.12
N ASN A 28 -10.99 -3.53 -3.36
CA ASN A 28 -10.98 -3.38 -1.94
C ASN A 28 -10.13 -2.20 -1.59
N ARG A 29 -10.78 -1.12 -1.09
CA ARG A 29 -10.11 -0.02 -0.46
C ARG A 29 -9.87 -0.43 0.95
N TYR A 30 -10.98 -0.44 1.75
CA TYR A 30 -10.95 -0.54 3.17
C TYR A 30 -10.75 -1.96 3.56
N LEU A 31 -9.47 -2.26 3.89
CA LEU A 31 -9.01 -3.55 4.34
C LEU A 31 -9.46 -3.77 5.75
N THR A 32 -9.28 -5.03 6.21
CA THR A 32 -9.48 -5.43 7.57
C THR A 32 -8.13 -5.35 8.22
N GLU A 33 -8.05 -5.65 9.53
CA GLU A 33 -6.80 -5.74 10.25
C GLU A 33 -6.11 -7.01 9.81
N GLN A 34 -6.91 -8.03 9.43
CA GLN A 34 -6.47 -9.37 9.17
C GLN A 34 -5.92 -9.50 7.77
N ARG A 35 -6.58 -8.85 6.79
CA ARG A 35 -6.16 -8.81 5.41
C ARG A 35 -4.90 -8.01 5.30
N ARG A 36 -4.90 -6.82 5.94
CA ARG A 36 -3.86 -5.83 5.85
C ARG A 36 -2.56 -6.32 6.41
N GLN A 37 -2.64 -7.06 7.54
CA GLN A 37 -1.48 -7.65 8.19
C GLN A 37 -1.03 -8.91 7.50
N SER A 38 -1.82 -9.43 6.53
CA SER A 38 -1.43 -10.58 5.74
C SER A 38 -0.75 -10.10 4.50
N LEU A 39 -0.94 -8.81 4.14
CA LEU A 39 -0.20 -8.16 3.08
C LEU A 39 1.14 -7.77 3.66
N ALA A 40 1.18 -7.63 5.02
CA ALA A 40 2.38 -7.39 5.77
C ALA A 40 3.23 -8.64 5.85
N GLN A 41 2.60 -9.84 5.75
CA GLN A 41 3.34 -11.08 5.70
C GLN A 41 3.83 -11.33 4.30
N GLU A 42 3.09 -10.82 3.29
CA GLU A 42 3.21 -11.22 1.91
C GLU A 42 4.35 -10.55 1.23
N LEU A 43 4.19 -9.23 1.01
CA LEU A 43 5.08 -8.36 0.32
C LEU A 43 6.24 -8.08 1.22
N GLY A 44 5.96 -8.19 2.53
CA GLY A 44 6.94 -8.14 3.58
C GLY A 44 6.93 -6.75 4.13
N LEU A 45 5.71 -6.21 4.32
CA LEU A 45 5.51 -4.86 4.79
C LEU A 45 5.20 -4.92 6.26
N ASN A 46 4.66 -3.79 6.81
CA ASN A 46 4.01 -3.75 8.09
C ASN A 46 2.59 -3.39 7.74
N GLU A 47 1.74 -3.15 8.76
CA GLU A 47 0.42 -2.62 8.57
C GLU A 47 0.53 -1.16 8.26
N SER A 48 1.45 -0.51 9.01
CA SER A 48 1.71 0.91 9.04
C SER A 48 2.23 1.46 7.74
N GLN A 49 2.96 0.62 6.96
CA GLN A 49 3.52 1.00 5.68
C GLN A 49 2.44 1.20 4.65
N ILE A 50 1.37 0.37 4.73
CA ILE A 50 0.29 0.37 3.76
C ILE A 50 -0.69 1.45 4.12
N LYS A 51 -0.75 1.90 5.39
CA LYS A 51 -1.63 2.95 5.84
C LYS A 51 -1.19 4.29 5.30
N ILE A 52 0.14 4.48 5.13
CA ILE A 52 0.77 5.61 4.50
C ILE A 52 0.45 5.60 3.03
N TRP A 53 0.52 4.40 2.41
CA TRP A 53 0.21 4.14 1.03
C TRP A 53 -1.25 4.43 0.72
N PHE A 54 -2.17 4.24 1.70
CA PHE A 54 -3.58 4.50 1.54
C PHE A 54 -3.86 5.96 1.67
N GLN A 55 -3.04 6.73 2.43
CA GLN A 55 -3.18 8.16 2.56
C GLN A 55 -2.75 8.85 1.30
N ASN A 56 -1.84 8.21 0.53
CA ASN A 56 -1.34 8.68 -0.73
C ASN A 56 -2.38 8.47 -1.81
N LYS A 57 -2.81 7.19 -2.00
CA LYS A 57 -3.67 6.76 -3.08
C LYS A 57 -5.07 7.32 -2.99
N ARG A 58 -5.65 7.39 -1.77
CA ARG A 58 -7.00 7.85 -1.57
C ARG A 58 -7.11 9.34 -1.66
N ALA A 59 -5.98 10.07 -1.49
CA ALA A 59 -5.91 11.51 -1.62
C ALA A 59 -5.87 11.96 -3.05
N LYS A 60 -5.50 11.05 -4.00
CA LYS A 60 -5.51 11.34 -5.41
C LYS A 60 -6.92 11.27 -5.93
N ILE A 61 -7.74 10.36 -5.34
CA ILE A 61 -9.13 10.18 -5.67
C ILE A 61 -9.86 11.16 -4.78
N LYS A 62 -11.04 11.64 -5.22
CA LYS A 62 -11.90 12.51 -4.45
C LYS A 62 -12.90 11.64 -3.78
N LYS A 63 -12.48 11.05 -2.62
CA LYS A 63 -13.28 10.17 -1.81
C LYS A 63 -13.78 10.97 -0.64
N ALA A 64 -12.97 11.01 0.44
CA ALA A 64 -13.29 11.68 1.67
C ALA A 64 -12.00 12.26 2.18
N THR A 65 -10.86 11.66 1.76
CA THR A 65 -9.52 12.03 2.14
C THR A 65 -9.20 13.36 1.52
N GLN A 66 -9.47 13.50 0.20
CA GLN A 66 -9.28 14.74 -0.52
C GLN A 66 -10.54 15.56 -0.34
N ALA A 67 -11.63 15.19 -1.05
CA ALA A 67 -12.88 15.90 -0.98
C ALA A 67 -13.99 14.85 -0.99
N GLY A 1 5.64 -11.48 14.30
CA GLY A 1 5.05 -10.16 13.98
C GLY A 1 4.64 -10.08 12.54
N PRO A 2 4.16 -8.92 12.09
CA PRO A 2 3.75 -8.69 10.72
C PRO A 2 4.96 -8.51 9.83
N MET A 3 6.16 -8.30 10.44
CA MET A 3 7.38 -7.96 9.77
C MET A 3 8.09 -9.20 9.32
N ALA A 4 9.13 -9.01 8.47
CA ALA A 4 9.93 -10.06 7.91
C ALA A 4 11.18 -10.16 8.76
N SER A 5 12.27 -9.50 8.33
CA SER A 5 13.54 -9.49 9.02
C SER A 5 13.88 -8.03 9.21
N ASP A 6 15.19 -7.70 9.14
CA ASP A 6 15.69 -6.34 9.20
C ASP A 6 15.63 -5.81 7.79
N LYS A 7 15.04 -4.61 7.63
CA LYS A 7 14.64 -4.09 6.35
C LYS A 7 15.44 -2.85 6.04
N ARG A 8 15.01 -2.15 4.97
CA ARG A 8 15.54 -0.89 4.52
C ARG A 8 14.86 0.22 5.30
N PRO A 9 15.39 1.43 5.41
CA PRO A 9 14.69 2.54 6.05
C PRO A 9 13.66 3.10 5.11
N ARG A 10 12.61 3.75 5.67
CA ARG A 10 11.54 4.42 4.97
C ARG A 10 10.59 3.46 4.30
N THR A 11 9.60 4.02 3.58
CA THR A 11 8.58 3.30 2.86
C THR A 11 9.02 3.32 1.42
N ALA A 12 10.00 2.44 1.10
CA ALA A 12 10.53 2.29 -0.23
C ALA A 12 10.11 0.94 -0.73
N PHE A 13 9.04 0.89 -1.56
CA PHE A 13 8.52 -0.34 -2.10
C PHE A 13 9.19 -0.59 -3.42
N THR A 14 9.03 -1.84 -3.91
CA THR A 14 9.54 -2.26 -5.20
C THR A 14 8.36 -2.29 -6.13
N ALA A 15 8.59 -2.68 -7.40
CA ALA A 15 7.58 -2.74 -8.43
C ALA A 15 6.62 -3.87 -8.18
N GLU A 16 7.13 -4.97 -7.56
CA GLU A 16 6.40 -6.17 -7.27
C GLU A 16 5.47 -5.98 -6.10
N GLN A 17 5.84 -5.08 -5.17
CA GLN A 17 5.10 -4.83 -3.96
C GLN A 17 3.95 -3.92 -4.28
N LEU A 18 4.22 -2.80 -5.00
CA LEU A 18 3.26 -1.84 -5.50
C LEU A 18 2.15 -2.49 -6.29
N GLN A 19 2.50 -3.45 -7.19
CA GLN A 19 1.61 -4.18 -8.07
C GLN A 19 0.48 -4.84 -7.34
N ARG A 20 0.83 -5.57 -6.26
CA ARG A 20 -0.06 -6.34 -5.42
C ARG A 20 -1.06 -5.46 -4.72
N LEU A 21 -0.61 -4.28 -4.24
CA LEU A 21 -1.42 -3.34 -3.50
C LEU A 21 -2.40 -2.61 -4.39
N LYS A 22 -2.04 -2.43 -5.68
CA LYS A 22 -2.82 -1.72 -6.66
C LYS A 22 -3.88 -2.64 -7.23
N ALA A 23 -3.67 -3.98 -7.12
CA ALA A 23 -4.64 -4.96 -7.52
C ALA A 23 -5.66 -5.12 -6.43
N GLU A 24 -5.20 -4.98 -5.16
CA GLU A 24 -5.99 -5.18 -3.97
C GLU A 24 -6.95 -4.04 -3.78
N PHE A 25 -6.42 -2.79 -3.74
CA PHE A 25 -7.15 -1.61 -3.35
C PHE A 25 -8.13 -1.17 -4.43
N GLN A 26 -7.86 -1.53 -5.71
CA GLN A 26 -8.66 -1.14 -6.85
C GLN A 26 -9.99 -1.86 -6.83
N THR A 27 -9.94 -3.19 -6.64
CA THR A 27 -11.09 -4.06 -6.67
C THR A 27 -11.90 -3.84 -5.43
N ASN A 28 -11.33 -4.27 -4.30
CA ASN A 28 -11.91 -4.18 -2.99
C ASN A 28 -11.24 -3.01 -2.34
N ARG A 29 -12.01 -1.93 -2.09
CA ARG A 29 -11.48 -0.73 -1.48
C ARG A 29 -11.26 -0.96 -0.03
N TYR A 30 -12.29 -1.51 0.65
CA TYR A 30 -12.41 -1.57 2.09
C TYR A 30 -11.40 -2.51 2.66
N LEU A 31 -10.30 -1.88 3.13
CA LEU A 31 -9.09 -2.50 3.57
C LEU A 31 -9.22 -2.63 5.08
N THR A 32 -9.05 -3.87 5.59
CA THR A 32 -9.24 -4.17 6.99
C THR A 32 -7.90 -4.25 7.63
N GLU A 33 -7.87 -4.49 8.96
CA GLU A 33 -6.68 -4.75 9.72
C GLU A 33 -6.17 -6.13 9.39
N GLN A 34 -7.11 -7.04 9.08
CA GLN A 34 -6.89 -8.44 8.86
C GLN A 34 -6.28 -8.68 7.51
N ARG A 35 -6.74 -7.90 6.50
CA ARG A 35 -6.22 -7.91 5.16
C ARG A 35 -4.90 -7.25 5.13
N ARG A 36 -4.77 -6.10 5.84
CA ARG A 36 -3.56 -5.27 5.84
C ARG A 36 -2.34 -5.99 6.33
N GLN A 37 -2.52 -6.91 7.30
CA GLN A 37 -1.42 -7.64 7.90
C GLN A 37 -1.12 -8.89 7.12
N SER A 38 -1.95 -9.20 6.09
CA SER A 38 -1.70 -10.30 5.19
C SER A 38 -0.88 -9.78 4.05
N LEU A 39 -0.97 -8.46 3.78
CA LEU A 39 -0.13 -7.79 2.80
C LEU A 39 1.21 -7.61 3.44
N ALA A 40 1.21 -7.46 4.79
CA ALA A 40 2.41 -7.28 5.57
C ALA A 40 3.19 -8.56 5.66
N GLN A 41 2.47 -9.70 5.66
CA GLN A 41 3.05 -11.00 5.82
C GLN A 41 3.78 -11.39 4.55
N GLU A 42 3.18 -11.07 3.39
CA GLU A 42 3.55 -11.69 2.13
C GLU A 42 4.58 -10.92 1.40
N LEU A 43 4.39 -9.59 1.31
CA LEU A 43 5.34 -8.68 0.71
C LEU A 43 6.52 -8.56 1.62
N GLY A 44 6.25 -8.70 2.93
CA GLY A 44 7.25 -8.67 3.97
C GLY A 44 7.39 -7.25 4.41
N LEU A 45 6.24 -6.55 4.50
CA LEU A 45 6.16 -5.18 4.93
C LEU A 45 5.59 -5.18 6.33
N ASN A 46 5.21 -3.98 6.83
CA ASN A 46 4.48 -3.84 8.06
C ASN A 46 3.10 -3.44 7.64
N GLU A 47 2.20 -3.22 8.62
CA GLU A 47 0.91 -2.60 8.41
C GLU A 47 1.09 -1.12 8.23
N SER A 48 2.09 -0.61 8.98
CA SER A 48 2.38 0.79 9.19
C SER A 48 2.91 1.49 7.96
N GLN A 49 3.62 0.76 7.07
CA GLN A 49 4.22 1.32 5.89
C GLN A 49 3.21 1.42 4.79
N ILE A 50 2.24 0.47 4.77
CA ILE A 50 1.18 0.42 3.79
C ILE A 50 0.06 1.34 4.24
N LYS A 51 0.06 1.77 5.52
CA LYS A 51 -0.89 2.71 6.10
C LYS A 51 -0.76 4.02 5.38
N ILE A 52 0.50 4.48 5.22
CA ILE A 52 0.94 5.65 4.52
C ILE A 52 0.54 5.57 3.08
N TRP A 53 0.77 4.39 2.46
CA TRP A 53 0.43 4.12 1.08
C TRP A 53 -1.06 4.23 0.80
N PHE A 54 -1.93 3.76 1.72
CA PHE A 54 -3.36 3.77 1.55
C PHE A 54 -3.92 5.16 1.73
N GLN A 55 -3.30 5.99 2.59
CA GLN A 55 -3.72 7.35 2.83
C GLN A 55 -3.41 8.23 1.66
N ASN A 56 -2.38 7.86 0.85
CA ASN A 56 -2.01 8.53 -0.37
C ASN A 56 -3.06 8.27 -1.44
N LYS A 57 -3.52 7.00 -1.56
CA LYS A 57 -4.53 6.58 -2.51
C LYS A 57 -5.89 7.15 -2.23
N ARG A 58 -6.17 7.41 -0.94
CA ARG A 58 -7.43 7.95 -0.46
C ARG A 58 -7.45 9.44 -0.59
N ALA A 59 -6.27 10.07 -0.76
CA ALA A 59 -6.12 11.50 -0.92
C ALA A 59 -6.21 11.92 -2.36
N LYS A 60 -6.28 10.94 -3.31
CA LYS A 60 -6.30 11.20 -4.73
C LYS A 60 -7.61 11.82 -5.14
N ILE A 61 -8.74 11.26 -4.62
CA ILE A 61 -10.08 11.67 -4.91
C ILE A 61 -10.42 13.00 -4.29
N LYS A 62 -9.72 13.39 -3.20
CA LYS A 62 -10.05 14.56 -2.41
C LYS A 62 -9.75 15.82 -3.16
N LYS A 63 -10.81 16.42 -3.75
CA LYS A 63 -10.74 17.68 -4.45
C LYS A 63 -11.22 18.75 -3.52
N ALA A 64 -11.40 19.98 -4.05
CA ALA A 64 -11.96 21.10 -3.32
C ALA A 64 -13.46 20.93 -3.35
N THR A 65 -14.04 20.95 -4.57
CA THR A 65 -15.41 20.57 -4.80
C THR A 65 -15.34 19.12 -5.18
N GLN A 66 -15.53 18.24 -4.17
CA GLN A 66 -15.39 16.80 -4.31
C GLN A 66 -16.76 16.24 -4.53
N ALA A 67 -16.88 15.28 -5.46
CA ALA A 67 -18.11 14.60 -5.76
C ALA A 67 -18.30 13.46 -4.75
N GLY A 1 5.95 -10.63 -14.22
CA GLY A 1 4.86 -10.47 -15.21
C GLY A 1 5.31 -10.83 -16.59
N PRO A 2 4.52 -10.51 -17.62
CA PRO A 2 4.86 -10.76 -19.01
C PRO A 2 5.84 -9.72 -19.51
N MET A 3 6.12 -8.69 -18.69
CA MET A 3 7.06 -7.63 -18.96
C MET A 3 8.34 -7.99 -18.26
N ALA A 4 9.36 -7.10 -18.37
CA ALA A 4 10.60 -7.23 -17.66
C ALA A 4 10.39 -6.67 -16.28
N SER A 5 10.71 -7.46 -15.25
CA SER A 5 10.41 -7.13 -13.87
C SER A 5 11.49 -6.21 -13.36
N ASP A 6 11.06 -5.04 -12.83
CA ASP A 6 11.93 -4.04 -12.28
C ASP A 6 11.94 -4.24 -10.79
N LYS A 7 13.07 -3.88 -10.16
CA LYS A 7 13.21 -3.84 -8.72
C LYS A 7 13.87 -2.53 -8.46
N ARG A 8 13.39 -1.79 -7.44
CA ARG A 8 13.87 -0.47 -7.13
C ARG A 8 14.95 -0.60 -6.08
N PRO A 9 16.08 0.11 -6.16
CA PRO A 9 16.99 0.31 -5.04
C PRO A 9 16.41 1.39 -4.15
N ARG A 10 15.40 1.05 -3.31
CA ARG A 10 14.67 1.99 -2.51
C ARG A 10 14.90 1.62 -1.07
N THR A 11 14.28 2.42 -0.17
CA THR A 11 14.10 2.13 1.23
C THR A 11 12.98 1.12 1.32
N ALA A 12 11.89 1.43 0.60
CA ALA A 12 10.60 0.84 0.79
C ALA A 12 10.40 -0.17 -0.30
N PHE A 13 9.27 0.00 -1.00
CA PHE A 13 8.71 -0.87 -1.99
C PHE A 13 9.57 -0.97 -3.22
N THR A 14 9.31 -2.02 -4.01
CA THR A 14 9.85 -2.21 -5.33
C THR A 14 8.68 -2.08 -6.26
N ALA A 15 8.90 -2.29 -7.58
CA ALA A 15 7.86 -2.22 -8.58
C ALA A 15 6.94 -3.42 -8.49
N GLU A 16 7.47 -4.55 -7.97
CA GLU A 16 6.78 -5.80 -7.78
C GLU A 16 5.80 -5.73 -6.64
N GLN A 17 6.08 -4.84 -5.67
CA GLN A 17 5.32 -4.73 -4.45
C GLN A 17 4.18 -3.77 -4.68
N LEU A 18 4.45 -2.61 -5.31
CA LEU A 18 3.51 -1.55 -5.60
C LEU A 18 2.37 -2.00 -6.49
N GLN A 19 2.67 -2.83 -7.53
CA GLN A 19 1.70 -3.28 -8.51
C GLN A 19 0.69 -4.21 -7.91
N ARG A 20 1.12 -4.94 -6.86
CA ARG A 20 0.33 -5.88 -6.12
C ARG A 20 -0.67 -5.18 -5.23
N LEU A 21 -0.28 -4.00 -4.68
CA LEU A 21 -1.13 -3.19 -3.82
C LEU A 21 -2.18 -2.47 -4.60
N LYS A 22 -1.94 -2.26 -5.92
CA LYS A 22 -2.86 -1.61 -6.82
C LYS A 22 -3.90 -2.59 -7.30
N ALA A 23 -3.56 -3.90 -7.23
CA ALA A 23 -4.49 -4.98 -7.51
C ALA A 23 -5.40 -5.20 -6.32
N GLU A 24 -4.89 -4.92 -5.08
CA GLU A 24 -5.65 -4.99 -3.86
C GLU A 24 -6.59 -3.80 -3.79
N PHE A 25 -6.13 -2.60 -4.23
CA PHE A 25 -6.87 -1.36 -4.20
C PHE A 25 -8.01 -1.39 -5.18
N GLN A 26 -7.85 -2.14 -6.29
CA GLN A 26 -8.83 -2.27 -7.34
C GLN A 26 -10.04 -3.03 -6.85
N THR A 27 -9.81 -4.16 -6.16
CA THR A 27 -10.84 -5.04 -5.68
C THR A 27 -11.47 -4.43 -4.46
N ASN A 28 -10.70 -4.39 -3.36
CA ASN A 28 -11.08 -3.89 -2.08
C ASN A 28 -10.54 -2.50 -2.00
N ARG A 29 -11.45 -1.50 -2.10
CA ARG A 29 -11.10 -0.12 -2.24
C ARG A 29 -10.64 0.43 -0.93
N TYR A 30 -11.53 0.36 0.09
CA TYR A 30 -11.29 0.81 1.41
C TYR A 30 -10.85 -0.41 2.19
N LEU A 31 -9.61 -0.84 1.85
CA LEU A 31 -8.86 -1.93 2.44
C LEU A 31 -8.62 -1.63 3.88
N THR A 32 -8.77 -2.67 4.73
CA THR A 32 -8.86 -2.56 6.15
C THR A 32 -7.49 -2.70 6.72
N GLU A 33 -7.36 -2.36 8.02
CA GLU A 33 -6.16 -2.49 8.80
C GLU A 33 -5.90 -3.93 9.12
N GLN A 34 -6.98 -4.74 9.04
CA GLN A 34 -6.98 -6.14 9.42
C GLN A 34 -6.49 -6.99 8.29
N ARG A 35 -6.95 -6.72 7.05
CA ARG A 35 -6.52 -7.41 5.86
C ARG A 35 -5.17 -6.90 5.43
N ARG A 36 -4.83 -5.66 5.83
CA ARG A 36 -3.49 -5.12 5.77
C ARG A 36 -2.44 -5.92 6.54
N GLN A 37 -2.87 -6.76 7.53
CA GLN A 37 -1.98 -7.61 8.28
C GLN A 37 -1.61 -8.84 7.51
N SER A 38 -2.39 -9.14 6.44
CA SER A 38 -2.14 -10.26 5.57
C SER A 38 -1.20 -9.80 4.50
N LEU A 39 -1.25 -8.48 4.18
CA LEU A 39 -0.35 -7.85 3.23
C LEU A 39 1.00 -7.67 3.88
N ALA A 40 1.04 -7.67 5.23
CA ALA A 40 2.25 -7.61 6.02
C ALA A 40 3.00 -8.92 5.94
N GLN A 41 2.27 -10.05 5.70
CA GLN A 41 2.90 -11.34 5.53
C GLN A 41 3.29 -11.54 4.10
N GLU A 42 2.63 -10.78 3.17
CA GLU A 42 2.66 -11.01 1.75
C GLU A 42 3.95 -10.56 1.13
N LEU A 43 4.15 -9.23 1.11
CA LEU A 43 5.30 -8.57 0.56
C LEU A 43 6.42 -8.73 1.55
N GLY A 44 6.03 -8.86 2.84
CA GLY A 44 6.92 -9.14 3.93
C GLY A 44 7.20 -7.85 4.61
N LEU A 45 6.16 -6.99 4.69
CA LEU A 45 6.27 -5.68 5.28
C LEU A 45 5.68 -5.72 6.66
N ASN A 46 5.27 -4.54 7.19
CA ASN A 46 4.56 -4.40 8.43
C ASN A 46 3.19 -3.97 8.02
N GLU A 47 2.36 -3.52 9.00
CA GLU A 47 1.12 -2.84 8.74
C GLU A 47 1.43 -1.44 8.29
N SER A 48 2.37 -0.82 9.03
CA SER A 48 2.75 0.58 9.03
C SER A 48 3.17 1.13 7.70
N GLN A 49 3.91 0.34 6.88
CA GLN A 49 4.47 0.76 5.62
C GLN A 49 3.37 0.94 4.61
N ILE A 50 2.42 -0.01 4.62
CA ILE A 50 1.34 -0.15 3.68
C ILE A 50 0.19 0.74 4.14
N LYS A 51 0.24 1.22 5.41
CA LYS A 51 -0.77 2.03 6.03
C LYS A 51 -0.73 3.39 5.40
N ILE A 52 0.50 3.90 5.19
CA ILE A 52 0.82 5.14 4.54
C ILE A 52 0.36 5.11 3.12
N TRP A 53 0.66 3.99 2.42
CA TRP A 53 0.33 3.76 1.03
C TRP A 53 -1.16 3.84 0.77
N PHE A 54 -1.98 3.20 1.62
CA PHE A 54 -3.42 3.15 1.45
C PHE A 54 -4.04 4.44 1.93
N GLN A 55 -3.42 5.19 2.85
CA GLN A 55 -3.92 6.47 3.31
C GLN A 55 -3.80 7.51 2.22
N ASN A 56 -2.85 7.33 1.27
CA ASN A 56 -2.70 8.16 0.12
C ASN A 56 -3.79 7.86 -0.87
N LYS A 57 -3.92 6.57 -1.28
CA LYS A 57 -4.82 6.11 -2.31
C LYS A 57 -6.27 6.30 -1.99
N ARG A 58 -6.71 5.97 -0.75
CA ARG A 58 -8.09 6.04 -0.32
C ARG A 58 -8.55 7.48 -0.16
N ALA A 59 -7.61 8.40 0.14
CA ALA A 59 -7.89 9.80 0.34
C ALA A 59 -8.11 10.50 -0.97
N LYS A 60 -7.38 10.08 -2.03
CA LYS A 60 -7.46 10.65 -3.36
C LYS A 60 -8.80 10.35 -3.98
N ILE A 61 -9.22 9.06 -4.01
CA ILE A 61 -10.44 8.65 -4.62
C ILE A 61 -11.63 9.08 -3.81
N LYS A 62 -12.73 9.40 -4.55
CA LYS A 62 -13.98 9.85 -4.01
C LYS A 62 -14.91 8.70 -4.27
N LYS A 63 -15.35 8.57 -5.54
CA LYS A 63 -16.21 7.51 -6.00
C LYS A 63 -15.43 6.77 -7.04
N ALA A 64 -15.46 7.28 -8.30
CA ALA A 64 -14.79 6.70 -9.43
C ALA A 64 -13.50 7.44 -9.64
N THR A 65 -13.60 8.79 -9.80
CA THR A 65 -12.49 9.65 -10.11
C THR A 65 -11.69 9.90 -8.86
N GLN A 66 -10.37 10.13 -9.03
CA GLN A 66 -9.45 10.37 -7.95
C GLN A 66 -8.65 11.60 -8.28
N ALA A 67 -7.86 12.07 -7.30
CA ALA A 67 -6.99 13.20 -7.43
C ALA A 67 -5.66 12.73 -8.03
N GLY A 1 22.99 7.32 -6.17
CA GLY A 1 21.51 7.33 -6.16
C GLY A 1 21.00 8.32 -7.16
N PRO A 2 20.95 9.62 -6.86
CA PRO A 2 20.53 10.64 -7.82
C PRO A 2 21.67 10.96 -8.77
N MET A 3 22.87 10.42 -8.52
CA MET A 3 24.06 10.62 -9.33
C MET A 3 24.48 9.31 -9.90
N ALA A 4 23.55 8.33 -9.91
CA ALA A 4 23.79 7.00 -10.41
C ALA A 4 22.44 6.51 -10.85
N SER A 5 22.21 5.18 -10.72
CA SER A 5 20.97 4.53 -11.08
C SER A 5 20.10 4.49 -9.84
N ASP A 6 18.90 3.88 -9.96
CA ASP A 6 17.99 3.70 -8.85
C ASP A 6 18.49 2.49 -8.08
N LYS A 7 18.34 2.55 -6.75
CA LYS A 7 18.90 1.59 -5.83
C LYS A 7 17.75 0.84 -5.21
N ARG A 8 18.07 0.03 -4.17
CA ARG A 8 17.11 -0.84 -3.52
C ARG A 8 16.53 -0.06 -2.36
N PRO A 9 15.27 -0.24 -1.98
CA PRO A 9 14.66 0.47 -0.87
C PRO A 9 15.09 -0.16 0.44
N ARG A 10 14.74 0.49 1.57
CA ARG A 10 15.00 0.00 2.89
C ARG A 10 13.75 -0.71 3.33
N THR A 11 12.75 0.08 3.80
CA THR A 11 11.48 -0.41 4.28
C THR A 11 10.49 -0.42 3.14
N ALA A 12 10.75 0.40 2.10
CA ALA A 12 9.77 0.81 1.13
C ALA A 12 9.60 -0.21 0.04
N PHE A 13 8.88 0.20 -1.02
CA PHE A 13 8.34 -0.65 -2.04
C PHE A 13 9.29 -0.69 -3.20
N THR A 14 9.10 -1.73 -4.05
CA THR A 14 9.70 -1.84 -5.36
C THR A 14 8.52 -1.82 -6.30
N ALA A 15 8.77 -2.07 -7.61
CA ALA A 15 7.73 -2.14 -8.63
C ALA A 15 6.91 -3.40 -8.47
N GLU A 16 7.53 -4.47 -7.91
CA GLU A 16 6.95 -5.77 -7.73
C GLU A 16 6.05 -5.80 -6.52
N GLN A 17 6.27 -4.87 -5.56
CA GLN A 17 5.49 -4.79 -4.35
C GLN A 17 4.24 -4.01 -4.64
N LEU A 18 4.41 -2.85 -5.31
CA LEU A 18 3.35 -1.99 -5.81
C LEU A 18 2.42 -2.70 -6.76
N GLN A 19 2.87 -3.76 -7.46
CA GLN A 19 2.11 -4.56 -8.40
C GLN A 19 0.89 -5.15 -7.74
N ARG A 20 1.10 -5.85 -6.61
CA ARG A 20 0.10 -6.48 -5.80
C ARG A 20 -0.88 -5.48 -5.25
N LEU A 21 -0.36 -4.37 -4.68
CA LEU A 21 -1.12 -3.41 -3.91
C LEU A 21 -2.08 -2.60 -4.75
N LYS A 22 -1.72 -2.31 -6.01
CA LYS A 22 -2.49 -1.49 -6.92
C LYS A 22 -3.54 -2.32 -7.60
N ALA A 23 -3.29 -3.64 -7.69
CA ALA A 23 -4.22 -4.60 -8.24
C ALA A 23 -5.36 -4.82 -7.28
N GLU A 24 -5.07 -4.78 -5.96
CA GLU A 24 -6.08 -4.97 -4.94
C GLU A 24 -6.68 -3.64 -4.54
N PHE A 25 -6.07 -2.49 -4.93
CA PHE A 25 -6.63 -1.18 -4.68
C PHE A 25 -7.83 -0.97 -5.56
N GLN A 26 -7.79 -1.56 -6.79
CA GLN A 26 -8.82 -1.46 -7.80
C GLN A 26 -10.14 -1.98 -7.30
N THR A 27 -10.10 -3.13 -6.57
CA THR A 27 -11.27 -3.75 -5.99
C THR A 27 -11.60 -3.04 -4.71
N ASN A 28 -10.74 -3.27 -3.69
CA ASN A 28 -10.96 -2.92 -2.32
C ASN A 28 -10.19 -1.69 -2.02
N ARG A 29 -10.88 -0.71 -1.38
CA ARG A 29 -10.29 0.44 -0.77
C ARG A 29 -10.12 0.10 0.68
N TYR A 30 -11.25 -0.17 1.35
CA TYR A 30 -11.35 -0.21 2.77
C TYR A 30 -10.83 -1.52 3.28
N LEU A 31 -9.57 -1.47 3.76
CA LEU A 31 -8.91 -2.57 4.42
C LEU A 31 -9.41 -2.61 5.85
N THR A 32 -9.20 -3.79 6.47
CA THR A 32 -9.35 -3.98 7.89
C THR A 32 -7.95 -3.98 8.43
N GLU A 33 -7.81 -4.07 9.77
CA GLU A 33 -6.53 -4.19 10.40
C GLU A 33 -5.98 -5.57 10.16
N GLN A 34 -6.89 -6.56 9.93
CA GLN A 34 -6.57 -7.96 9.83
C GLN A 34 -6.20 -8.32 8.41
N ARG A 35 -6.84 -7.68 7.41
CA ARG A 35 -6.52 -7.82 6.00
C ARG A 35 -5.17 -7.23 5.76
N ARG A 36 -4.96 -6.02 6.30
CA ARG A 36 -3.75 -5.24 6.22
C ARG A 36 -2.56 -5.96 6.80
N GLN A 37 -2.78 -6.73 7.89
CA GLN A 37 -1.81 -7.56 8.56
C GLN A 37 -1.34 -8.69 7.69
N SER A 38 -2.20 -9.12 6.75
CA SER A 38 -1.92 -10.25 5.89
C SER A 38 -1.09 -9.79 4.72
N LEU A 39 -1.33 -8.55 4.24
CA LEU A 39 -0.61 -7.94 3.14
C LEU A 39 0.81 -7.66 3.55
N ALA A 40 1.02 -7.49 4.88
CA ALA A 40 2.29 -7.26 5.50
C ALA A 40 3.12 -8.52 5.52
N GLN A 41 2.47 -9.70 5.55
CA GLN A 41 3.15 -10.97 5.52
C GLN A 41 3.65 -11.27 4.12
N GLU A 42 2.91 -10.78 3.08
CA GLU A 42 3.17 -11.17 1.71
C GLU A 42 4.46 -10.66 1.16
N LEU A 43 4.53 -9.34 0.93
CA LEU A 43 5.61 -8.65 0.28
C LEU A 43 6.75 -8.53 1.24
N GLY A 44 6.38 -8.49 2.54
CA GLY A 44 7.30 -8.49 3.64
C GLY A 44 7.38 -7.10 4.16
N LEU A 45 6.19 -6.45 4.23
CA LEU A 45 6.06 -5.09 4.70
C LEU A 45 5.63 -5.13 6.14
N ASN A 46 5.25 -3.96 6.68
CA ASN A 46 4.64 -3.82 7.98
C ASN A 46 3.20 -3.49 7.71
N GLU A 47 2.39 -3.36 8.78
CA GLU A 47 1.03 -2.89 8.69
C GLU A 47 1.03 -1.41 8.44
N SER A 48 2.02 -0.75 9.07
CA SER A 48 2.21 0.69 9.10
C SER A 48 2.53 1.24 7.74
N GLN A 49 3.28 0.46 6.91
CA GLN A 49 3.68 0.83 5.58
C GLN A 49 2.49 0.92 4.65
N ILE A 50 1.59 -0.08 4.74
CA ILE A 50 0.48 -0.27 3.83
C ILE A 50 -0.69 0.55 4.30
N LYS A 51 -0.69 1.01 5.57
CA LYS A 51 -1.71 1.87 6.15
C LYS A 51 -1.64 3.20 5.47
N ILE A 52 -0.41 3.77 5.47
CA ILE A 52 -0.02 5.02 4.90
C ILE A 52 -0.25 5.00 3.41
N TRP A 53 0.15 3.90 2.75
CA TRP A 53 0.07 3.70 1.32
C TRP A 53 -1.36 3.76 0.82
N PHE A 54 -2.31 3.09 1.53
CA PHE A 54 -3.71 3.06 1.13
C PHE A 54 -4.34 4.40 1.34
N GLN A 55 -3.94 5.15 2.39
CA GLN A 55 -4.46 6.46 2.70
C GLN A 55 -4.03 7.50 1.69
N ASN A 56 -2.89 7.26 0.99
CA ASN A 56 -2.38 8.10 -0.07
C ASN A 56 -3.22 7.93 -1.31
N LYS A 57 -3.55 6.66 -1.66
CA LYS A 57 -4.34 6.31 -2.82
C LYS A 57 -5.76 6.80 -2.72
N ARG A 58 -6.30 6.76 -1.48
CA ARG A 58 -7.65 7.15 -1.16
C ARG A 58 -7.79 8.64 -1.08
N ALA A 59 -6.66 9.37 -0.88
CA ALA A 59 -6.62 10.82 -0.83
C ALA A 59 -6.67 11.41 -2.22
N LYS A 60 -6.15 10.66 -3.23
CA LYS A 60 -6.14 11.06 -4.62
C LYS A 60 -7.53 11.05 -5.20
N ILE A 61 -8.38 10.11 -4.72
CA ILE A 61 -9.79 10.04 -5.06
C ILE A 61 -10.47 11.07 -4.19
N LYS A 62 -11.35 11.88 -4.82
CA LYS A 62 -12.00 13.00 -4.19
C LYS A 62 -13.22 12.53 -3.42
N LYS A 63 -13.97 11.54 -3.98
CA LYS A 63 -15.08 10.89 -3.34
C LYS A 63 -14.53 9.59 -2.78
N ALA A 64 -15.35 8.52 -2.80
CA ALA A 64 -14.95 7.19 -2.45
C ALA A 64 -14.77 6.45 -3.75
N THR A 65 -15.80 6.55 -4.63
CA THR A 65 -15.85 5.92 -5.93
C THR A 65 -15.23 6.91 -6.89
N GLN A 66 -14.88 6.45 -8.12
CA GLN A 66 -14.33 7.23 -9.20
C GLN A 66 -12.86 7.51 -8.93
N ALA A 67 -12.31 8.60 -9.52
CA ALA A 67 -10.93 8.95 -9.36
C ALA A 67 -10.83 10.47 -9.53
N GLY A 1 14.67 10.27 11.82
CA GLY A 1 14.45 9.17 12.80
C GLY A 1 15.47 8.09 12.68
N PRO A 2 15.36 7.03 13.47
CA PRO A 2 16.29 5.91 13.46
C PRO A 2 16.02 4.99 12.31
N MET A 3 14.93 5.22 11.53
CA MET A 3 14.57 4.40 10.41
C MET A 3 15.26 4.93 9.20
N ALA A 4 16.30 4.20 8.74
CA ALA A 4 17.03 4.50 7.55
C ALA A 4 17.29 3.16 6.94
N SER A 5 18.56 2.69 6.94
CA SER A 5 18.94 1.38 6.49
C SER A 5 18.74 0.45 7.65
N ASP A 6 17.67 -0.38 7.57
CA ASP A 6 17.29 -1.29 8.63
C ASP A 6 17.15 -2.62 7.93
N LYS A 7 16.31 -3.51 8.51
CA LYS A 7 15.86 -4.74 7.88
C LYS A 7 14.44 -4.53 7.43
N ARG A 8 14.02 -3.26 7.43
CA ARG A 8 12.74 -2.76 7.01
C ARG A 8 13.08 -1.81 5.88
N PRO A 9 12.39 -1.79 4.74
CA PRO A 9 12.71 -0.90 3.63
C PRO A 9 12.01 0.43 3.81
N ARG A 10 12.13 1.07 5.00
CA ARG A 10 11.58 2.37 5.32
C ARG A 10 10.07 2.37 5.23
N THR A 11 9.52 3.06 4.20
CA THR A 11 8.13 3.07 3.85
C THR A 11 8.08 2.61 2.42
N ALA A 12 9.13 2.95 1.64
CA ALA A 12 9.19 2.78 0.21
C ALA A 12 9.18 1.34 -0.21
N PHE A 13 8.48 1.08 -1.34
CA PHE A 13 8.23 -0.24 -1.87
C PHE A 13 9.06 -0.41 -3.11
N THR A 14 9.03 -1.64 -3.68
CA THR A 14 9.68 -1.98 -4.92
C THR A 14 8.60 -2.06 -5.96
N ALA A 15 8.97 -2.37 -7.22
CA ALA A 15 8.07 -2.43 -8.35
C ALA A 15 7.13 -3.61 -8.26
N GLU A 16 7.62 -4.72 -7.67
CA GLU A 16 6.92 -5.96 -7.52
C GLU A 16 5.87 -5.87 -6.45
N GLN A 17 6.12 -5.02 -5.43
CA GLN A 17 5.27 -4.82 -4.29
C GLN A 17 4.11 -3.95 -4.68
N LEU A 18 4.40 -2.76 -5.29
CA LEU A 18 3.46 -1.80 -5.80
C LEU A 18 2.44 -2.42 -6.72
N GLN A 19 2.90 -3.26 -7.68
CA GLN A 19 2.14 -3.96 -8.69
C GLN A 19 0.88 -4.60 -8.16
N ARG A 20 1.06 -5.51 -7.18
CA ARG A 20 0.02 -6.30 -6.55
C ARG A 20 -0.98 -5.43 -5.83
N LEU A 21 -0.49 -4.40 -5.07
CA LEU A 21 -1.30 -3.55 -4.23
C LEU A 21 -2.25 -2.69 -5.01
N LYS A 22 -1.88 -2.30 -6.25
CA LYS A 22 -2.65 -1.42 -7.10
C LYS A 22 -3.83 -2.17 -7.67
N ALA A 23 -3.67 -3.48 -7.90
CA ALA A 23 -4.70 -4.35 -8.43
C ALA A 23 -5.65 -4.76 -7.34
N GLU A 24 -5.14 -4.95 -6.11
CA GLU A 24 -5.86 -5.52 -5.00
C GLU A 24 -6.69 -4.47 -4.32
N PHE A 25 -6.17 -3.23 -4.21
CA PHE A 25 -6.82 -2.13 -3.54
C PHE A 25 -7.93 -1.56 -4.40
N GLN A 26 -7.89 -1.84 -5.73
CA GLN A 26 -8.89 -1.44 -6.68
C GLN A 26 -10.19 -2.14 -6.39
N THR A 27 -10.09 -3.46 -6.06
CA THR A 27 -11.21 -4.31 -5.72
C THR A 27 -11.63 -3.97 -4.31
N ASN A 28 -10.75 -4.28 -3.35
CA ASN A 28 -10.95 -4.14 -1.94
C ASN A 28 -10.54 -2.75 -1.54
N ARG A 29 -11.50 -1.82 -1.57
CA ARG A 29 -11.31 -0.43 -1.28
C ARG A 29 -11.33 -0.25 0.20
N TYR A 30 -12.36 -0.84 0.86
CA TYR A 30 -12.59 -0.81 2.28
C TYR A 30 -11.79 -1.94 2.87
N LEU A 31 -10.47 -1.72 2.84
CA LEU A 31 -9.42 -2.62 3.24
C LEU A 31 -9.23 -2.48 4.72
N THR A 32 -9.11 -3.64 5.40
CA THR A 32 -9.19 -3.76 6.84
C THR A 32 -7.81 -3.83 7.39
N GLU A 33 -7.68 -3.77 8.74
CA GLU A 33 -6.45 -3.96 9.46
C GLU A 33 -6.05 -5.42 9.48
N GLN A 34 -7.02 -6.33 9.23
CA GLN A 34 -6.86 -7.76 9.29
C GLN A 34 -6.29 -8.24 7.97
N ARG A 35 -6.73 -7.60 6.88
CA ARG A 35 -6.19 -7.81 5.55
C ARG A 35 -4.82 -7.21 5.49
N ARG A 36 -4.68 -5.96 5.99
CA ARG A 36 -3.47 -5.16 5.95
C ARG A 36 -2.28 -5.82 6.57
N GLN A 37 -2.51 -6.59 7.67
CA GLN A 37 -1.46 -7.25 8.42
C GLN A 37 -1.13 -8.58 7.81
N SER A 38 -1.91 -9.03 6.81
CA SER A 38 -1.66 -10.25 6.08
C SER A 38 -0.95 -9.90 4.81
N LEU A 39 -1.03 -8.60 4.40
CA LEU A 39 -0.24 -8.05 3.31
C LEU A 39 1.13 -7.77 3.86
N ALA A 40 1.22 -7.59 5.20
CA ALA A 40 2.45 -7.44 5.94
C ALA A 40 3.17 -8.77 6.02
N GLN A 41 2.42 -9.90 5.98
CA GLN A 41 3.01 -11.21 5.95
C GLN A 41 3.46 -11.56 4.56
N GLU A 42 2.80 -10.97 3.53
CA GLU A 42 2.86 -11.43 2.17
C GLU A 42 4.08 -10.97 1.44
N LEU A 43 4.17 -9.64 1.21
CA LEU A 43 5.27 -8.99 0.55
C LEU A 43 6.42 -8.95 1.51
N GLY A 44 6.07 -8.93 2.80
CA GLY A 44 7.00 -9.01 3.90
C GLY A 44 7.24 -7.63 4.40
N LEU A 45 6.14 -6.85 4.48
CA LEU A 45 6.17 -5.47 4.91
C LEU A 45 5.71 -5.43 6.34
N ASN A 46 5.31 -4.23 6.82
CA ASN A 46 4.66 -4.04 8.10
C ASN A 46 3.28 -3.59 7.73
N GLU A 47 2.44 -3.31 8.74
CA GLU A 47 1.11 -2.76 8.56
C GLU A 47 1.24 -1.32 8.19
N SER A 48 2.20 -0.67 8.88
CA SER A 48 2.40 0.75 8.96
C SER A 48 2.82 1.36 7.65
N GLN A 49 3.62 0.61 6.84
CA GLN A 49 4.14 1.07 5.59
C GLN A 49 3.05 1.19 4.55
N ILE A 50 2.11 0.22 4.56
CA ILE A 50 1.06 0.11 3.58
C ILE A 50 -0.11 0.96 4.00
N LYS A 51 -0.19 1.32 5.31
CA LYS A 51 -1.25 2.13 5.87
C LYS A 51 -1.16 3.51 5.30
N ILE A 52 0.08 4.02 5.22
CA ILE A 52 0.49 5.26 4.61
C ILE A 52 0.11 5.26 3.15
N TRP A 53 0.43 4.16 2.44
CA TRP A 53 0.17 3.97 1.03
C TRP A 53 -1.31 4.01 0.69
N PHE A 54 -2.18 3.43 1.55
CA PHE A 54 -3.60 3.37 1.35
C PHE A 54 -4.21 4.73 1.58
N GLN A 55 -3.67 5.51 2.55
CA GLN A 55 -4.15 6.83 2.90
C GLN A 55 -3.68 7.88 1.94
N ASN A 56 -2.66 7.58 1.11
CA ASN A 56 -2.18 8.44 0.05
C ASN A 56 -3.20 8.39 -1.07
N LYS A 57 -3.68 7.17 -1.39
CA LYS A 57 -4.67 6.93 -2.42
C LYS A 57 -6.03 7.46 -2.03
N ARG A 58 -6.33 7.58 -0.72
CA ARG A 58 -7.59 8.08 -0.21
C ARG A 58 -7.71 9.56 -0.47
N ALA A 59 -6.55 10.27 -0.49
CA ALA A 59 -6.46 11.68 -0.78
C ALA A 59 -6.56 11.92 -2.26
N LYS A 60 -6.09 10.94 -3.07
CA LYS A 60 -6.03 11.02 -4.52
C LYS A 60 -7.29 10.44 -5.14
N ILE A 61 -8.44 10.53 -4.45
CA ILE A 61 -9.74 10.21 -5.00
C ILE A 61 -10.22 11.49 -5.61
N LYS A 62 -10.68 12.40 -4.74
CA LYS A 62 -11.22 13.68 -5.09
C LYS A 62 -11.11 14.42 -3.80
N LYS A 63 -11.62 13.77 -2.72
CA LYS A 63 -11.65 14.29 -1.38
C LYS A 63 -10.56 13.62 -0.60
N ALA A 64 -10.50 13.90 0.73
CA ALA A 64 -9.45 13.45 1.61
C ALA A 64 -9.75 12.08 2.13
N THR A 65 -11.04 11.82 2.47
CA THR A 65 -11.50 10.59 3.09
C THR A 65 -11.73 9.60 1.97
N GLN A 66 -11.99 8.31 2.32
CA GLN A 66 -12.26 7.26 1.36
C GLN A 66 -13.70 7.35 0.95
N ALA A 67 -14.61 7.23 1.94
CA ALA A 67 -16.04 7.38 1.76
C ALA A 67 -16.38 8.87 1.70
N GLY A 1 0.87 -3.97 -18.99
CA GLY A 1 1.80 -4.96 -19.59
C GLY A 1 2.69 -4.28 -20.58
N PRO A 2 2.26 -4.02 -21.82
CA PRO A 2 3.03 -3.26 -22.79
C PRO A 2 2.93 -1.77 -22.52
N MET A 3 2.19 -1.37 -21.47
CA MET A 3 1.95 0.00 -21.11
C MET A 3 3.03 0.45 -20.16
N ALA A 4 3.04 1.76 -19.85
CA ALA A 4 4.01 2.37 -18.98
C ALA A 4 3.50 2.31 -17.56
N SER A 5 4.38 2.64 -16.60
CA SER A 5 4.08 2.65 -15.19
C SER A 5 3.60 4.04 -14.85
N ASP A 6 2.64 4.13 -13.90
CA ASP A 6 2.09 5.39 -13.42
C ASP A 6 2.87 5.79 -12.19
N LYS A 7 2.33 6.78 -11.43
CA LYS A 7 2.92 7.25 -10.20
C LYS A 7 2.25 6.48 -9.10
N ARG A 8 3.07 5.97 -8.15
CA ARG A 8 2.60 5.26 -6.99
C ARG A 8 3.22 5.99 -5.82
N PRO A 9 2.61 6.10 -4.65
CA PRO A 9 3.19 6.80 -3.52
C PRO A 9 4.24 5.94 -2.85
N ARG A 10 5.24 6.61 -2.24
CA ARG A 10 6.32 6.06 -1.44
C ARG A 10 7.34 5.29 -2.23
N THR A 11 8.59 5.34 -1.72
CA THR A 11 9.77 4.76 -2.32
C THR A 11 10.31 3.72 -1.37
N ALA A 12 9.59 3.46 -0.25
CA ALA A 12 9.96 2.48 0.75
C ALA A 12 9.39 1.13 0.42
N PHE A 13 9.05 0.95 -0.88
CA PHE A 13 8.50 -0.25 -1.45
C PHE A 13 9.42 -0.56 -2.60
N THR A 14 9.19 -1.71 -3.28
CA THR A 14 9.82 -2.02 -4.55
C THR A 14 8.73 -1.91 -5.57
N ALA A 15 9.06 -2.14 -6.86
CA ALA A 15 8.15 -1.96 -7.97
C ALA A 15 7.05 -2.98 -7.96
N GLU A 16 7.36 -4.20 -7.47
CA GLU A 16 6.47 -5.33 -7.47
C GLU A 16 5.52 -5.28 -6.32
N GLN A 17 5.89 -4.57 -5.22
CA GLN A 17 5.07 -4.44 -4.04
C GLN A 17 4.01 -3.41 -4.31
N LEU A 18 4.39 -2.27 -4.93
CA LEU A 18 3.51 -1.19 -5.31
C LEU A 18 2.45 -1.67 -6.27
N GLN A 19 2.88 -2.39 -7.33
CA GLN A 19 2.12 -2.96 -8.43
C GLN A 19 0.95 -3.79 -7.97
N ARG A 20 1.22 -4.74 -7.05
CA ARG A 20 0.28 -5.68 -6.50
C ARG A 20 -0.84 -4.98 -5.77
N LEU A 21 -0.50 -3.93 -4.99
CA LEU A 21 -1.45 -3.16 -4.21
C LEU A 21 -2.33 -2.27 -5.05
N LYS A 22 -1.94 -1.95 -6.30
CA LYS A 22 -2.75 -1.16 -7.21
C LYS A 22 -3.98 -1.92 -7.62
N ALA A 23 -3.86 -3.27 -7.66
CA ALA A 23 -4.90 -4.17 -8.10
C ALA A 23 -5.87 -4.39 -6.96
N GLU A 24 -5.32 -4.46 -5.73
CA GLU A 24 -6.05 -4.63 -4.49
C GLU A 24 -6.83 -3.39 -4.16
N PHE A 25 -6.33 -2.18 -4.53
CA PHE A 25 -6.91 -0.89 -4.22
C PHE A 25 -8.32 -0.74 -4.76
N GLN A 26 -8.57 -1.34 -5.95
CA GLN A 26 -9.83 -1.24 -6.66
C GLN A 26 -10.93 -1.96 -5.93
N THR A 27 -10.70 -3.25 -5.59
CA THR A 27 -11.70 -4.11 -4.99
C THR A 27 -11.76 -3.82 -3.51
N ASN A 28 -10.66 -4.17 -2.82
CA ASN A 28 -10.53 -4.14 -1.39
C ASN A 28 -9.77 -2.90 -1.04
N ARG A 29 -10.50 -1.77 -0.98
CA ARG A 29 -9.95 -0.48 -0.64
C ARG A 29 -9.91 -0.36 0.84
N TYR A 30 -11.07 -0.68 1.48
CA TYR A 30 -11.33 -0.52 2.87
C TYR A 30 -10.89 -1.79 3.53
N LEU A 31 -9.56 -1.90 3.71
CA LEU A 31 -8.86 -2.98 4.35
C LEU A 31 -9.24 -3.07 5.80
N THR A 32 -8.99 -4.27 6.36
CA THR A 32 -9.14 -4.57 7.75
C THR A 32 -7.75 -4.70 8.26
N GLU A 33 -7.58 -4.79 9.59
CA GLU A 33 -6.30 -5.01 10.22
C GLU A 33 -5.88 -6.44 10.02
N GLN A 34 -6.89 -7.32 9.87
CA GLN A 34 -6.77 -8.75 9.84
C GLN A 34 -6.32 -9.20 8.47
N ARG A 35 -6.75 -8.48 7.41
CA ARG A 35 -6.25 -8.66 6.07
C ARG A 35 -4.88 -8.07 6.02
N ARG A 36 -4.73 -6.82 6.51
CA ARG A 36 -3.56 -5.99 6.34
C ARG A 36 -2.28 -6.56 6.91
N GLN A 37 -2.39 -7.41 7.96
CA GLN A 37 -1.26 -8.04 8.61
C GLN A 37 -0.82 -9.26 7.85
N SER A 38 -1.64 -9.71 6.88
CA SER A 38 -1.37 -10.88 6.07
C SER A 38 -0.88 -10.40 4.73
N LEU A 39 -1.09 -9.10 4.43
CA LEU A 39 -0.50 -8.41 3.30
C LEU A 39 0.89 -8.03 3.71
N ALA A 40 1.07 -7.84 5.04
CA ALA A 40 2.34 -7.56 5.67
C ALA A 40 3.17 -8.80 5.71
N GLN A 41 2.53 -9.99 5.68
CA GLN A 41 3.21 -11.25 5.60
C GLN A 41 3.61 -11.53 4.17
N GLU A 42 2.79 -11.03 3.20
CA GLU A 42 2.83 -11.45 1.82
C GLU A 42 3.97 -10.86 1.05
N LEU A 43 3.88 -9.54 0.82
CA LEU A 43 4.86 -8.76 0.10
C LEU A 43 6.07 -8.63 0.98
N GLY A 44 5.80 -8.60 2.30
CA GLY A 44 6.80 -8.58 3.32
C GLY A 44 6.89 -7.17 3.81
N LEU A 45 5.71 -6.53 3.97
CA LEU A 45 5.60 -5.16 4.43
C LEU A 45 5.34 -5.20 5.91
N ASN A 46 4.86 -4.06 6.46
CA ASN A 46 4.31 -3.96 7.78
C ASN A 46 2.88 -3.59 7.56
N GLU A 47 2.11 -3.41 8.65
CA GLU A 47 0.78 -2.85 8.58
C GLU A 47 0.89 -1.38 8.35
N SER A 48 1.92 -0.79 8.99
CA SER A 48 2.25 0.62 9.02
C SER A 48 2.52 1.19 7.65
N GLN A 49 3.14 0.37 6.75
CA GLN A 49 3.46 0.73 5.39
C GLN A 49 2.22 0.93 4.57
N ILE A 50 1.24 0.01 4.74
CA ILE A 50 0.07 -0.11 3.90
C ILE A 50 -0.98 0.89 4.36
N LYS A 51 -0.96 1.31 5.65
CA LYS A 51 -1.84 2.33 6.20
C LYS A 51 -1.56 3.65 5.54
N ILE A 52 -0.27 3.96 5.30
CA ILE A 52 0.20 5.16 4.68
C ILE A 52 -0.15 5.16 3.22
N TRP A 53 0.16 4.05 2.53
CA TRP A 53 0.02 3.85 1.10
C TRP A 53 -1.39 4.04 0.62
N PHE A 54 -2.40 3.52 1.37
CA PHE A 54 -3.79 3.53 0.99
C PHE A 54 -4.36 4.91 1.11
N GLN A 55 -4.01 5.66 2.19
CA GLN A 55 -4.52 6.97 2.47
C GLN A 55 -3.97 8.02 1.54
N ASN A 56 -2.77 7.76 0.97
CA ASN A 56 -2.12 8.59 -0.02
C ASN A 56 -2.80 8.39 -1.34
N LYS A 57 -3.19 7.13 -1.63
CA LYS A 57 -3.86 6.70 -2.83
C LYS A 57 -5.27 7.16 -2.98
N ARG A 58 -5.86 7.76 -1.92
CA ARG A 58 -7.20 8.32 -1.93
C ARG A 58 -7.19 9.65 -2.63
N ALA A 59 -6.04 10.36 -2.56
CA ALA A 59 -5.83 11.65 -3.19
C ALA A 59 -5.58 11.47 -4.67
N LYS A 60 -5.06 10.29 -5.08
CA LYS A 60 -4.73 9.98 -6.44
C LYS A 60 -5.97 9.75 -7.26
N ILE A 61 -6.97 8.99 -6.72
CA ILE A 61 -8.17 8.64 -7.41
C ILE A 61 -9.11 9.82 -7.37
N LYS A 62 -9.39 10.33 -6.16
CA LYS A 62 -10.23 11.46 -5.93
C LYS A 62 -9.31 12.62 -5.65
N LYS A 63 -9.04 13.40 -6.71
CA LYS A 63 -8.25 14.60 -6.67
C LYS A 63 -9.22 15.75 -6.72
N ALA A 64 -8.74 16.96 -7.10
CA ALA A 64 -9.55 18.15 -7.19
C ALA A 64 -10.34 18.10 -8.46
N THR A 65 -9.68 18.35 -9.61
CA THR A 65 -10.29 18.27 -10.91
C THR A 65 -9.94 16.89 -11.42
N GLN A 66 -10.95 16.00 -11.45
CA GLN A 66 -10.80 14.63 -11.89
C GLN A 66 -10.93 14.62 -13.38
N ALA A 67 -12.16 14.83 -13.89
CA ALA A 67 -12.45 14.89 -15.30
C ALA A 67 -12.15 16.32 -15.78
N GLY A 1 14.56 22.46 9.34
CA GLY A 1 14.64 20.99 9.44
C GLY A 1 13.26 20.41 9.46
N PRO A 2 12.54 20.40 10.59
CA PRO A 2 11.15 19.97 10.64
C PRO A 2 10.24 21.06 10.10
N MET A 3 10.79 22.27 9.87
CA MET A 3 10.09 23.42 9.35
C MET A 3 10.56 23.67 7.94
N ALA A 4 11.20 22.63 7.35
CA ALA A 4 11.69 22.63 6.00
C ALA A 4 11.18 21.33 5.45
N SER A 5 12.10 20.43 5.04
CA SER A 5 11.76 19.11 4.55
C SER A 5 11.81 18.19 5.74
N ASP A 6 10.61 17.82 6.26
CA ASP A 6 10.47 16.94 7.39
C ASP A 6 10.38 15.54 6.85
N LYS A 7 10.83 14.55 7.66
CA LYS A 7 10.85 13.16 7.27
C LYS A 7 9.58 12.52 7.73
N ARG A 8 9.15 11.48 6.99
CA ARG A 8 7.99 10.68 7.29
C ARG A 8 8.45 9.26 7.15
N PRO A 9 7.69 8.25 7.58
CA PRO A 9 7.88 6.87 7.16
C PRO A 9 7.46 6.74 5.71
N ARG A 10 8.43 6.73 4.78
CA ARG A 10 8.21 6.75 3.37
C ARG A 10 7.94 5.37 2.89
N THR A 11 7.13 5.29 1.82
CA THR A 11 6.78 4.06 1.14
C THR A 11 7.73 3.92 -0.01
N ALA A 12 8.95 3.43 0.29
CA ALA A 12 9.99 3.17 -0.67
C ALA A 12 9.88 1.71 -1.05
N PHE A 13 8.80 1.38 -1.78
CA PHE A 13 8.46 0.04 -2.17
C PHE A 13 9.14 -0.25 -3.48
N THR A 14 9.09 -1.52 -3.92
CA THR A 14 9.67 -1.97 -5.17
C THR A 14 8.53 -2.07 -6.14
N ALA A 15 8.83 -2.44 -7.41
CA ALA A 15 7.86 -2.52 -8.47
C ALA A 15 6.91 -3.68 -8.26
N GLU A 16 7.41 -4.78 -7.66
CA GLU A 16 6.68 -6.00 -7.41
C GLU A 16 5.74 -5.84 -6.25
N GLN A 17 6.05 -4.90 -5.32
CA GLN A 17 5.25 -4.62 -4.17
C GLN A 17 4.09 -3.75 -4.58
N LEU A 18 4.39 -2.62 -5.25
CA LEU A 18 3.44 -1.63 -5.73
C LEU A 18 2.33 -2.22 -6.56
N GLN A 19 2.67 -3.01 -7.61
CA GLN A 19 1.74 -3.52 -8.60
C GLN A 19 0.66 -4.40 -8.03
N ARG A 20 1.01 -5.15 -6.97
CA ARG A 20 0.14 -6.09 -6.30
C ARG A 20 -0.89 -5.37 -5.48
N LEU A 21 -0.47 -4.27 -4.81
CA LEU A 21 -1.33 -3.46 -3.97
C LEU A 21 -2.25 -2.59 -4.77
N LYS A 22 -1.90 -2.30 -6.04
CA LYS A 22 -2.66 -1.47 -6.94
C LYS A 22 -3.72 -2.29 -7.61
N ALA A 23 -3.43 -3.61 -7.76
CA ALA A 23 -4.35 -4.58 -8.30
C ALA A 23 -5.32 -5.01 -7.24
N GLU A 24 -4.98 -4.73 -5.95
CA GLU A 24 -5.88 -4.91 -4.85
C GLU A 24 -6.75 -3.69 -4.73
N PHE A 25 -6.13 -2.48 -4.81
CA PHE A 25 -6.74 -1.17 -4.56
C PHE A 25 -7.98 -0.93 -5.39
N GLN A 26 -7.99 -1.39 -6.66
CA GLN A 26 -9.02 -1.11 -7.63
C GLN A 26 -10.42 -1.44 -7.16
N THR A 27 -10.65 -2.69 -6.71
CA THR A 27 -11.93 -3.15 -6.25
C THR A 27 -11.98 -2.90 -4.77
N ASN A 28 -10.96 -3.43 -4.07
CA ASN A 28 -10.92 -3.57 -2.65
C ASN A 28 -10.00 -2.54 -2.08
N ARG A 29 -10.59 -1.47 -1.49
CA ARG A 29 -9.83 -0.42 -0.84
C ARG A 29 -9.71 -0.74 0.62
N TYR A 30 -10.82 -0.56 1.37
CA TYR A 30 -10.84 -0.47 2.80
C TYR A 30 -10.45 -1.75 3.46
N LEU A 31 -9.18 -1.76 3.95
CA LEU A 31 -8.55 -2.84 4.65
C LEU A 31 -9.13 -2.95 6.02
N THR A 32 -9.00 -4.15 6.60
CA THR A 32 -9.25 -4.42 7.99
C THR A 32 -7.89 -4.38 8.64
N GLU A 33 -7.84 -4.52 9.98
CA GLU A 33 -6.60 -4.58 10.70
C GLU A 33 -5.95 -5.93 10.50
N GLN A 34 -6.75 -6.94 10.10
CA GLN A 34 -6.35 -8.32 9.98
C GLN A 34 -5.86 -8.60 8.58
N ARG A 35 -6.46 -7.97 7.56
CA ARG A 35 -6.15 -8.17 6.18
C ARG A 35 -4.95 -7.37 5.81
N ARG A 36 -4.82 -6.19 6.45
CA ARG A 36 -3.66 -5.33 6.41
C ARG A 36 -2.44 -6.03 6.97
N GLN A 37 -2.67 -6.87 8.00
CA GLN A 37 -1.68 -7.69 8.62
C GLN A 37 -1.27 -8.84 7.73
N SER A 38 -2.16 -9.22 6.79
CA SER A 38 -1.90 -10.29 5.87
C SER A 38 -1.08 -9.78 4.71
N LEU A 39 -1.20 -8.47 4.38
CA LEU A 39 -0.43 -7.83 3.32
C LEU A 39 0.97 -7.60 3.84
N ALA A 40 1.10 -7.50 5.18
CA ALA A 40 2.35 -7.34 5.88
C ALA A 40 3.14 -8.63 5.88
N GLN A 41 2.43 -9.79 5.84
CA GLN A 41 3.05 -11.10 5.78
C GLN A 41 3.39 -11.44 4.35
N GLU A 42 2.73 -10.76 3.38
CA GLU A 42 2.74 -11.09 1.98
C GLU A 42 4.02 -10.70 1.31
N LEU A 43 4.19 -9.38 1.14
CA LEU A 43 5.30 -8.76 0.47
C LEU A 43 6.46 -8.73 1.43
N GLY A 44 6.11 -8.70 2.73
CA GLY A 44 7.06 -8.74 3.81
C GLY A 44 7.22 -7.35 4.30
N LEU A 45 6.09 -6.61 4.32
CA LEU A 45 6.03 -5.23 4.75
C LEU A 45 5.58 -5.21 6.19
N ASN A 46 5.21 -4.01 6.69
CA ASN A 46 4.62 -3.82 7.99
C ASN A 46 3.17 -3.54 7.74
N GLU A 47 2.39 -3.34 8.82
CA GLU A 47 1.01 -2.89 8.75
C GLU A 47 0.98 -1.44 8.40
N SER A 48 1.93 -0.72 9.03
CA SER A 48 2.02 0.72 9.12
C SER A 48 2.33 1.33 7.77
N GLN A 49 3.21 0.67 6.99
CA GLN A 49 3.67 1.13 5.70
C GLN A 49 2.55 1.12 4.69
N ILE A 50 1.71 0.07 4.73
CA ILE A 50 0.69 -0.19 3.75
C ILE A 50 -0.57 0.57 4.09
N LYS A 51 -0.74 0.94 5.39
CA LYS A 51 -1.87 1.70 5.87
C LYS A 51 -1.82 3.08 5.28
N ILE A 52 -0.63 3.69 5.35
CA ILE A 52 -0.25 4.97 4.83
C ILE A 52 -0.39 4.98 3.33
N TRP A 53 0.10 3.91 2.66
CA TRP A 53 0.08 3.73 1.23
C TRP A 53 -1.32 3.76 0.67
N PHE A 54 -2.28 3.05 1.31
CA PHE A 54 -3.65 2.94 0.85
C PHE A 54 -4.34 4.28 0.99
N GLN A 55 -4.08 5.03 2.08
CA GLN A 55 -4.66 6.32 2.35
C GLN A 55 -4.16 7.40 1.43
N ASN A 56 -2.96 7.23 0.83
CA ASN A 56 -2.35 8.14 -0.11
C ASN A 56 -3.03 8.00 -1.45
N LYS A 57 -3.36 6.75 -1.83
CA LYS A 57 -4.04 6.39 -3.05
C LYS A 57 -5.49 6.76 -3.03
N ARG A 58 -6.05 6.99 -1.82
CA ARG A 58 -7.40 7.48 -1.64
C ARG A 58 -7.40 8.98 -1.66
N ALA A 59 -6.26 9.61 -1.30
CA ALA A 59 -6.12 11.04 -1.14
C ALA A 59 -5.77 11.72 -2.43
N LYS A 60 -6.20 11.14 -3.59
CA LYS A 60 -6.12 11.75 -4.88
C LYS A 60 -7.21 12.79 -4.98
N ILE A 61 -8.44 12.42 -4.56
CA ILE A 61 -9.59 13.28 -4.44
C ILE A 61 -9.47 14.06 -3.14
N LYS A 62 -10.54 14.80 -2.76
CA LYS A 62 -10.56 15.72 -1.63
C LYS A 62 -10.43 14.97 -0.33
N LYS A 63 -11.26 13.91 -0.15
CA LYS A 63 -11.22 13.06 1.01
C LYS A 63 -10.21 11.96 0.76
N ALA A 64 -10.04 11.09 1.77
CA ALA A 64 -9.29 9.87 1.66
C ALA A 64 -10.20 8.83 2.23
N THR A 65 -10.26 8.77 3.57
CA THR A 65 -11.05 7.83 4.34
C THR A 65 -12.06 8.65 5.11
N GLN A 66 -12.03 9.99 4.93
CA GLN A 66 -12.86 10.94 5.60
C GLN A 66 -14.26 10.88 5.01
N ALA A 67 -15.29 10.97 5.88
CA ALA A 67 -16.67 10.96 5.47
C ALA A 67 -17.07 12.39 5.08
N GLY A 1 20.40 0.16 -11.97
CA GLY A 1 21.04 1.49 -12.00
C GLY A 1 22.02 1.62 -10.88
N PRO A 2 23.28 1.18 -11.02
CA PRO A 2 24.29 1.30 -9.98
C PRO A 2 24.85 2.69 -9.94
N MET A 3 24.56 3.53 -10.96
CA MET A 3 25.00 4.90 -11.05
C MET A 3 23.79 5.79 -10.94
N ALA A 4 22.70 5.24 -10.37
CA ALA A 4 21.46 5.93 -10.17
C ALA A 4 20.95 5.41 -8.86
N SER A 5 19.62 5.54 -8.62
CA SER A 5 18.97 5.05 -7.43
C SER A 5 18.43 3.68 -7.72
N ASP A 6 18.02 2.95 -6.65
CA ASP A 6 17.43 1.65 -6.77
C ASP A 6 16.43 1.59 -5.65
N LYS A 7 15.35 0.80 -5.85
CA LYS A 7 14.31 0.59 -4.88
C LYS A 7 14.69 -0.62 -4.09
N ARG A 8 14.57 -0.53 -2.74
CA ARG A 8 14.90 -1.60 -1.84
C ARG A 8 13.65 -1.89 -1.05
N PRO A 9 13.30 -3.14 -0.72
CA PRO A 9 12.13 -3.46 0.08
C PRO A 9 12.42 -3.22 1.55
N ARG A 10 12.13 -2.00 2.05
CA ARG A 10 12.35 -1.62 3.42
C ARG A 10 11.05 -0.99 3.82
N THR A 11 11.04 0.35 4.02
CA THR A 11 9.85 1.16 4.14
C THR A 11 9.38 1.40 2.75
N ALA A 12 10.35 1.73 1.86
CA ALA A 12 10.13 2.00 0.47
C ALA A 12 9.71 0.74 -0.23
N PHE A 13 8.74 0.88 -1.14
CA PHE A 13 8.20 -0.21 -1.92
C PHE A 13 9.09 -0.38 -3.11
N THR A 14 8.96 -1.54 -3.78
CA THR A 14 9.63 -1.86 -5.01
C THR A 14 8.55 -1.91 -6.05
N ALA A 15 8.89 -2.26 -7.31
CA ALA A 15 7.94 -2.36 -8.40
C ALA A 15 7.03 -3.53 -8.22
N GLU A 16 7.54 -4.60 -7.56
CA GLU A 16 6.87 -5.84 -7.30
C GLU A 16 5.88 -5.71 -6.17
N GLN A 17 6.12 -4.73 -5.26
CA GLN A 17 5.31 -4.55 -4.07
C GLN A 17 4.14 -3.66 -4.42
N LEU A 18 4.40 -2.53 -5.11
CA LEU A 18 3.41 -1.58 -5.58
C LEU A 18 2.30 -2.22 -6.39
N GLN A 19 2.66 -3.06 -7.40
CA GLN A 19 1.75 -3.60 -8.39
C GLN A 19 0.66 -4.47 -7.81
N ARG A 20 1.02 -5.24 -6.76
CA ARG A 20 0.13 -6.16 -6.12
C ARG A 20 -0.86 -5.43 -5.26
N LEU A 21 -0.43 -4.34 -4.59
CA LEU A 21 -1.26 -3.54 -3.70
C LEU A 21 -2.30 -2.74 -4.44
N LYS A 22 -2.08 -2.50 -5.75
CA LYS A 22 -3.00 -1.78 -6.61
C LYS A 22 -4.11 -2.69 -7.05
N ALA A 23 -3.90 -4.03 -6.95
CA ALA A 23 -4.91 -5.02 -7.19
C ALA A 23 -5.78 -5.17 -5.96
N GLU A 24 -5.19 -4.94 -4.77
CA GLU A 24 -5.89 -4.98 -3.50
C GLU A 24 -6.75 -3.75 -3.35
N PHE A 25 -6.28 -2.60 -3.91
CA PHE A 25 -6.95 -1.32 -3.89
C PHE A 25 -8.20 -1.39 -4.73
N GLN A 26 -8.08 -2.02 -5.93
CA GLN A 26 -9.08 -2.06 -6.97
C GLN A 26 -10.34 -2.73 -6.52
N THR A 27 -10.20 -3.89 -5.83
CA THR A 27 -11.32 -4.70 -5.41
C THR A 27 -11.96 -4.07 -4.21
N ASN A 28 -11.23 -4.13 -3.08
CA ASN A 28 -11.72 -3.81 -1.78
C ASN A 28 -11.06 -2.54 -1.31
N ARG A 29 -11.91 -1.62 -0.84
CA ARG A 29 -11.54 -0.51 0.00
C ARG A 29 -12.04 -0.80 1.38
N TYR A 30 -12.67 -1.98 1.53
CA TYR A 30 -13.01 -2.60 2.78
C TYR A 30 -11.80 -3.38 3.22
N LEU A 31 -10.79 -2.64 3.72
CA LEU A 31 -9.49 -3.14 4.06
C LEU A 31 -9.53 -3.38 5.55
N THR A 32 -9.29 -4.64 5.97
CA THR A 32 -9.46 -5.07 7.34
C THR A 32 -8.10 -5.11 7.96
N GLU A 33 -8.03 -5.37 9.29
CA GLU A 33 -6.80 -5.56 10.01
C GLU A 33 -6.20 -6.90 9.68
N GLN A 34 -7.04 -7.85 9.22
CA GLN A 34 -6.68 -9.22 8.98
C GLN A 34 -6.11 -9.37 7.59
N ARG A 35 -6.64 -8.56 6.64
CA ARG A 35 -6.15 -8.44 5.29
C ARG A 35 -4.85 -7.71 5.32
N ARG A 36 -4.81 -6.58 6.05
CA ARG A 36 -3.69 -5.67 6.14
C ARG A 36 -2.42 -6.32 6.59
N GLN A 37 -2.54 -7.26 7.55
CA GLN A 37 -1.40 -7.94 8.14
C GLN A 37 -0.98 -9.12 7.30
N SER A 38 -1.81 -9.48 6.29
CA SER A 38 -1.53 -10.57 5.39
C SER A 38 -0.87 -9.99 4.17
N LEU A 39 -1.06 -8.67 3.95
CA LEU A 39 -0.35 -7.93 2.92
C LEU A 39 1.03 -7.65 3.47
N ALA A 40 1.10 -7.52 4.82
CA ALA A 40 2.31 -7.31 5.55
C ALA A 40 3.11 -8.58 5.65
N GLN A 41 2.43 -9.75 5.56
CA GLN A 41 3.06 -11.04 5.63
C GLN A 41 3.71 -11.34 4.30
N GLU A 42 3.08 -10.88 3.20
CA GLU A 42 3.29 -11.40 1.88
C GLU A 42 4.47 -10.79 1.19
N LEU A 43 4.38 -9.47 0.95
CA LEU A 43 5.41 -8.68 0.33
C LEU A 43 6.51 -8.47 1.31
N GLY A 44 6.11 -8.51 2.60
CA GLY A 44 7.02 -8.44 3.72
C GLY A 44 7.07 -7.02 4.15
N LEU A 45 5.88 -6.38 4.23
CA LEU A 45 5.74 -5.02 4.68
C LEU A 45 5.43 -5.07 6.15
N ASN A 46 5.01 -3.91 6.72
CA ASN A 46 4.37 -3.85 8.01
C ASN A 46 2.99 -3.36 7.68
N GLU A 47 2.13 -3.17 8.70
CA GLU A 47 0.80 -2.63 8.56
C GLU A 47 0.89 -1.16 8.30
N SER A 48 1.82 -0.53 9.03
CA SER A 48 2.04 0.89 9.14
C SER A 48 2.47 1.52 7.85
N GLN A 49 3.17 0.75 6.99
CA GLN A 49 3.67 1.19 5.71
C GLN A 49 2.55 1.36 4.72
N ILE A 50 1.51 0.49 4.82
CA ILE A 50 0.45 0.42 3.85
C ILE A 50 -0.62 1.44 4.21
N LYS A 51 -0.68 1.89 5.49
CA LYS A 51 -1.60 2.90 5.96
C LYS A 51 -1.33 4.22 5.27
N ILE A 52 -0.02 4.52 5.07
CA ILE A 52 0.49 5.67 4.37
C ILE A 52 0.12 5.57 2.92
N TRP A 53 0.39 4.38 2.32
CA TRP A 53 0.19 4.05 0.93
C TRP A 53 -1.23 4.19 0.46
N PHE A 54 -2.23 3.80 1.28
CA PHE A 54 -3.62 3.88 0.93
C PHE A 54 -4.09 5.30 0.99
N GLN A 55 -3.59 6.10 1.96
CA GLN A 55 -3.95 7.49 2.14
C GLN A 55 -3.27 8.39 1.13
N ASN A 56 -2.21 7.88 0.44
CA ASN A 56 -1.54 8.55 -0.64
C ASN A 56 -2.41 8.50 -1.86
N LYS A 57 -3.09 7.35 -2.08
CA LYS A 57 -4.06 7.16 -3.15
C LYS A 57 -5.28 8.00 -2.95
N ARG A 58 -5.70 8.20 -1.68
CA ARG A 58 -6.84 9.03 -1.34
C ARG A 58 -6.51 10.50 -1.49
N ALA A 59 -5.21 10.87 -1.41
CA ALA A 59 -4.73 12.22 -1.56
C ALA A 59 -4.68 12.60 -3.02
N LYS A 60 -4.42 11.61 -3.92
CA LYS A 60 -4.40 11.79 -5.36
C LYS A 60 -5.79 11.98 -5.90
N ILE A 61 -6.81 11.45 -5.18
CA ILE A 61 -8.20 11.65 -5.46
C ILE A 61 -8.56 12.97 -4.83
N LYS A 62 -9.23 13.84 -5.62
CA LYS A 62 -9.37 15.24 -5.32
C LYS A 62 -10.80 15.58 -5.02
N LYS A 63 -11.75 14.68 -5.36
CA LYS A 63 -13.17 14.94 -5.22
C LYS A 63 -13.60 14.82 -3.77
N ALA A 64 -14.85 15.22 -3.50
CA ALA A 64 -15.38 15.39 -2.17
C ALA A 64 -16.02 14.13 -1.68
N THR A 65 -16.80 13.45 -2.55
CA THR A 65 -17.63 12.31 -2.20
C THR A 65 -16.75 11.14 -1.82
N GLN A 66 -15.88 10.71 -2.76
CA GLN A 66 -14.86 9.72 -2.47
C GLN A 66 -13.68 10.53 -1.97
N ALA A 67 -12.98 10.06 -0.93
CA ALA A 67 -11.92 10.79 -0.29
C ALA A 67 -10.72 10.93 -1.23
N GLY A 1 10.32 -17.69 -4.45
CA GLY A 1 9.17 -18.05 -3.60
C GLY A 1 7.94 -18.34 -4.42
N PRO A 2 6.81 -18.62 -3.77
CA PRO A 2 5.55 -18.90 -4.43
C PRO A 2 4.88 -17.62 -4.88
N MET A 3 5.48 -16.45 -4.56
CA MET A 3 4.96 -15.15 -4.89
C MET A 3 5.56 -14.68 -6.17
N ALA A 4 4.94 -13.61 -6.73
CA ALA A 4 5.42 -12.92 -7.89
C ALA A 4 6.25 -11.76 -7.44
N SER A 5 5.83 -11.12 -6.32
CA SER A 5 6.40 -9.91 -5.80
C SER A 5 7.64 -10.19 -5.00
N ASP A 6 8.39 -9.11 -4.69
CA ASP A 6 9.65 -9.17 -4.01
C ASP A 6 9.42 -9.13 -2.53
N LYS A 7 10.43 -9.63 -1.76
CA LYS A 7 10.49 -9.54 -0.34
C LYS A 7 11.66 -8.63 -0.08
N ARG A 8 11.44 -7.32 -0.30
CA ARG A 8 12.48 -6.34 -0.14
C ARG A 8 11.81 -5.03 0.20
N PRO A 9 11.64 -4.66 1.47
CA PRO A 9 11.26 -3.31 1.84
C PRO A 9 12.47 -2.41 1.68
N ARG A 10 12.41 -1.47 0.70
CA ARG A 10 13.49 -0.55 0.40
C ARG A 10 13.28 0.69 1.25
N THR A 11 13.55 1.89 0.66
CA THR A 11 13.24 3.18 1.23
C THR A 11 11.78 3.42 0.97
N ALA A 12 11.33 3.02 -0.24
CA ALA A 12 9.96 2.98 -0.66
C ALA A 12 9.65 1.51 -0.77
N PHE A 13 8.83 1.15 -1.78
CA PHE A 13 8.42 -0.21 -2.06
C PHE A 13 9.15 -0.58 -3.33
N THR A 14 8.99 -1.85 -3.80
CA THR A 14 9.52 -2.29 -5.07
C THR A 14 8.45 -2.04 -6.09
N ALA A 15 8.74 -2.35 -7.38
CA ALA A 15 7.81 -2.16 -8.47
C ALA A 15 6.69 -3.15 -8.39
N GLU A 16 6.99 -4.39 -7.94
CA GLU A 16 6.06 -5.50 -7.90
C GLU A 16 5.21 -5.46 -6.66
N GLN A 17 5.72 -4.82 -5.58
CA GLN A 17 4.99 -4.64 -4.33
C GLN A 17 3.88 -3.66 -4.54
N LEU A 18 4.19 -2.51 -5.21
CA LEU A 18 3.26 -1.48 -5.60
C LEU A 18 2.16 -2.04 -6.45
N GLN A 19 2.54 -2.85 -7.48
CA GLN A 19 1.68 -3.45 -8.49
C GLN A 19 0.55 -4.25 -7.92
N ARG A 20 0.87 -5.13 -6.94
CA ARG A 20 -0.06 -6.00 -6.29
C ARG A 20 -1.10 -5.22 -5.50
N LEU A 21 -0.66 -4.14 -4.82
CA LEU A 21 -1.52 -3.31 -4.01
C LEU A 21 -2.41 -2.43 -4.84
N LYS A 22 -2.06 -2.14 -6.13
CA LYS A 22 -2.89 -1.34 -7.02
C LYS A 22 -4.12 -2.12 -7.40
N ALA A 23 -3.98 -3.46 -7.44
CA ALA A 23 -5.05 -4.37 -7.80
C ALA A 23 -5.98 -4.54 -6.63
N GLU A 24 -5.40 -4.56 -5.41
CA GLU A 24 -6.13 -4.71 -4.17
C GLU A 24 -6.58 -3.36 -3.65
N PHE A 25 -6.32 -2.25 -4.40
CA PHE A 25 -6.83 -0.94 -4.07
C PHE A 25 -8.23 -0.88 -4.62
N GLN A 26 -8.39 -1.34 -5.89
CA GLN A 26 -9.61 -1.32 -6.64
C GLN A 26 -10.61 -2.27 -6.05
N THR A 27 -10.15 -3.50 -5.71
CA THR A 27 -10.99 -4.56 -5.20
C THR A 27 -11.24 -4.32 -3.73
N ASN A 28 -10.18 -4.46 -2.92
CA ASN A 28 -10.25 -4.52 -1.49
C ASN A 28 -9.83 -3.18 -0.93
N ARG A 29 -10.70 -2.17 -1.13
CA ARG A 29 -10.49 -0.78 -0.80
C ARG A 29 -10.34 -0.60 0.68
N TYR A 30 -11.42 -0.90 1.43
CA TYR A 30 -11.50 -0.73 2.85
C TYR A 30 -11.06 -2.03 3.47
N LEU A 31 -9.72 -2.23 3.46
CA LEU A 31 -8.99 -3.29 4.11
C LEU A 31 -9.33 -3.36 5.57
N THR A 32 -9.26 -4.60 6.09
CA THR A 32 -9.48 -4.91 7.48
C THR A 32 -8.15 -4.86 8.16
N GLU A 33 -8.15 -5.00 9.49
CA GLU A 33 -6.95 -5.06 10.30
C GLU A 33 -6.26 -6.38 10.13
N GLN A 34 -7.01 -7.40 9.64
CA GLN A 34 -6.53 -8.76 9.48
C GLN A 34 -5.97 -8.93 8.10
N ARG A 35 -6.67 -8.39 7.07
CA ARG A 35 -6.28 -8.45 5.68
C ARG A 35 -5.00 -7.71 5.46
N ARG A 36 -4.92 -6.50 6.03
CA ARG A 36 -3.80 -5.59 5.88
C ARG A 36 -2.55 -6.18 6.47
N GLN A 37 -2.71 -6.87 7.62
CA GLN A 37 -1.71 -7.62 8.32
C GLN A 37 -1.17 -8.78 7.51
N SER A 38 -2.01 -9.33 6.59
CA SER A 38 -1.64 -10.47 5.78
C SER A 38 -0.82 -10.01 4.61
N LEU A 39 -1.10 -8.80 4.07
CA LEU A 39 -0.36 -8.24 2.95
C LEU A 39 1.03 -7.87 3.41
N ALA A 40 1.15 -7.56 4.73
CA ALA A 40 2.36 -7.23 5.42
C ALA A 40 3.24 -8.43 5.61
N GLN A 41 2.65 -9.64 5.73
CA GLN A 41 3.40 -10.87 5.89
C GLN A 41 4.00 -11.29 4.58
N GLU A 42 3.34 -10.95 3.45
CA GLU A 42 3.71 -11.43 2.13
C GLU A 42 4.85 -10.66 1.57
N LEU A 43 4.61 -9.38 1.24
CA LEU A 43 5.54 -8.47 0.63
C LEU A 43 6.67 -8.20 1.57
N GLY A 44 6.37 -8.33 2.88
CA GLY A 44 7.36 -8.25 3.93
C GLY A 44 7.38 -6.82 4.39
N LEU A 45 6.17 -6.23 4.40
CA LEU A 45 5.97 -4.86 4.85
C LEU A 45 5.51 -4.93 6.29
N ASN A 46 5.02 -3.79 6.83
CA ASN A 46 4.36 -3.73 8.11
C ASN A 46 2.93 -3.42 7.79
N GLU A 47 2.08 -3.31 8.83
CA GLU A 47 0.71 -2.89 8.70
C GLU A 47 0.68 -1.41 8.41
N SER A 48 1.62 -0.71 9.06
CA SER A 48 1.75 0.73 9.10
C SER A 48 2.15 1.29 7.75
N GLN A 49 2.95 0.52 6.97
CA GLN A 49 3.45 0.91 5.68
C GLN A 49 2.31 0.98 4.68
N ILE A 50 1.43 -0.04 4.70
CA ILE A 50 0.36 -0.22 3.77
C ILE A 50 -0.81 0.65 4.16
N LYS A 51 -0.92 1.02 5.46
CA LYS A 51 -1.96 1.88 5.98
C LYS A 51 -1.86 3.24 5.35
N ILE A 52 -0.63 3.81 5.40
CA ILE A 52 -0.22 5.07 4.84
C ILE A 52 -0.42 5.08 3.36
N TRP A 53 -0.03 3.99 2.67
CA TRP A 53 -0.13 3.81 1.24
C TRP A 53 -1.56 3.88 0.73
N PHE A 54 -2.54 3.34 1.50
CA PHE A 54 -3.94 3.31 1.10
C PHE A 54 -4.56 4.68 1.26
N GLN A 55 -4.05 5.52 2.19
CA GLN A 55 -4.51 6.87 2.40
C GLN A 55 -3.92 7.82 1.37
N ASN A 56 -2.75 7.46 0.80
CA ASN A 56 -2.05 8.22 -0.22
C ASN A 56 -2.76 8.08 -1.54
N LYS A 57 -3.30 6.87 -1.79
CA LYS A 57 -4.05 6.52 -2.97
C LYS A 57 -5.50 6.96 -2.89
N ARG A 58 -5.81 7.86 -1.93
CA ARG A 58 -7.04 8.62 -1.88
C ARG A 58 -6.72 9.98 -2.41
N ALA A 59 -5.61 10.55 -1.89
CA ALA A 59 -5.20 11.92 -2.06
C ALA A 59 -4.28 12.08 -3.25
N LYS A 60 -4.49 11.29 -4.33
CA LYS A 60 -3.75 11.34 -5.57
C LYS A 60 -3.78 12.69 -6.22
N ILE A 61 -4.99 13.30 -6.31
CA ILE A 61 -5.18 14.65 -6.79
C ILE A 61 -4.90 15.54 -5.61
N LYS A 62 -4.10 16.60 -5.84
CA LYS A 62 -3.62 17.49 -4.81
C LYS A 62 -4.65 18.54 -4.53
N LYS A 63 -5.38 18.96 -5.57
CA LYS A 63 -6.45 19.92 -5.53
C LYS A 63 -7.74 19.16 -5.43
N ALA A 64 -8.88 19.85 -5.68
CA ALA A 64 -10.20 19.26 -5.62
C ALA A 64 -10.45 18.54 -6.92
N THR A 65 -10.85 19.31 -7.97
CA THR A 65 -11.11 18.79 -9.29
C THR A 65 -9.88 19.08 -10.10
N GLN A 66 -9.50 18.14 -11.00
CA GLN A 66 -8.33 18.25 -11.83
C GLN A 66 -8.70 18.99 -13.09
N ALA A 67 -7.69 19.28 -13.93
CA ALA A 67 -7.87 19.94 -15.20
C ALA A 67 -8.29 18.90 -16.24
N GLY A 1 1.54 5.43 17.42
CA GLY A 1 1.11 4.36 16.50
C GLY A 1 0.95 4.92 15.11
N PRO A 2 -0.17 5.55 14.75
CA PRO A 2 -0.36 6.19 13.46
C PRO A 2 0.38 7.51 13.41
N MET A 3 0.80 8.03 14.59
CA MET A 3 1.60 9.21 14.73
C MET A 3 2.97 8.73 15.09
N ALA A 4 3.95 9.67 15.16
CA ALA A 4 5.32 9.33 15.47
C ALA A 4 5.47 9.30 16.97
N SER A 5 5.68 8.07 17.52
CA SER A 5 5.97 7.83 18.91
C SER A 5 7.39 7.38 19.04
N ASP A 6 8.01 7.20 17.86
CA ASP A 6 9.39 6.83 17.68
C ASP A 6 9.61 7.11 16.21
N LYS A 7 10.67 6.54 15.62
CA LYS A 7 10.95 6.66 14.21
C LYS A 7 10.32 5.48 13.53
N ARG A 8 9.65 5.73 12.38
CA ARG A 8 9.02 4.72 11.58
C ARG A 8 9.82 4.66 10.29
N PRO A 9 9.85 3.54 9.56
CA PRO A 9 10.42 3.50 8.23
C PRO A 9 9.48 4.19 7.27
N ARG A 10 10.00 4.64 6.10
CA ARG A 10 9.21 5.35 5.13
C ARG A 10 8.62 4.37 4.16
N THR A 11 7.61 4.87 3.42
CA THR A 11 6.76 4.09 2.55
C THR A 11 7.35 4.20 1.16
N ALA A 12 8.55 3.59 0.98
CA ALA A 12 9.24 3.50 -0.28
C ALA A 12 9.21 2.05 -0.65
N PHE A 13 8.42 1.72 -1.70
CA PHE A 13 8.16 0.36 -2.11
C PHE A 13 8.93 0.11 -3.36
N THR A 14 8.94 -1.17 -3.83
CA THR A 14 9.55 -1.56 -5.08
C THR A 14 8.42 -1.77 -6.04
N ALA A 15 8.75 -2.20 -7.29
CA ALA A 15 7.80 -2.38 -8.36
C ALA A 15 6.91 -3.57 -8.11
N GLU A 16 7.46 -4.60 -7.43
CA GLU A 16 6.79 -5.85 -7.16
C GLU A 16 5.82 -5.70 -6.02
N GLN A 17 6.12 -4.76 -5.09
CA GLN A 17 5.31 -4.52 -3.92
C GLN A 17 4.12 -3.69 -4.30
N LEU A 18 4.33 -2.64 -5.12
CA LEU A 18 3.31 -1.78 -5.67
C LEU A 18 2.30 -2.56 -6.47
N GLN A 19 2.77 -3.48 -7.35
CA GLN A 19 1.97 -4.29 -8.26
C GLN A 19 0.85 -5.02 -7.57
N ARG A 20 1.19 -5.74 -6.48
CA ARG A 20 0.30 -6.54 -5.67
C ARG A 20 -0.79 -5.70 -5.05
N LEU A 21 -0.41 -4.54 -4.48
CA LEU A 21 -1.30 -3.70 -3.71
C LEU A 21 -2.25 -2.91 -4.59
N LYS A 22 -1.85 -2.60 -5.84
CA LYS A 22 -2.64 -1.82 -6.76
C LYS A 22 -3.66 -2.69 -7.44
N ALA A 23 -3.39 -4.02 -7.46
CA ALA A 23 -4.28 -5.01 -7.98
C ALA A 23 -5.42 -5.23 -7.03
N GLU A 24 -5.14 -5.19 -5.71
CA GLU A 24 -6.16 -5.37 -4.70
C GLU A 24 -6.77 -4.05 -4.29
N PHE A 25 -6.19 -2.90 -4.73
CA PHE A 25 -6.77 -1.58 -4.54
C PHE A 25 -7.64 -1.24 -5.74
N GLN A 26 -8.10 -2.28 -6.43
CA GLN A 26 -9.05 -2.22 -7.50
C GLN A 26 -10.41 -2.34 -6.87
N THR A 27 -10.62 -3.46 -6.13
CA THR A 27 -11.87 -3.79 -5.51
C THR A 27 -11.88 -3.20 -4.13
N ASN A 28 -10.96 -3.69 -3.28
CA ASN A 28 -10.97 -3.51 -1.87
C ASN A 28 -10.28 -2.23 -1.50
N ARG A 29 -11.06 -1.28 -0.93
CA ARG A 29 -10.56 -0.07 -0.32
C ARG A 29 -10.45 -0.35 1.13
N TYR A 30 -11.56 -0.86 1.72
CA TYR A 30 -11.77 -0.96 3.13
C TYR A 30 -11.10 -2.19 3.63
N LEU A 31 -9.82 -2.00 4.06
CA LEU A 31 -9.03 -3.04 4.67
C LEU A 31 -9.35 -3.06 6.14
N THR A 32 -9.10 -4.23 6.75
CA THR A 32 -9.27 -4.49 8.16
C THR A 32 -7.89 -4.55 8.73
N GLU A 33 -7.80 -4.86 10.05
CA GLU A 33 -6.56 -5.11 10.74
C GLU A 33 -6.00 -6.45 10.35
N GLN A 34 -6.85 -7.33 9.77
CA GLN A 34 -6.50 -8.68 9.40
C GLN A 34 -6.04 -8.73 7.98
N ARG A 35 -6.81 -8.11 7.05
CA ARG A 35 -6.56 -8.07 5.63
C ARG A 35 -5.28 -7.37 5.33
N ARG A 36 -5.06 -6.23 6.01
CA ARG A 36 -3.92 -5.35 5.79
C ARG A 36 -2.65 -6.04 6.18
N GLN A 37 -2.72 -6.79 7.31
CA GLN A 37 -1.67 -7.60 7.86
C GLN A 37 -1.32 -8.78 6.98
N SER A 38 -2.27 -9.21 6.12
CA SER A 38 -2.06 -10.32 5.21
C SER A 38 -1.25 -9.88 4.03
N LEU A 39 -1.51 -8.65 3.51
CA LEU A 39 -0.80 -8.09 2.36
C LEU A 39 0.63 -7.81 2.77
N ALA A 40 0.78 -7.44 4.06
CA ALA A 40 2.01 -7.13 4.73
C ALA A 40 2.83 -8.36 4.98
N GLN A 41 2.19 -9.53 5.11
CA GLN A 41 2.85 -10.79 5.34
C GLN A 41 3.55 -11.23 4.08
N GLU A 42 2.95 -10.92 2.90
CA GLU A 42 3.44 -11.42 1.63
C GLU A 42 4.68 -10.73 1.16
N LEU A 43 4.57 -9.39 1.00
CA LEU A 43 5.58 -8.54 0.44
C LEU A 43 6.70 -8.39 1.41
N GLY A 44 6.33 -8.44 2.70
CA GLY A 44 7.25 -8.33 3.80
C GLY A 44 7.22 -6.90 4.24
N LEU A 45 6.01 -6.29 4.13
CA LEU A 45 5.76 -4.94 4.59
C LEU A 45 5.29 -5.03 6.02
N ASN A 46 4.94 -3.86 6.61
CA ASN A 46 4.36 -3.77 7.92
C ASN A 46 2.92 -3.38 7.69
N GLU A 47 2.16 -3.24 8.80
CA GLU A 47 0.80 -2.72 8.80
C GLU A 47 0.85 -1.24 8.56
N SER A 48 1.88 -0.62 9.15
CA SER A 48 2.11 0.82 9.20
C SER A 48 2.52 1.37 7.87
N GLN A 49 3.11 0.52 7.00
CA GLN A 49 3.56 0.88 5.68
C GLN A 49 2.38 1.04 4.77
N ILE A 50 1.45 0.06 4.80
CA ILE A 50 0.31 -0.03 3.92
C ILE A 50 -0.78 0.90 4.42
N LYS A 51 -0.72 1.32 5.71
CA LYS A 51 -1.60 2.29 6.33
C LYS A 51 -1.50 3.61 5.62
N ILE A 52 -0.25 4.11 5.54
CA ILE A 52 0.16 5.34 4.94
C ILE A 52 -0.09 5.31 3.46
N TRP A 53 0.28 4.19 2.81
CA TRP A 53 0.15 3.98 1.38
C TRP A 53 -1.28 4.09 0.89
N PHE A 54 -2.27 3.57 1.66
CA PHE A 54 -3.67 3.62 1.28
C PHE A 54 -4.17 5.04 1.30
N GLN A 55 -3.74 5.85 2.30
CA GLN A 55 -4.15 7.21 2.47
C GLN A 55 -3.53 8.13 1.44
N ASN A 56 -2.38 7.72 0.85
CA ASN A 56 -1.69 8.41 -0.22
C ASN A 56 -2.41 8.21 -1.52
N LYS A 57 -2.90 6.97 -1.78
CA LYS A 57 -3.62 6.59 -2.97
C LYS A 57 -5.03 7.11 -2.95
N ARG A 58 -5.53 7.38 -1.73
CA ARG A 58 -6.85 7.93 -1.49
C ARG A 58 -6.80 9.43 -1.54
N ALA A 59 -5.58 10.03 -1.45
CA ALA A 59 -5.37 11.46 -1.54
C ALA A 59 -5.55 11.95 -2.95
N LYS A 60 -5.43 11.03 -3.93
CA LYS A 60 -5.72 11.25 -5.33
C LYS A 60 -7.21 11.41 -5.50
N ILE A 61 -7.99 10.64 -4.72
CA ILE A 61 -9.43 10.66 -4.67
C ILE A 61 -9.82 11.62 -3.57
N LYS A 62 -11.10 11.57 -3.12
CA LYS A 62 -11.60 12.35 -2.03
C LYS A 62 -11.49 11.49 -0.80
N LYS A 63 -10.30 11.54 -0.15
CA LYS A 63 -10.06 10.91 1.13
C LYS A 63 -10.82 11.62 2.23
N ALA A 64 -11.07 10.88 3.34
CA ALA A 64 -11.72 11.36 4.53
C ALA A 64 -10.63 11.68 5.50
N THR A 65 -9.92 10.63 5.99
CA THR A 65 -8.81 10.75 6.91
C THR A 65 -7.59 11.09 6.08
N GLN A 66 -6.70 11.94 6.67
CA GLN A 66 -5.55 12.48 5.99
C GLN A 66 -4.41 11.49 6.04
N ALA A 67 -3.36 11.76 5.22
CA ALA A 67 -2.19 10.92 5.13
C ALA A 67 -1.20 11.36 6.20
N GLY A 1 21.26 -3.76 14.74
CA GLY A 1 20.43 -3.84 15.97
C GLY A 1 20.93 -2.86 16.99
N PRO A 2 21.98 -3.16 17.75
CA PRO A 2 22.59 -2.21 18.68
C PRO A 2 23.47 -1.24 17.94
N MET A 3 23.71 -1.46 16.63
CA MET A 3 24.51 -0.61 15.78
C MET A 3 23.60 0.02 14.77
N ALA A 4 22.29 0.11 15.10
CA ALA A 4 21.28 0.70 14.28
C ALA A 4 20.31 1.36 15.22
N SER A 5 19.29 2.03 14.65
CA SER A 5 18.23 2.66 15.39
C SER A 5 16.95 2.08 14.85
N ASP A 6 15.79 2.61 15.32
CA ASP A 6 14.49 2.24 14.83
C ASP A 6 14.19 3.19 13.70
N LYS A 7 13.84 2.63 12.52
CA LYS A 7 13.57 3.40 11.32
C LYS A 7 12.08 3.53 11.20
N ARG A 8 11.62 4.51 10.40
CA ARG A 8 10.21 4.73 10.14
C ARG A 8 9.90 4.07 8.82
N PRO A 9 9.01 3.08 8.74
CA PRO A 9 8.50 2.57 7.47
C PRO A 9 7.54 3.56 6.87
N ARG A 10 7.97 4.28 5.81
CA ARG A 10 7.19 5.33 5.20
C ARG A 10 6.50 4.74 3.99
N THR A 11 6.92 5.15 2.77
CA THR A 11 6.40 4.65 1.52
C THR A 11 7.59 4.00 0.85
N ALA A 12 8.18 3.00 1.55
CA ALA A 12 9.34 2.29 1.08
C ALA A 12 8.87 0.99 0.51
N PHE A 13 8.95 0.86 -0.84
CA PHE A 13 8.50 -0.29 -1.57
C PHE A 13 9.47 -0.48 -2.68
N THR A 14 9.35 -1.62 -3.40
CA THR A 14 10.04 -1.88 -4.64
C THR A 14 8.96 -1.86 -5.69
N ALA A 15 9.33 -2.11 -6.97
CA ALA A 15 8.43 -2.07 -8.10
C ALA A 15 7.46 -3.22 -8.07
N GLU A 16 7.91 -4.38 -7.53
CA GLU A 16 7.16 -5.61 -7.47
C GLU A 16 6.12 -5.57 -6.39
N GLN A 17 6.33 -4.72 -5.36
CA GLN A 17 5.46 -4.63 -4.22
C GLN A 17 4.34 -3.66 -4.51
N LEU A 18 4.66 -2.51 -5.16
CA LEU A 18 3.73 -1.47 -5.52
C LEU A 18 2.63 -1.99 -6.43
N GLN A 19 3.01 -2.70 -7.51
CA GLN A 19 2.12 -3.11 -8.59
C GLN A 19 1.05 -4.08 -8.14
N ARG A 20 1.40 -4.94 -7.16
CA ARG A 20 0.52 -5.95 -6.63
C ARG A 20 -0.50 -5.33 -5.71
N LEU A 21 -0.13 -4.25 -4.99
CA LEU A 21 -1.01 -3.52 -4.11
C LEU A 21 -2.00 -2.68 -4.88
N LYS A 22 -1.71 -2.36 -6.16
CA LYS A 22 -2.63 -1.62 -7.02
C LYS A 22 -3.82 -2.47 -7.36
N ALA A 23 -3.60 -3.81 -7.41
CA ALA A 23 -4.61 -4.79 -7.74
C ALA A 23 -5.45 -5.09 -6.53
N GLU A 24 -4.84 -4.99 -5.33
CA GLU A 24 -5.48 -5.26 -4.07
C GLU A 24 -6.11 -4.01 -3.51
N PHE A 25 -5.88 -2.85 -4.17
CA PHE A 25 -6.52 -1.58 -3.86
C PHE A 25 -7.82 -1.57 -4.62
N GLN A 26 -7.79 -2.09 -5.87
CA GLN A 26 -8.91 -2.15 -6.79
C GLN A 26 -10.02 -2.98 -6.22
N THR A 27 -9.66 -4.11 -5.58
CA THR A 27 -10.58 -5.02 -4.93
C THR A 27 -11.03 -4.38 -3.65
N ASN A 28 -10.11 -4.29 -2.69
CA ASN A 28 -10.35 -3.82 -1.35
C ASN A 28 -9.77 -2.45 -1.23
N ARG A 29 -10.64 -1.41 -1.20
CA ARG A 29 -10.25 -0.05 -0.90
C ARG A 29 -10.45 0.15 0.56
N TYR A 30 -11.62 -0.30 1.07
CA TYR A 30 -12.05 -0.19 2.43
C TYR A 30 -11.44 -1.35 3.17
N LEU A 31 -10.14 -1.17 3.48
CA LEU A 31 -9.27 -2.18 4.01
C LEU A 31 -9.43 -2.23 5.50
N THR A 32 -9.30 -3.44 6.06
CA THR A 32 -9.40 -3.68 7.49
C THR A 32 -8.00 -3.74 8.01
N GLU A 33 -7.87 -3.79 9.36
CA GLU A 33 -6.60 -3.93 10.01
C GLU A 33 -6.07 -5.33 9.86
N GLN A 34 -6.97 -6.31 9.57
CA GLN A 34 -6.66 -7.71 9.48
C GLN A 34 -6.34 -8.12 8.06
N ARG A 35 -6.85 -7.36 7.07
CA ARG A 35 -6.63 -7.59 5.66
C ARG A 35 -5.32 -6.95 5.33
N ARG A 36 -5.06 -5.77 5.94
CA ARG A 36 -3.82 -5.04 5.91
C ARG A 36 -2.69 -5.85 6.49
N GLN A 37 -3.00 -6.64 7.55
CA GLN A 37 -2.12 -7.56 8.19
C GLN A 37 -1.74 -8.69 7.28
N SER A 38 -2.64 -9.01 6.31
CA SER A 38 -2.42 -10.10 5.38
C SER A 38 -1.56 -9.64 4.24
N LEU A 39 -1.64 -8.33 3.89
CA LEU A 39 -0.85 -7.74 2.83
C LEU A 39 0.56 -7.57 3.31
N ALA A 40 0.72 -7.43 4.65
CA ALA A 40 1.97 -7.30 5.35
C ALA A 40 2.68 -8.62 5.43
N GLN A 41 1.93 -9.75 5.40
CA GLN A 41 2.51 -11.07 5.43
C GLN A 41 2.88 -11.49 4.03
N GLU A 42 2.26 -10.85 3.01
CA GLU A 42 2.30 -11.30 1.64
C GLU A 42 3.59 -10.96 0.95
N LEU A 43 3.81 -9.65 0.74
CA LEU A 43 4.96 -9.09 0.08
C LEU A 43 6.10 -9.12 1.05
N GLY A 44 5.72 -9.06 2.35
CA GLY A 44 6.63 -9.19 3.46
C GLY A 44 6.92 -7.81 3.94
N LEU A 45 5.87 -6.98 4.03
CA LEU A 45 5.96 -5.61 4.46
C LEU A 45 5.58 -5.54 5.92
N ASN A 46 5.37 -4.30 6.42
CA ASN A 46 4.78 -4.03 7.71
C ASN A 46 3.38 -3.58 7.41
N GLU A 47 2.56 -3.39 8.46
CA GLU A 47 1.23 -2.84 8.35
C GLU A 47 1.33 -1.35 8.12
N SER A 48 2.38 -0.77 8.75
CA SER A 48 2.65 0.65 8.81
C SER A 48 3.13 1.20 7.48
N GLN A 49 3.71 0.34 6.61
CA GLN A 49 4.11 0.68 5.26
C GLN A 49 2.88 0.97 4.43
N ILE A 50 1.90 0.03 4.53
CA ILE A 50 0.74 -0.07 3.69
C ILE A 50 -0.33 0.86 4.20
N LYS A 51 -0.20 1.34 5.47
CA LYS A 51 -1.13 2.25 6.11
C LYS A 51 -1.08 3.58 5.41
N ILE A 52 0.16 4.09 5.26
CA ILE A 52 0.53 5.30 4.60
C ILE A 52 0.16 5.24 3.15
N TRP A 53 0.47 4.10 2.49
CA TRP A 53 0.22 3.85 1.09
C TRP A 53 -1.24 3.90 0.74
N PHE A 54 -2.14 3.37 1.60
CA PHE A 54 -3.56 3.31 1.34
C PHE A 54 -4.17 4.67 1.50
N GLN A 55 -3.70 5.49 2.47
CA GLN A 55 -4.23 6.81 2.71
C GLN A 55 -3.83 7.79 1.64
N ASN A 56 -2.74 7.49 0.89
CA ASN A 56 -2.31 8.23 -0.27
C ASN A 56 -3.25 7.98 -1.42
N LYS A 57 -3.63 6.70 -1.63
CA LYS A 57 -4.49 6.27 -2.72
C LYS A 57 -5.94 6.58 -2.47
N ARG A 58 -6.30 6.84 -1.20
CA ARG A 58 -7.63 7.20 -0.78
C ARG A 58 -7.77 8.70 -0.76
N ALA A 59 -6.66 9.43 -0.96
CA ALA A 59 -6.63 10.87 -1.08
C ALA A 59 -6.81 11.29 -2.51
N LYS A 60 -7.06 10.33 -3.43
CA LYS A 60 -7.20 10.58 -4.86
C LYS A 60 -8.65 10.79 -5.22
N ILE A 61 -9.48 11.32 -4.28
CA ILE A 61 -10.87 11.64 -4.51
C ILE A 61 -10.87 13.15 -4.64
N LYS A 62 -11.90 13.85 -4.10
CA LYS A 62 -11.96 15.29 -4.03
C LYS A 62 -11.39 15.71 -2.71
N LYS A 63 -11.55 14.86 -1.67
CA LYS A 63 -11.00 15.05 -0.36
C LYS A 63 -9.65 14.37 -0.32
N ALA A 64 -8.81 14.78 0.65
CA ALA A 64 -7.49 14.26 0.83
C ALA A 64 -7.50 13.45 2.09
N THR A 65 -7.60 14.15 3.26
CA THR A 65 -7.49 13.56 4.56
C THR A 65 -8.85 13.02 4.93
N GLN A 66 -8.89 11.74 5.36
CA GLN A 66 -10.10 11.06 5.73
C GLN A 66 -10.22 11.15 7.23
N ALA A 67 -9.36 10.40 7.96
CA ALA A 67 -9.32 10.33 9.41
C ALA A 67 -10.64 9.77 9.96
N GLY A 1 15.60 11.66 -11.19
CA GLY A 1 14.14 11.44 -11.08
C GLY A 1 13.58 11.01 -12.40
N PRO A 2 13.58 9.72 -12.76
CA PRO A 2 13.09 9.26 -14.05
C PRO A 2 11.58 9.22 -14.07
N MET A 3 10.91 9.41 -12.91
CA MET A 3 9.48 9.46 -12.79
C MET A 3 9.13 10.91 -12.62
N ALA A 4 7.89 11.18 -12.11
CA ALA A 4 7.46 12.48 -11.69
C ALA A 4 7.99 12.65 -10.29
N SER A 5 7.40 11.88 -9.36
CA SER A 5 7.91 11.67 -8.03
C SER A 5 8.57 10.31 -8.05
N ASP A 6 9.90 10.28 -7.83
CA ASP A 6 10.66 9.05 -7.77
C ASP A 6 11.09 8.90 -6.34
N LYS A 7 11.18 7.63 -5.90
CA LYS A 7 11.64 7.26 -4.60
C LYS A 7 12.62 6.15 -4.81
N ARG A 8 13.58 6.01 -3.86
CA ARG A 8 14.43 4.86 -3.77
C ARG A 8 13.76 3.98 -2.75
N PRO A 9 13.84 2.65 -2.79
CA PRO A 9 13.26 1.78 -1.78
C PRO A 9 14.13 1.79 -0.54
N ARG A 10 13.85 2.73 0.39
CA ARG A 10 14.56 2.88 1.64
C ARG A 10 13.53 2.50 2.66
N THR A 11 12.50 3.37 2.83
CA THR A 11 11.28 3.09 3.52
C THR A 11 10.28 2.68 2.47
N ALA A 12 10.50 3.16 1.22
CA ALA A 12 9.52 3.11 0.16
C ALA A 12 9.52 1.77 -0.50
N PHE A 13 8.56 1.62 -1.43
CA PHE A 13 8.21 0.35 -2.02
C PHE A 13 8.95 0.21 -3.33
N THR A 14 8.89 -1.00 -3.90
CA THR A 14 9.45 -1.34 -5.19
C THR A 14 8.28 -1.44 -6.13
N ALA A 15 8.53 -1.83 -7.40
CA ALA A 15 7.54 -1.95 -8.44
C ALA A 15 6.63 -3.13 -8.19
N GLU A 16 7.19 -4.20 -7.57
CA GLU A 16 6.52 -5.46 -7.32
C GLU A 16 5.61 -5.35 -6.13
N GLN A 17 5.95 -4.43 -5.19
CA GLN A 17 5.19 -4.22 -3.98
C GLN A 17 3.99 -3.38 -4.28
N LEU A 18 4.16 -2.32 -5.10
CA LEU A 18 3.11 -1.47 -5.60
C LEU A 18 2.09 -2.25 -6.38
N GLN A 19 2.54 -3.19 -7.26
CA GLN A 19 1.74 -4.01 -8.13
C GLN A 19 0.64 -4.75 -7.40
N ARG A 20 1.04 -5.45 -6.32
CA ARG A 20 0.20 -6.23 -5.44
C ARG A 20 -0.88 -5.38 -4.82
N LEU A 21 -0.50 -4.21 -4.26
CA LEU A 21 -1.39 -3.41 -3.44
C LEU A 21 -2.35 -2.60 -4.25
N LYS A 22 -2.06 -2.35 -5.55
CA LYS A 22 -2.96 -1.62 -6.43
C LYS A 22 -4.06 -2.53 -6.89
N ALA A 23 -3.84 -3.86 -6.81
CA ALA A 23 -4.85 -4.86 -7.13
C ALA A 23 -5.77 -5.01 -5.95
N GLU A 24 -5.23 -4.83 -4.72
CA GLU A 24 -5.98 -4.89 -3.48
C GLU A 24 -6.80 -3.64 -3.31
N PHE A 25 -6.27 -2.47 -3.72
CA PHE A 25 -6.86 -1.16 -3.59
C PHE A 25 -8.08 -1.06 -4.47
N GLN A 26 -7.99 -1.64 -5.68
CA GLN A 26 -9.00 -1.60 -6.72
C GLN A 26 -10.25 -2.31 -6.27
N THR A 27 -10.09 -3.52 -5.68
CA THR A 27 -11.18 -4.35 -5.23
C THR A 27 -11.72 -3.77 -3.95
N ASN A 28 -10.92 -3.89 -2.87
CA ASN A 28 -11.26 -3.49 -1.54
C ASN A 28 -10.44 -2.28 -1.20
N ARG A 29 -11.06 -1.09 -1.30
CA ARG A 29 -10.46 0.14 -0.87
C ARG A 29 -10.54 0.18 0.63
N TYR A 30 -11.68 -0.31 1.17
CA TYR A 30 -11.96 -0.50 2.56
C TYR A 30 -11.34 -1.81 2.95
N LEU A 31 -10.00 -1.76 3.05
CA LEU A 31 -9.07 -2.79 3.35
C LEU A 31 -9.05 -2.85 4.85
N THR A 32 -9.13 -4.07 5.44
CA THR A 32 -9.25 -4.24 6.87
C THR A 32 -7.86 -4.31 7.37
N GLU A 33 -7.63 -3.88 8.63
CA GLU A 33 -6.31 -3.82 9.22
C GLU A 33 -5.79 -5.19 9.57
N GLN A 34 -6.64 -6.24 9.44
CA GLN A 34 -6.31 -7.61 9.77
C GLN A 34 -5.81 -8.33 8.54
N ARG A 35 -6.44 -8.07 7.39
CA ARG A 35 -6.14 -8.67 6.11
C ARG A 35 -5.07 -7.87 5.44
N ARG A 36 -4.89 -6.61 5.91
CA ARG A 36 -3.71 -5.82 5.69
C ARG A 36 -2.46 -6.50 6.19
N GLN A 37 -2.59 -7.33 7.26
CA GLN A 37 -1.49 -8.08 7.81
C GLN A 37 -1.17 -9.26 6.96
N SER A 38 -2.08 -9.65 6.04
CA SER A 38 -1.82 -10.73 5.12
C SER A 38 -0.99 -10.20 3.97
N LEU A 39 -1.22 -8.92 3.58
CA LEU A 39 -0.49 -8.25 2.52
C LEU A 39 0.91 -7.97 3.01
N ALA A 40 1.03 -7.79 4.35
CA ALA A 40 2.25 -7.60 5.07
C ALA A 40 3.02 -8.90 5.15
N GLN A 41 2.34 -10.07 5.07
CA GLN A 41 3.02 -11.34 5.05
C GLN A 41 3.61 -11.60 3.69
N GLU A 42 3.01 -11.03 2.61
CA GLU A 42 3.42 -11.37 1.25
C GLU A 42 4.70 -10.70 0.85
N LEU A 43 4.65 -9.36 0.80
CA LEU A 43 5.69 -8.51 0.30
C LEU A 43 6.78 -8.43 1.30
N GLY A 44 6.38 -8.60 2.58
CA GLY A 44 7.26 -8.57 3.71
C GLY A 44 7.22 -7.18 4.25
N LEU A 45 6.02 -6.56 4.16
CA LEU A 45 5.79 -5.22 4.68
C LEU A 45 5.33 -5.36 6.11
N ASN A 46 4.94 -4.22 6.72
CA ASN A 46 4.35 -4.16 8.03
C ASN A 46 2.93 -3.76 7.82
N GLU A 47 2.19 -3.50 8.92
CA GLU A 47 0.86 -2.96 8.89
C GLU A 47 0.93 -1.52 8.55
N SER A 48 1.89 -0.83 9.21
CA SER A 48 2.02 0.61 9.31
C SER A 48 2.41 1.24 8.00
N GLN A 49 3.17 0.49 7.16
CA GLN A 49 3.63 0.92 5.87
C GLN A 49 2.47 1.05 4.92
N ILE A 50 1.55 0.06 4.97
CA ILE A 50 0.44 -0.08 4.05
C ILE A 50 -0.68 0.84 4.47
N LYS A 51 -0.82 1.16 5.80
CA LYS A 51 -1.83 2.05 6.33
C LYS A 51 -1.68 3.45 5.78
N ILE A 52 -0.42 3.95 5.75
CA ILE A 52 -0.06 5.25 5.26
C ILE A 52 -0.28 5.32 3.77
N TRP A 53 0.18 4.27 3.07
CA TRP A 53 0.11 4.14 1.63
C TRP A 53 -1.30 4.16 1.10
N PHE A 54 -2.30 3.57 1.83
CA PHE A 54 -3.68 3.51 1.38
C PHE A 54 -4.29 4.88 1.38
N GLN A 55 -4.04 5.68 2.44
CA GLN A 55 -4.61 7.01 2.58
C GLN A 55 -3.98 8.01 1.65
N ASN A 56 -2.73 7.73 1.22
CA ASN A 56 -2.01 8.49 0.22
C ASN A 56 -2.63 8.27 -1.15
N LYS A 57 -2.96 6.99 -1.47
CA LYS A 57 -3.51 6.58 -2.74
C LYS A 57 -4.99 6.82 -2.84
N ARG A 58 -5.62 7.32 -1.75
CA ARG A 58 -6.99 7.76 -1.73
C ARG A 58 -7.09 9.17 -2.25
N ALA A 59 -5.94 9.90 -2.27
CA ALA A 59 -5.84 11.20 -2.89
C ALA A 59 -5.58 11.00 -4.36
N LYS A 60 -4.81 9.95 -4.72
CA LYS A 60 -4.36 9.67 -6.07
C LYS A 60 -5.37 8.85 -6.85
N ILE A 61 -6.69 9.04 -6.60
CA ILE A 61 -7.74 8.37 -7.33
C ILE A 61 -8.04 9.22 -8.53
N LYS A 62 -8.85 10.28 -8.30
CA LYS A 62 -9.35 11.16 -9.34
C LYS A 62 -8.35 12.26 -9.54
N LYS A 63 -7.84 12.81 -8.42
CA LYS A 63 -7.02 14.00 -8.39
C LYS A 63 -5.62 13.59 -8.03
N ALA A 64 -4.75 14.60 -7.76
CA ALA A 64 -3.40 14.39 -7.29
C ALA A 64 -3.46 14.48 -5.79
N THR A 65 -3.45 15.73 -5.26
CA THR A 65 -3.62 15.99 -3.84
C THR A 65 -4.91 16.77 -3.74
N GLN A 66 -5.12 17.73 -4.68
CA GLN A 66 -6.33 18.49 -4.78
C GLN A 66 -6.63 18.59 -6.24
N ALA A 67 -7.87 19.01 -6.58
CA ALA A 67 -8.31 19.16 -7.94
C ALA A 67 -7.82 20.52 -8.47
N GLY A 1 19.16 -12.68 -5.37
CA GLY A 1 18.62 -13.97 -5.87
C GLY A 1 19.62 -14.68 -6.74
N PRO A 2 19.19 -15.67 -7.54
CA PRO A 2 20.06 -16.39 -8.45
C PRO A 2 20.33 -15.57 -9.70
N MET A 3 19.60 -14.44 -9.85
CA MET A 3 19.69 -13.54 -10.97
C MET A 3 20.34 -12.28 -10.45
N ALA A 4 20.29 -11.20 -11.26
CA ALA A 4 20.94 -9.93 -10.97
C ALA A 4 20.13 -9.13 -9.99
N SER A 5 18.79 -9.32 -10.01
CA SER A 5 17.86 -8.62 -9.15
C SER A 5 17.94 -9.21 -7.76
N ASP A 6 18.02 -8.32 -6.75
CA ASP A 6 18.06 -8.70 -5.36
C ASP A 6 16.68 -8.47 -4.82
N LYS A 7 16.28 -9.30 -3.84
CA LYS A 7 14.98 -9.26 -3.24
C LYS A 7 15.20 -8.81 -1.84
N ARG A 8 14.44 -7.77 -1.40
CA ARG A 8 14.59 -7.21 -0.10
C ARG A 8 13.28 -6.51 0.17
N PRO A 9 12.67 -6.60 1.36
CA PRO A 9 11.59 -5.71 1.77
C PRO A 9 12.16 -4.35 2.05
N ARG A 10 11.75 -3.33 1.26
CA ARG A 10 12.35 -2.02 1.28
C ARG A 10 11.70 -1.18 2.34
N THR A 11 12.23 0.05 2.53
CA THR A 11 11.69 1.07 3.40
C THR A 11 10.52 1.69 2.69
N ALA A 12 10.63 1.81 1.34
CA ALA A 12 9.63 2.26 0.44
C ALA A 12 9.03 1.02 -0.14
N PHE A 13 8.78 1.06 -1.45
CA PHE A 13 8.17 -0.02 -2.17
C PHE A 13 9.00 -0.21 -3.42
N THR A 14 8.78 -1.35 -4.12
CA THR A 14 9.36 -1.63 -5.41
C THR A 14 8.18 -1.60 -6.36
N ALA A 15 8.42 -1.95 -7.64
CA ALA A 15 7.40 -2.00 -8.67
C ALA A 15 6.47 -3.16 -8.43
N GLU A 16 7.00 -4.25 -7.85
CA GLU A 16 6.31 -5.49 -7.59
C GLU A 16 5.40 -5.38 -6.40
N GLN A 17 5.76 -4.48 -5.44
CA GLN A 17 5.01 -4.32 -4.22
C GLN A 17 3.85 -3.41 -4.46
N LEU A 18 4.06 -2.31 -5.22
CA LEU A 18 3.04 -1.38 -5.65
C LEU A 18 1.95 -2.08 -6.41
N GLN A 19 2.32 -2.90 -7.41
CA GLN A 19 1.47 -3.66 -8.30
C GLN A 19 0.36 -4.41 -7.59
N ARG A 20 0.78 -5.24 -6.60
CA ARG A 20 -0.04 -6.07 -5.74
C ARG A 20 -1.11 -5.26 -5.04
N LEU A 21 -0.71 -4.13 -4.42
CA LEU A 21 -1.57 -3.30 -3.61
C LEU A 21 -2.52 -2.45 -4.42
N LYS A 22 -2.21 -2.21 -5.71
CA LYS A 22 -3.00 -1.38 -6.61
C LYS A 22 -4.10 -2.20 -7.21
N ALA A 23 -3.92 -3.54 -7.22
CA ALA A 23 -4.93 -4.49 -7.65
C ALA A 23 -5.97 -4.59 -6.57
N GLU A 24 -5.51 -4.53 -5.29
CA GLU A 24 -6.38 -4.55 -4.14
C GLU A 24 -7.00 -3.20 -3.90
N PHE A 25 -6.38 -2.08 -4.34
CA PHE A 25 -6.92 -0.75 -4.13
C PHE A 25 -8.19 -0.57 -4.92
N GLN A 26 -8.23 -1.19 -6.12
CA GLN A 26 -9.33 -1.11 -7.04
C GLN A 26 -10.51 -1.90 -6.55
N THR A 27 -10.28 -3.17 -6.16
CA THR A 27 -11.33 -4.10 -5.83
C THR A 27 -11.78 -3.87 -4.42
N ASN A 28 -10.88 -4.17 -3.47
CA ASN A 28 -11.14 -4.24 -2.06
C ASN A 28 -10.39 -3.14 -1.39
N ARG A 29 -10.95 -1.90 -1.44
CA ARG A 29 -10.35 -0.69 -0.92
C ARG A 29 -10.22 -0.81 0.58
N TYR A 30 -11.35 -1.21 1.22
CA TYR A 30 -11.55 -1.20 2.63
C TYR A 30 -10.88 -2.40 3.21
N LEU A 31 -9.62 -2.19 3.64
CA LEU A 31 -8.83 -3.18 4.32
C LEU A 31 -9.26 -3.21 5.75
N THR A 32 -9.03 -4.39 6.37
CA THR A 32 -9.16 -4.62 7.79
C THR A 32 -7.75 -4.66 8.29
N GLU A 33 -7.55 -4.75 9.62
CA GLU A 33 -6.23 -4.93 10.19
C GLU A 33 -5.77 -6.35 9.95
N GLN A 34 -6.73 -7.28 9.75
CA GLN A 34 -6.51 -8.70 9.59
C GLN A 34 -6.00 -8.98 8.20
N ARG A 35 -6.65 -8.37 7.18
CA ARG A 35 -6.25 -8.44 5.80
C ARG A 35 -4.92 -7.80 5.63
N ARG A 36 -4.75 -6.60 6.21
CA ARG A 36 -3.61 -5.74 6.06
C ARG A 36 -2.32 -6.35 6.57
N GLN A 37 -2.41 -7.16 7.65
CA GLN A 37 -1.24 -7.79 8.22
C GLN A 37 -0.96 -9.11 7.54
N SER A 38 -1.86 -9.54 6.61
CA SER A 38 -1.60 -10.69 5.78
C SER A 38 -0.81 -10.21 4.60
N LEU A 39 -1.02 -8.92 4.19
CA LEU A 39 -0.30 -8.28 3.12
C LEU A 39 1.08 -7.93 3.62
N ALA A 40 1.22 -7.80 4.96
CA ALA A 40 2.47 -7.55 5.64
C ALA A 40 3.34 -8.76 5.64
N GLN A 41 2.71 -9.96 5.53
CA GLN A 41 3.40 -11.23 5.48
C GLN A 41 3.98 -11.38 4.09
N GLU A 42 3.22 -10.94 3.05
CA GLU A 42 3.54 -11.24 1.67
C GLU A 42 4.75 -10.53 1.16
N LEU A 43 4.63 -9.21 1.01
CA LEU A 43 5.62 -8.34 0.42
C LEU A 43 6.74 -8.17 1.40
N GLY A 44 6.39 -8.27 2.69
CA GLY A 44 7.31 -8.28 3.79
C GLY A 44 7.26 -6.94 4.43
N LEU A 45 6.05 -6.34 4.41
CA LEU A 45 5.83 -5.01 4.95
C LEU A 45 5.39 -5.16 6.38
N ASN A 46 4.78 -4.08 6.94
CA ASN A 46 4.16 -4.08 8.25
C ASN A 46 2.73 -3.72 7.97
N GLU A 47 1.95 -3.43 9.04
CA GLU A 47 0.63 -2.87 8.93
C GLU A 47 0.77 -1.42 8.56
N SER A 48 1.71 -0.76 9.26
CA SER A 48 1.95 0.66 9.29
C SER A 48 2.28 1.26 7.95
N GLN A 49 3.02 0.51 7.11
CA GLN A 49 3.44 0.92 5.79
C GLN A 49 2.26 1.03 4.86
N ILE A 50 1.29 0.10 5.00
CA ILE A 50 0.16 -0.08 4.12
C ILE A 50 -0.99 0.80 4.57
N LYS A 51 -0.99 1.26 5.85
CA LYS A 51 -1.96 2.20 6.37
C LYS A 51 -1.78 3.53 5.68
N ILE A 52 -0.49 3.97 5.56
CA ILE A 52 -0.05 5.17 4.94
C ILE A 52 -0.35 5.13 3.47
N TRP A 53 -0.01 4.00 2.82
CA TRP A 53 -0.13 3.78 1.40
C TRP A 53 -1.55 3.88 0.90
N PHE A 54 -2.54 3.31 1.64
CA PHE A 54 -3.93 3.29 1.22
C PHE A 54 -4.56 4.66 1.38
N GLN A 55 -4.03 5.51 2.31
CA GLN A 55 -4.50 6.85 2.54
C GLN A 55 -3.96 7.80 1.50
N ASN A 56 -2.77 7.49 0.94
CA ASN A 56 -2.08 8.28 -0.06
C ASN A 56 -2.78 8.18 -1.39
N LYS A 57 -3.26 6.97 -1.72
CA LYS A 57 -3.89 6.62 -2.99
C LYS A 57 -5.28 7.16 -3.15
N ARG A 58 -5.79 7.80 -2.08
CA ARG A 58 -7.09 8.46 -2.06
C ARG A 58 -6.99 9.77 -2.78
N ALA A 59 -5.83 10.46 -2.62
CA ALA A 59 -5.54 11.71 -3.27
C ALA A 59 -4.98 11.41 -4.64
N LYS A 60 -3.63 11.37 -4.77
CA LYS A 60 -2.96 11.08 -6.02
C LYS A 60 -2.36 9.71 -5.88
N ILE A 61 -1.04 9.65 -5.58
CA ILE A 61 -0.30 8.46 -5.28
C ILE A 61 0.38 8.88 -3.99
N LYS A 62 1.63 8.42 -3.75
CA LYS A 62 2.45 8.80 -2.63
C LYS A 62 3.17 10.09 -2.94
N LYS A 63 2.99 10.62 -4.18
CA LYS A 63 3.57 11.86 -4.64
C LYS A 63 2.83 13.01 -4.03
N ALA A 64 3.56 14.14 -3.82
CA ALA A 64 3.00 15.35 -3.31
C ALA A 64 3.99 16.40 -3.73
N THR A 65 4.00 16.70 -5.05
CA THR A 65 4.96 17.58 -5.66
C THR A 65 4.49 19.00 -5.54
N GLN A 66 5.47 19.94 -5.51
CA GLN A 66 5.24 21.36 -5.43
C GLN A 66 5.70 21.94 -6.73
N ALA A 67 5.44 23.26 -6.92
CA ALA A 67 5.81 23.98 -8.12
C ALA A 67 7.23 24.54 -7.92
N GLY A 1 32.73 -10.48 -1.75
CA GLY A 1 33.39 -11.79 -1.99
C GLY A 1 32.39 -12.77 -2.51
N PRO A 2 31.57 -13.42 -1.68
CA PRO A 2 30.48 -14.28 -2.13
C PRO A 2 29.31 -13.45 -2.62
N MET A 3 29.34 -12.12 -2.36
CA MET A 3 28.34 -11.18 -2.72
C MET A 3 28.95 -10.29 -3.77
N ALA A 4 28.22 -9.23 -4.17
CA ALA A 4 28.72 -8.19 -5.04
C ALA A 4 29.33 -7.16 -4.13
N SER A 5 28.54 -6.12 -3.78
CA SER A 5 28.87 -5.14 -2.78
C SER A 5 27.96 -5.45 -1.62
N ASP A 6 27.85 -4.52 -0.64
CA ASP A 6 26.95 -4.65 0.48
C ASP A 6 25.59 -4.22 0.03
N LYS A 7 24.55 -4.96 0.48
CA LYS A 7 23.19 -4.74 0.08
C LYS A 7 22.53 -3.87 1.13
N ARG A 8 21.37 -3.28 0.77
CA ARG A 8 20.63 -2.39 1.62
C ARG A 8 19.35 -3.09 1.97
N PRO A 9 19.14 -3.63 3.19
CA PRO A 9 17.86 -4.18 3.60
C PRO A 9 16.91 -3.06 3.94
N ARG A 10 16.03 -2.70 2.96
CA ARG A 10 15.10 -1.61 3.11
C ARG A 10 13.76 -2.19 3.47
N THR A 11 12.88 -1.32 4.02
CA THR A 11 11.54 -1.64 4.42
C THR A 11 10.61 -1.35 3.26
N ALA A 12 11.08 -0.46 2.34
CA ALA A 12 10.26 0.18 1.34
C ALA A 12 9.87 -0.76 0.23
N PHE A 13 8.98 -0.26 -0.65
CA PHE A 13 8.34 -1.05 -1.67
C PHE A 13 9.26 -1.17 -2.85
N THR A 14 9.02 -2.22 -3.64
CA THR A 14 9.64 -2.45 -4.92
C THR A 14 8.52 -2.37 -5.91
N ALA A 15 8.80 -2.65 -7.21
CA ALA A 15 7.82 -2.64 -8.27
C ALA A 15 6.89 -3.82 -8.13
N GLU A 16 7.40 -4.92 -7.53
CA GLU A 16 6.70 -6.16 -7.32
C GLU A 16 5.67 -6.06 -6.23
N GLN A 17 5.88 -5.11 -5.28
CA GLN A 17 4.97 -4.91 -4.19
C GLN A 17 3.85 -4.02 -4.64
N LEU A 18 4.20 -2.87 -5.26
CA LEU A 18 3.30 -1.83 -5.68
C LEU A 18 2.23 -2.32 -6.62
N GLN A 19 2.57 -3.19 -7.61
CA GLN A 19 1.68 -3.67 -8.63
C GLN A 19 0.55 -4.51 -8.10
N ARG A 20 0.83 -5.26 -7.01
CA ARG A 20 -0.11 -6.11 -6.32
C ARG A 20 -1.15 -5.26 -5.63
N LEU A 21 -0.72 -4.18 -4.97
CA LEU A 21 -1.53 -3.30 -4.16
C LEU A 21 -2.46 -2.45 -4.99
N LYS A 22 -2.08 -2.22 -6.27
CA LYS A 22 -2.84 -1.45 -7.23
C LYS A 22 -3.93 -2.28 -7.83
N ALA A 23 -3.78 -3.63 -7.80
CA ALA A 23 -4.79 -4.56 -8.23
C ALA A 23 -5.82 -4.73 -7.15
N GLU A 24 -5.38 -4.69 -5.87
CA GLU A 24 -6.21 -4.81 -4.71
C GLU A 24 -7.03 -3.56 -4.52
N PHE A 25 -6.45 -2.38 -4.88
CA PHE A 25 -7.00 -1.04 -4.74
C PHE A 25 -8.41 -0.90 -5.27
N GLN A 26 -8.77 -1.68 -6.32
CA GLN A 26 -10.06 -1.66 -6.94
C GLN A 26 -11.14 -2.14 -6.01
N THR A 27 -11.03 -3.41 -5.53
CA THR A 27 -12.04 -4.04 -4.73
C THR A 27 -11.85 -3.64 -3.30
N ASN A 28 -10.73 -4.09 -2.71
CA ASN A 28 -10.41 -4.00 -1.32
C ASN A 28 -9.39 -2.91 -1.16
N ARG A 29 -9.87 -1.71 -0.79
CA ARG A 29 -9.07 -0.53 -0.63
C ARG A 29 -8.65 -0.48 0.80
N TYR A 30 -9.61 -0.18 1.70
CA TYR A 30 -9.44 -0.21 3.11
C TYR A 30 -9.87 -1.58 3.53
N LEU A 31 -8.88 -2.50 3.43
CA LEU A 31 -8.90 -3.86 3.94
C LEU A 31 -9.10 -3.87 5.45
N THR A 32 -9.17 -5.09 6.01
CA THR A 32 -9.37 -5.35 7.41
C THR A 32 -8.04 -5.24 8.10
N GLU A 33 -8.05 -5.36 9.44
CA GLU A 33 -6.85 -5.34 10.24
C GLU A 33 -6.09 -6.63 10.10
N GLN A 34 -6.76 -7.69 9.58
CA GLN A 34 -6.21 -9.02 9.45
C GLN A 34 -5.64 -9.23 8.06
N ARG A 35 -6.30 -8.65 7.04
CA ARG A 35 -5.97 -8.83 5.65
C ARG A 35 -4.87 -7.90 5.26
N ARG A 36 -4.87 -6.69 5.87
CA ARG A 36 -3.83 -5.70 5.72
C ARG A 36 -2.53 -6.25 6.27
N GLN A 37 -2.67 -6.98 7.39
CA GLN A 37 -1.61 -7.67 8.08
C GLN A 37 -1.07 -8.81 7.27
N SER A 38 -1.90 -9.36 6.36
CA SER A 38 -1.51 -10.47 5.53
C SER A 38 -0.68 -10.00 4.36
N LEU A 39 -0.90 -8.75 3.89
CA LEU A 39 -0.10 -8.18 2.82
C LEU A 39 1.25 -7.84 3.38
N ALA A 40 1.26 -7.52 4.70
CA ALA A 40 2.42 -7.24 5.50
C ALA A 40 3.20 -8.49 5.80
N GLN A 41 2.56 -9.68 5.80
CA GLN A 41 3.25 -10.92 6.04
C GLN A 41 3.98 -11.36 4.79
N GLU A 42 3.40 -11.04 3.61
CA GLU A 42 3.80 -11.66 2.37
C GLU A 42 4.85 -10.89 1.65
N LEU A 43 4.55 -9.61 1.33
CA LEU A 43 5.46 -8.70 0.69
C LEU A 43 6.56 -8.37 1.65
N GLY A 44 6.19 -8.36 2.95
CA GLY A 44 7.13 -8.14 4.02
C GLY A 44 7.06 -6.68 4.37
N LEU A 45 5.82 -6.15 4.37
CA LEU A 45 5.55 -4.78 4.75
C LEU A 45 5.21 -4.75 6.22
N ASN A 46 4.75 -3.59 6.71
CA ASN A 46 4.16 -3.43 8.01
C ASN A 46 2.76 -2.97 7.72
N GLU A 47 1.89 -2.95 8.76
CA GLU A 47 0.53 -2.48 8.66
C GLU A 47 0.50 -0.99 8.51
N SER A 48 1.52 -0.35 9.13
CA SER A 48 1.73 1.08 9.18
C SER A 48 2.04 1.64 7.80
N GLN A 49 2.84 0.90 6.98
CA GLN A 49 3.24 1.32 5.67
C GLN A 49 2.10 1.28 4.68
N ILE A 50 1.19 0.31 4.87
CA ILE A 50 0.09 0.04 3.97
C ILE A 50 -1.05 0.98 4.29
N LYS A 51 -1.17 1.43 5.56
CA LYS A 51 -2.13 2.38 6.05
C LYS A 51 -1.98 3.68 5.32
N ILE A 52 -0.70 4.12 5.25
CA ILE A 52 -0.20 5.28 4.58
C ILE A 52 -0.47 5.19 3.10
N TRP A 53 -0.19 4.02 2.48
CA TRP A 53 -0.28 3.75 1.06
C TRP A 53 -1.67 3.97 0.51
N PHE A 54 -2.71 3.47 1.21
CA PHE A 54 -4.09 3.54 0.76
C PHE A 54 -4.64 4.93 0.96
N GLN A 55 -4.10 5.70 1.94
CA GLN A 55 -4.50 7.05 2.25
C GLN A 55 -3.83 8.05 1.34
N ASN A 56 -2.71 7.66 0.68
CA ASN A 56 -1.96 8.49 -0.25
C ASN A 56 -2.71 8.52 -1.54
N LYS A 57 -3.25 7.36 -1.96
CA LYS A 57 -4.07 7.21 -3.15
C LYS A 57 -5.37 7.96 -3.03
N ARG A 58 -5.96 8.00 -1.83
CA ARG A 58 -7.20 8.69 -1.56
C ARG A 58 -7.01 10.18 -1.49
N ALA A 59 -5.75 10.65 -1.28
CA ALA A 59 -5.42 12.05 -1.24
C ALA A 59 -5.35 12.62 -2.64
N LYS A 60 -4.97 11.77 -3.63
CA LYS A 60 -4.88 12.13 -5.03
C LYS A 60 -6.27 12.32 -5.61
N ILE A 61 -7.24 11.49 -5.13
CA ILE A 61 -8.62 11.56 -5.53
C ILE A 61 -9.22 12.77 -4.85
N LYS A 62 -10.00 13.55 -5.64
CA LYS A 62 -10.69 14.72 -5.17
C LYS A 62 -12.08 14.29 -4.86
N LYS A 63 -12.26 13.76 -3.62
CA LYS A 63 -13.54 13.33 -3.09
C LYS A 63 -14.32 14.53 -2.61
N ALA A 64 -15.42 14.28 -1.86
CA ALA A 64 -16.30 15.31 -1.34
C ALA A 64 -15.63 15.98 -0.18
N THR A 65 -15.64 15.32 1.01
CA THR A 65 -15.03 15.83 2.21
C THR A 65 -13.81 15.00 2.44
N GLN A 66 -12.62 15.63 2.38
CA GLN A 66 -11.35 15.00 2.62
C GLN A 66 -10.85 15.54 3.91
N ALA A 67 -10.59 16.87 3.96
CA ALA A 67 -10.15 17.56 5.15
C ALA A 67 -11.39 17.85 6.02
N GLY A 1 10.81 9.44 -12.66
CA GLY A 1 11.41 9.82 -11.36
C GLY A 1 12.60 10.70 -11.59
N PRO A 2 12.45 12.02 -11.74
CA PRO A 2 13.56 12.93 -11.98
C PRO A 2 14.30 13.23 -10.70
N MET A 3 13.77 12.77 -9.53
CA MET A 3 14.36 12.98 -8.24
C MET A 3 15.16 11.76 -7.90
N ALA A 4 16.05 11.88 -6.89
CA ALA A 4 16.86 10.79 -6.41
C ALA A 4 16.12 10.12 -5.29
N SER A 5 16.25 8.78 -5.21
CA SER A 5 15.62 7.97 -4.18
C SER A 5 16.73 7.44 -3.32
N ASP A 6 16.35 6.96 -2.11
CA ASP A 6 17.26 6.34 -1.17
C ASP A 6 17.24 4.86 -1.41
N LYS A 7 18.23 4.15 -0.83
CA LYS A 7 18.34 2.71 -0.91
C LYS A 7 18.19 2.17 0.49
N ARG A 8 17.49 2.93 1.35
CA ARG A 8 17.23 2.59 2.73
C ARG A 8 15.89 1.91 2.78
N PRO A 9 15.59 1.06 3.75
CA PRO A 9 14.27 0.46 3.92
C PRO A 9 13.33 1.46 4.57
N ARG A 10 12.68 2.32 3.75
CA ARG A 10 11.71 3.29 4.20
C ARG A 10 10.38 2.69 3.86
N THR A 11 9.41 3.54 3.42
CA THR A 11 8.14 3.11 2.87
C THR A 11 8.29 3.03 1.36
N ALA A 12 9.56 2.99 0.88
CA ALA A 12 9.92 2.85 -0.51
C ALA A 12 9.79 1.39 -0.85
N PHE A 13 8.83 1.08 -1.76
CA PHE A 13 8.47 -0.27 -2.15
C PHE A 13 9.15 -0.53 -3.46
N THR A 14 9.05 -1.78 -3.97
CA THR A 14 9.57 -2.15 -5.27
C THR A 14 8.41 -2.15 -6.22
N ALA A 15 8.66 -2.47 -7.51
CA ALA A 15 7.66 -2.44 -8.56
C ALA A 15 6.68 -3.57 -8.40
N GLU A 16 7.14 -4.72 -7.87
CA GLU A 16 6.36 -5.92 -7.68
C GLU A 16 5.45 -5.80 -6.49
N GLN A 17 5.80 -4.92 -5.53
CA GLN A 17 5.05 -4.69 -4.33
C GLN A 17 3.91 -3.75 -4.63
N LEU A 18 4.22 -2.61 -5.26
CA LEU A 18 3.30 -1.57 -5.68
C LEU A 18 2.16 -2.09 -6.52
N GLN A 19 2.46 -2.86 -7.59
CA GLN A 19 1.51 -3.31 -8.58
C GLN A 19 0.49 -4.27 -8.03
N ARG A 20 0.90 -5.03 -6.99
CA ARG A 20 0.10 -6.01 -6.30
C ARG A 20 -0.96 -5.33 -5.46
N LEU A 21 -0.60 -4.17 -4.87
CA LEU A 21 -1.50 -3.35 -4.10
C LEU A 21 -2.45 -2.59 -4.98
N LYS A 22 -2.04 -2.26 -6.23
CA LYS A 22 -2.85 -1.55 -7.19
C LYS A 22 -3.94 -2.45 -7.73
N ALA A 23 -3.66 -3.77 -7.76
CA ALA A 23 -4.57 -4.78 -8.24
C ALA A 23 -5.64 -5.06 -7.20
N GLU A 24 -5.25 -4.96 -5.91
CA GLU A 24 -6.12 -5.16 -4.77
C GLU A 24 -7.04 -3.99 -4.63
N PHE A 25 -6.51 -2.75 -4.83
CA PHE A 25 -7.16 -1.46 -4.70
C PHE A 25 -8.38 -1.33 -5.59
N GLN A 26 -8.41 -2.07 -6.74
CA GLN A 26 -9.48 -2.05 -7.70
C GLN A 26 -10.81 -2.44 -7.09
N THR A 27 -10.83 -3.59 -6.38
CA THR A 27 -12.03 -4.11 -5.76
C THR A 27 -12.14 -3.48 -4.40
N ASN A 28 -11.20 -3.85 -3.51
CA ASN A 28 -11.25 -3.58 -2.11
C ASN A 28 -10.11 -2.67 -1.77
N ARG A 29 -10.46 -1.45 -1.31
CA ARG A 29 -9.53 -0.52 -0.72
C ARG A 29 -9.43 -0.85 0.73
N TYR A 30 -10.61 -1.05 1.35
CA TYR A 30 -10.85 -1.02 2.75
C TYR A 30 -10.30 -2.27 3.38
N LEU A 31 -9.08 -2.12 3.94
CA LEU A 31 -8.38 -3.15 4.65
C LEU A 31 -8.99 -3.31 6.00
N THR A 32 -8.92 -4.55 6.50
CA THR A 32 -9.38 -4.94 7.81
C THR A 32 -8.15 -5.05 8.66
N GLU A 33 -8.33 -5.45 9.93
CA GLU A 33 -7.25 -5.72 10.84
C GLU A 33 -6.55 -7.00 10.44
N GLN A 34 -7.28 -7.87 9.69
CA GLN A 34 -6.82 -9.19 9.32
C GLN A 34 -6.11 -9.13 8.00
N ARG A 35 -6.72 -8.48 6.99
CA ARG A 35 -6.21 -8.35 5.64
C ARG A 35 -4.90 -7.62 5.63
N ARG A 36 -4.84 -6.50 6.38
CA ARG A 36 -3.72 -5.59 6.43
C ARG A 36 -2.51 -6.25 7.02
N GLN A 37 -2.76 -7.07 8.06
CA GLN A 37 -1.80 -7.86 8.76
C GLN A 37 -1.25 -8.95 7.88
N SER A 38 -2.04 -9.41 6.88
CA SER A 38 -1.63 -10.46 5.97
C SER A 38 -0.78 -9.89 4.87
N LEU A 39 -0.95 -8.58 4.55
CA LEU A 39 -0.17 -7.88 3.56
C LEU A 39 1.20 -7.60 4.13
N ALA A 40 1.30 -7.58 5.47
CA ALA A 40 2.53 -7.41 6.21
C ALA A 40 3.40 -8.63 6.11
N GLN A 41 2.80 -9.85 5.96
CA GLN A 41 3.57 -11.06 5.76
C GLN A 41 3.86 -11.23 4.28
N GLU A 42 3.07 -10.57 3.41
CA GLU A 42 3.03 -10.82 1.99
C GLU A 42 4.23 -10.26 1.28
N LEU A 43 4.27 -8.92 1.23
CA LEU A 43 5.30 -8.14 0.58
C LEU A 43 6.48 -8.11 1.49
N GLY A 44 6.20 -8.23 2.80
CA GLY A 44 7.18 -8.35 3.84
C GLY A 44 7.30 -6.99 4.47
N LEU A 45 6.15 -6.31 4.60
CA LEU A 45 6.08 -4.97 5.13
C LEU A 45 5.54 -5.05 6.54
N ASN A 46 4.95 -3.94 7.03
CA ASN A 46 4.23 -3.90 8.28
C ASN A 46 2.83 -3.54 7.88
N GLU A 47 1.97 -3.27 8.88
CA GLU A 47 0.63 -2.77 8.69
C GLU A 47 0.69 -1.32 8.30
N SER A 48 1.56 -0.60 9.02
CA SER A 48 1.67 0.84 9.08
C SER A 48 2.13 1.44 7.77
N GLN A 49 3.01 0.74 7.02
CA GLN A 49 3.60 1.23 5.81
C GLN A 49 2.60 1.27 4.68
N ILE A 50 1.68 0.29 4.66
CA ILE A 50 0.68 0.11 3.63
C ILE A 50 -0.54 0.94 3.98
N LYS A 51 -0.68 1.32 5.27
CA LYS A 51 -1.77 2.13 5.78
C LYS A 51 -1.65 3.52 5.21
N ILE A 52 -0.41 4.03 5.21
CA ILE A 52 0.05 5.27 4.64
C ILE A 52 -0.18 5.27 3.16
N TRP A 53 0.16 4.16 2.49
CA TRP A 53 0.04 3.94 1.06
C TRP A 53 -1.39 4.07 0.57
N PHE A 54 -2.38 3.54 1.35
CA PHE A 54 -3.77 3.54 0.96
C PHE A 54 -4.39 4.90 1.18
N GLN A 55 -3.84 5.72 2.12
CA GLN A 55 -4.30 7.06 2.39
C GLN A 55 -3.69 8.04 1.43
N ASN A 56 -2.59 7.66 0.73
CA ASN A 56 -1.96 8.44 -0.31
C ASN A 56 -2.75 8.28 -1.58
N LYS A 57 -3.28 7.06 -1.80
CA LYS A 57 -4.13 6.70 -2.91
C LYS A 57 -5.54 7.23 -2.74
N ARG A 58 -5.89 7.73 -1.54
CA ARG A 58 -7.11 8.48 -1.31
C ARG A 58 -6.85 9.93 -1.63
N ALA A 59 -5.64 10.40 -1.27
CA ALA A 59 -5.24 11.79 -1.34
C ALA A 59 -4.61 12.12 -2.66
N LYS A 60 -5.07 11.48 -3.78
CA LYS A 60 -4.70 11.84 -5.12
C LYS A 60 -5.34 13.16 -5.45
N ILE A 61 -6.68 13.22 -5.28
CA ILE A 61 -7.52 14.34 -5.59
C ILE A 61 -7.50 15.30 -4.43
N LYS A 62 -7.83 16.57 -4.73
CA LYS A 62 -7.79 17.66 -3.78
C LYS A 62 -9.18 18.20 -3.66
N LYS A 63 -9.75 18.81 -4.73
CA LYS A 63 -11.08 19.37 -4.74
C LYS A 63 -11.99 18.30 -5.31
N ALA A 64 -12.96 18.71 -6.18
CA ALA A 64 -13.87 17.82 -6.85
C ALA A 64 -13.22 17.35 -8.11
N THR A 65 -12.54 18.28 -8.81
CA THR A 65 -11.71 18.02 -9.96
C THR A 65 -10.31 18.07 -9.42
N GLN A 66 -9.40 17.23 -9.97
CA GLN A 66 -8.01 17.20 -9.60
C GLN A 66 -7.32 18.31 -10.38
N ALA A 67 -6.81 17.99 -11.58
CA ALA A 67 -6.12 18.91 -12.46
C ALA A 67 -4.83 19.44 -11.79
N GLY A 1 15.64 -1.79 -16.13
CA GLY A 1 15.79 -3.13 -15.51
C GLY A 1 15.85 -4.21 -16.55
N PRO A 2 15.46 -5.46 -16.24
CA PRO A 2 15.38 -6.53 -17.21
C PRO A 2 14.15 -6.37 -18.07
N MET A 3 13.24 -5.45 -17.69
CA MET A 3 12.08 -5.09 -18.45
C MET A 3 11.99 -3.60 -18.26
N ALA A 4 10.75 -3.06 -18.19
CA ALA A 4 10.47 -1.67 -17.97
C ALA A 4 10.87 -1.28 -16.56
N SER A 5 10.40 -2.07 -15.59
CA SER A 5 10.69 -1.89 -14.18
C SER A 5 11.90 -2.71 -13.84
N ASP A 6 12.59 -2.31 -12.75
CA ASP A 6 13.72 -3.01 -12.19
C ASP A 6 13.23 -3.63 -10.92
N LYS A 7 13.86 -4.77 -10.54
CA LYS A 7 13.53 -5.51 -9.36
C LYS A 7 14.80 -5.53 -8.56
N ARG A 8 14.77 -4.87 -7.37
CA ARG A 8 15.90 -4.80 -6.49
C ARG A 8 15.32 -4.55 -5.13
N PRO A 9 15.99 -4.85 -4.02
CA PRO A 9 15.54 -4.49 -2.69
C PRO A 9 15.76 -3.00 -2.47
N ARG A 10 14.65 -2.22 -2.44
CA ARG A 10 14.69 -0.79 -2.26
C ARG A 10 14.48 -0.49 -0.80
N THR A 11 14.53 0.81 -0.44
CA THR A 11 14.35 1.32 0.91
C THR A 11 12.88 1.35 1.23
N ALA A 12 12.07 1.66 0.20
CA ALA A 12 10.63 1.75 0.28
C ALA A 12 10.11 0.46 -0.26
N PHE A 13 9.08 0.56 -1.13
CA PHE A 13 8.49 -0.55 -1.82
C PHE A 13 9.33 -0.81 -3.02
N THR A 14 9.18 -2.03 -3.58
CA THR A 14 9.83 -2.45 -4.80
C THR A 14 8.79 -2.34 -5.87
N ALA A 15 9.13 -2.69 -7.13
CA ALA A 15 8.24 -2.60 -8.25
C ALA A 15 7.14 -3.62 -8.17
N GLU A 16 7.47 -4.80 -7.61
CA GLU A 16 6.60 -5.94 -7.49
C GLU A 16 5.62 -5.79 -6.37
N GLN A 17 5.97 -4.98 -5.35
CA GLN A 17 5.13 -4.76 -4.20
C GLN A 17 4.09 -3.74 -4.53
N LEU A 18 4.48 -2.63 -5.22
CA LEU A 18 3.63 -1.56 -5.65
C LEU A 18 2.47 -2.04 -6.49
N GLN A 19 2.75 -2.80 -7.58
CA GLN A 19 1.78 -3.21 -8.59
C GLN A 19 0.75 -4.16 -8.07
N ARG A 20 1.13 -4.96 -7.05
CA ARG A 20 0.30 -5.91 -6.36
C ARG A 20 -0.79 -5.19 -5.58
N LEU A 21 -0.43 -4.05 -4.94
CA LEU A 21 -1.34 -3.26 -4.14
C LEU A 21 -2.25 -2.42 -4.98
N LYS A 22 -1.88 -2.13 -6.26
CA LYS A 22 -2.70 -1.39 -7.18
C LYS A 22 -3.88 -2.24 -7.59
N ALA A 23 -3.66 -3.57 -7.66
CA ALA A 23 -4.64 -4.55 -8.04
C ALA A 23 -5.53 -4.88 -6.87
N GLU A 24 -5.02 -4.69 -5.63
CA GLU A 24 -5.76 -4.97 -4.41
C GLU A 24 -6.70 -3.83 -4.15
N PHE A 25 -6.21 -2.58 -4.31
CA PHE A 25 -6.94 -1.35 -4.05
C PHE A 25 -7.64 -0.87 -5.30
N GLN A 26 -8.02 -1.83 -6.14
CA GLN A 26 -8.73 -1.65 -7.37
C GLN A 26 -10.19 -1.78 -7.03
N THR A 27 -10.57 -2.99 -6.54
CA THR A 27 -11.93 -3.35 -6.23
C THR A 27 -12.20 -2.90 -4.84
N ASN A 28 -11.41 -3.43 -3.89
CA ASN A 28 -11.61 -3.28 -2.48
C ASN A 28 -11.03 -1.99 -2.01
N ARG A 29 -11.92 -1.05 -1.63
CA ARG A 29 -11.58 0.16 -0.93
C ARG A 29 -11.80 -0.10 0.53
N TYR A 30 -12.68 -1.10 0.79
CA TYR A 30 -13.05 -1.59 2.08
C TYR A 30 -12.02 -2.62 2.49
N LEU A 31 -10.78 -2.15 2.69
CA LEU A 31 -9.62 -2.93 3.04
C LEU A 31 -9.46 -2.74 4.51
N THR A 32 -9.32 -3.87 5.27
CA THR A 32 -9.35 -3.83 6.71
C THR A 32 -7.95 -3.74 7.18
N GLU A 33 -7.77 -3.20 8.41
CA GLU A 33 -6.49 -3.13 9.10
C GLU A 33 -6.08 -4.49 9.62
N GLN A 34 -7.03 -5.47 9.58
CA GLN A 34 -6.82 -6.82 10.05
C GLN A 34 -6.16 -7.58 8.94
N ARG A 35 -6.69 -7.47 7.70
CA ARG A 35 -6.19 -8.21 6.56
C ARG A 35 -5.00 -7.53 5.97
N ARG A 36 -4.88 -6.21 6.22
CA ARG A 36 -3.68 -5.42 5.95
C ARG A 36 -2.42 -5.98 6.57
N GLN A 37 -2.57 -6.80 7.64
CA GLN A 37 -1.44 -7.32 8.39
C GLN A 37 -0.95 -8.60 7.78
N SER A 38 -1.74 -9.14 6.82
CA SER A 38 -1.45 -10.36 6.10
C SER A 38 -0.81 -9.94 4.80
N LEU A 39 -1.09 -8.69 4.36
CA LEU A 39 -0.43 -8.07 3.23
C LEU A 39 0.99 -7.75 3.66
N ALA A 40 1.15 -7.52 4.98
CA ALA A 40 2.43 -7.29 5.61
C ALA A 40 3.23 -8.56 5.71
N GLN A 41 2.57 -9.74 5.79
CA GLN A 41 3.29 -10.99 5.85
C GLN A 41 3.86 -11.36 4.50
N GLU A 42 3.15 -10.98 3.42
CA GLU A 42 3.40 -11.53 2.10
C GLU A 42 4.47 -10.81 1.37
N LEU A 43 4.38 -9.48 1.32
CA LEU A 43 5.37 -8.63 0.72
C LEU A 43 6.59 -8.60 1.62
N GLY A 44 6.32 -8.77 2.93
CA GLY A 44 7.32 -8.89 3.95
C GLY A 44 7.59 -7.52 4.50
N LEU A 45 6.50 -6.72 4.58
CA LEU A 45 6.54 -5.36 5.08
C LEU A 45 6.01 -5.39 6.49
N ASN A 46 5.68 -4.19 7.02
CA ASN A 46 4.97 -4.04 8.27
C ASN A 46 3.58 -3.63 7.88
N GLU A 47 2.70 -3.39 8.87
CA GLU A 47 1.37 -2.91 8.66
C GLU A 47 1.42 -1.47 8.27
N SER A 48 2.35 -0.75 8.94
CA SER A 48 2.53 0.68 8.93
C SER A 48 2.97 1.20 7.58
N GLN A 49 3.74 0.41 6.80
CA GLN A 49 4.28 0.80 5.52
C GLN A 49 3.16 0.92 4.51
N ILE A 50 2.28 -0.10 4.50
CA ILE A 50 1.20 -0.24 3.55
C ILE A 50 0.04 0.63 3.99
N LYS A 51 0.01 1.04 5.28
CA LYS A 51 -1.03 1.86 5.86
C LYS A 51 -1.04 3.21 5.23
N ILE A 52 0.18 3.79 5.15
CA ILE A 52 0.53 5.04 4.54
C ILE A 52 0.17 5.02 3.08
N TRP A 53 0.52 3.91 2.40
CA TRP A 53 0.28 3.67 0.98
C TRP A 53 -1.19 3.70 0.65
N PHE A 54 -2.06 3.10 1.48
CA PHE A 54 -3.48 3.03 1.23
C PHE A 54 -4.14 4.35 1.52
N GLN A 55 -3.60 5.15 2.47
CA GLN A 55 -4.11 6.46 2.82
C GLN A 55 -3.76 7.48 1.78
N ASN A 56 -2.72 7.21 0.95
CA ASN A 56 -2.33 8.03 -0.17
C ASN A 56 -3.32 7.86 -1.29
N LYS A 57 -3.74 6.59 -1.55
CA LYS A 57 -4.75 6.25 -2.55
C LYS A 57 -6.10 6.84 -2.24
N ARG A 58 -6.43 6.87 -0.92
CA ARG A 58 -7.68 7.36 -0.39
C ARG A 58 -7.75 8.86 -0.44
N ALA A 59 -6.59 9.54 -0.54
CA ALA A 59 -6.49 10.97 -0.64
C ALA A 59 -6.80 11.43 -2.05
N LYS A 60 -6.49 10.57 -3.06
CA LYS A 60 -6.70 10.86 -4.46
C LYS A 60 -8.17 10.83 -4.77
N ILE A 61 -8.82 9.68 -4.47
CA ILE A 61 -10.22 9.44 -4.70
C ILE A 61 -11.03 10.20 -3.68
N LYS A 62 -12.27 10.56 -4.05
CA LYS A 62 -13.17 11.31 -3.22
C LYS A 62 -14.52 10.65 -3.30
N LYS A 63 -14.86 10.04 -4.46
CA LYS A 63 -16.12 9.36 -4.65
C LYS A 63 -15.89 7.90 -4.33
N ALA A 64 -16.77 7.03 -4.86
CA ALA A 64 -16.64 5.58 -4.78
C ALA A 64 -16.00 5.13 -6.06
N THR A 65 -16.44 5.73 -7.19
CA THR A 65 -16.05 5.37 -8.52
C THR A 65 -14.71 6.03 -8.84
N GLN A 66 -14.71 7.28 -9.38
CA GLN A 66 -13.53 7.96 -9.84
C GLN A 66 -13.16 9.00 -8.83
N ALA A 67 -12.06 9.74 -9.12
CA ALA A 67 -11.67 10.91 -8.37
C ALA A 67 -12.35 12.11 -9.05
N GLY A 1 8.58 -12.30 4.94
CA GLY A 1 8.69 -11.15 5.86
C GLY A 1 9.52 -10.04 5.26
N PRO A 2 9.67 -8.93 5.98
CA PRO A 2 10.29 -7.72 5.45
C PRO A 2 11.79 -7.84 5.37
N MET A 3 12.40 -8.81 6.11
CA MET A 3 13.82 -9.03 6.08
C MET A 3 14.04 -10.30 5.32
N ALA A 4 15.15 -10.36 4.58
CA ALA A 4 15.52 -11.52 3.79
C ALA A 4 17.02 -11.41 3.68
N SER A 5 17.54 -11.33 2.44
CA SER A 5 18.95 -11.08 2.15
C SER A 5 19.05 -9.62 1.75
N ASP A 6 18.05 -8.81 2.15
CA ASP A 6 17.96 -7.41 1.88
C ASP A 6 17.36 -6.82 3.12
N LYS A 7 17.26 -5.48 3.18
CA LYS A 7 16.67 -4.75 4.29
C LYS A 7 15.19 -4.64 4.04
N ARG A 8 14.49 -3.93 4.93
CA ARG A 8 13.06 -3.72 4.85
C ARG A 8 12.81 -2.51 3.99
N PRO A 9 11.67 -2.37 3.32
CA PRO A 9 11.25 -1.12 2.71
C PRO A 9 10.76 -0.20 3.80
N ARG A 10 10.66 1.12 3.51
CA ARG A 10 10.20 2.10 4.46
C ARG A 10 9.19 2.90 3.71
N THR A 11 9.66 3.88 2.90
CA THR A 11 8.82 4.74 2.10
C THR A 11 8.69 4.08 0.76
N ALA A 12 9.84 3.81 0.12
CA ALA A 12 9.94 3.27 -1.21
C ALA A 12 9.70 1.79 -1.15
N PHE A 13 8.74 1.32 -1.96
CA PHE A 13 8.36 -0.07 -2.10
C PHE A 13 9.06 -0.54 -3.35
N THR A 14 8.84 -1.81 -3.76
CA THR A 14 9.37 -2.32 -5.01
C THR A 14 8.18 -2.58 -5.89
N ALA A 15 8.44 -3.00 -7.14
CA ALA A 15 7.43 -3.24 -8.15
C ALA A 15 6.62 -4.49 -7.86
N GLU A 16 7.22 -5.43 -7.08
CA GLU A 16 6.63 -6.68 -6.70
C GLU A 16 5.64 -6.47 -5.59
N GLN A 17 5.82 -5.39 -4.80
CA GLN A 17 4.96 -5.04 -3.70
C GLN A 17 3.75 -4.32 -4.24
N LEU A 18 3.99 -3.27 -5.04
CA LEU A 18 3.02 -2.44 -5.72
C LEU A 18 2.17 -3.21 -6.71
N GLN A 19 2.59 -4.42 -7.14
CA GLN A 19 1.85 -5.32 -8.01
C GLN A 19 0.54 -5.68 -7.39
N ARG A 20 0.62 -6.30 -6.19
CA ARG A 20 -0.47 -6.77 -5.38
C ARG A 20 -1.40 -5.67 -4.93
N LEU A 21 -0.81 -4.53 -4.48
CA LEU A 21 -1.52 -3.46 -3.81
C LEU A 21 -2.42 -2.71 -4.75
N LYS A 22 -1.98 -2.52 -6.01
CA LYS A 22 -2.75 -1.80 -7.01
C LYS A 22 -3.84 -2.67 -7.56
N ALA A 23 -3.60 -4.00 -7.56
CA ALA A 23 -4.51 -4.98 -8.08
C ALA A 23 -5.63 -5.29 -7.13
N GLU A 24 -5.44 -5.00 -5.81
CA GLU A 24 -6.49 -5.20 -4.83
C GLU A 24 -7.25 -3.91 -4.67
N PHE A 25 -6.56 -2.74 -4.80
CA PHE A 25 -7.09 -1.41 -4.56
C PHE A 25 -8.19 -1.06 -5.53
N GLN A 26 -8.14 -1.59 -6.77
CA GLN A 26 -9.05 -1.25 -7.83
C GLN A 26 -10.50 -1.55 -7.50
N THR A 27 -10.79 -2.79 -7.08
CA THR A 27 -12.13 -3.23 -6.77
C THR A 27 -12.40 -2.86 -5.35
N ASN A 28 -11.45 -3.22 -4.47
CA ASN A 28 -11.59 -3.18 -3.05
C ASN A 28 -10.59 -2.22 -2.50
N ARG A 29 -11.02 -0.97 -2.27
CA ARG A 29 -10.18 0.07 -1.74
C ARG A 29 -9.94 -0.13 -0.29
N TYR A 30 -11.05 -0.20 0.49
CA TYR A 30 -11.03 -0.17 1.92
C TYR A 30 -10.49 -1.45 2.47
N LEU A 31 -9.20 -1.36 2.87
CA LEU A 31 -8.38 -2.40 3.42
C LEU A 31 -8.79 -2.63 4.84
N THR A 32 -8.69 -3.90 5.28
CA THR A 32 -9.00 -4.28 6.64
C THR A 32 -7.70 -4.35 7.37
N GLU A 33 -7.74 -4.18 8.71
CA GLU A 33 -6.60 -4.30 9.58
C GLU A 33 -6.18 -5.74 9.74
N GLN A 34 -7.05 -6.68 9.28
CA GLN A 34 -6.84 -8.10 9.39
C GLN A 34 -6.03 -8.52 8.20
N ARG A 35 -6.39 -8.07 6.99
CA ARG A 35 -5.72 -8.50 5.79
C ARG A 35 -4.47 -7.73 5.56
N ARG A 36 -4.45 -6.48 6.07
CA ARG A 36 -3.29 -5.61 6.09
C ARG A 36 -2.07 -6.25 6.67
N GLN A 37 -2.31 -7.15 7.65
CA GLN A 37 -1.25 -7.72 8.45
C GLN A 37 -0.67 -8.91 7.74
N SER A 38 -1.45 -9.46 6.79
CA SER A 38 -1.09 -10.60 5.99
C SER A 38 -0.36 -10.12 4.77
N LEU A 39 -0.58 -8.85 4.36
CA LEU A 39 0.13 -8.23 3.27
C LEU A 39 1.51 -7.87 3.76
N ALA A 40 1.62 -7.64 5.09
CA ALA A 40 2.86 -7.32 5.76
C ALA A 40 3.76 -8.53 5.84
N GLN A 41 3.16 -9.74 5.90
CA GLN A 41 3.90 -10.98 5.92
C GLN A 41 4.30 -11.36 4.51
N GLU A 42 3.49 -10.94 3.52
CA GLU A 42 3.54 -11.46 2.17
C GLU A 42 4.57 -10.79 1.33
N LEU A 43 4.30 -9.50 1.04
CA LEU A 43 5.09 -8.65 0.18
C LEU A 43 6.35 -8.31 0.92
N GLY A 44 6.23 -8.31 2.25
CA GLY A 44 7.32 -8.06 3.15
C GLY A 44 7.26 -6.61 3.50
N LEU A 45 6.06 -6.15 3.87
CA LEU A 45 5.83 -4.80 4.32
C LEU A 45 5.73 -4.84 5.83
N ASN A 46 5.30 -3.72 6.45
CA ASN A 46 4.94 -3.66 7.83
C ASN A 46 3.53 -3.15 7.78
N GLU A 47 2.86 -3.05 8.95
CA GLU A 47 1.50 -2.56 9.06
C GLU A 47 1.48 -1.08 8.84
N SER A 48 2.55 -0.43 9.32
CA SER A 48 2.74 1.00 9.37
C SER A 48 2.92 1.59 8.00
N GLN A 49 3.54 0.83 7.07
CA GLN A 49 3.83 1.26 5.73
C GLN A 49 2.58 1.27 4.88
N ILE A 50 1.68 0.29 5.12
CA ILE A 50 0.48 0.06 4.36
C ILE A 50 -0.58 1.02 4.82
N LYS A 51 -0.51 1.45 6.11
CA LYS A 51 -1.40 2.40 6.76
C LYS A 51 -1.44 3.69 5.99
N ILE A 52 -0.22 4.17 5.64
CA ILE A 52 0.07 5.36 4.89
C ILE A 52 -0.45 5.24 3.47
N TRP A 53 -0.09 4.13 2.80
CA TRP A 53 -0.29 3.89 1.38
C TRP A 53 -1.73 4.02 0.94
N PHE A 54 -2.68 3.37 1.67
CA PHE A 54 -4.07 3.26 1.27
C PHE A 54 -4.81 4.55 1.46
N GLN A 55 -4.42 5.36 2.47
CA GLN A 55 -5.03 6.64 2.76
C GLN A 55 -4.66 7.67 1.74
N ASN A 56 -3.41 7.61 1.24
CA ASN A 56 -2.83 8.54 0.30
C ASN A 56 -3.47 8.40 -1.05
N LYS A 57 -3.73 7.14 -1.47
CA LYS A 57 -4.28 6.78 -2.77
C LYS A 57 -5.68 7.27 -2.96
N ARG A 58 -6.50 7.16 -1.91
CA ARG A 58 -7.86 7.66 -1.88
C ARG A 58 -7.88 9.16 -1.84
N ALA A 59 -7.20 9.73 -0.82
CA ALA A 59 -7.22 11.13 -0.48
C ALA A 59 -6.10 11.92 -1.14
N LYS A 60 -5.80 11.64 -2.44
CA LYS A 60 -4.81 12.36 -3.22
C LYS A 60 -5.09 13.84 -3.26
N ILE A 61 -6.27 14.23 -3.79
CA ILE A 61 -6.70 15.59 -3.91
C ILE A 61 -7.21 16.08 -2.58
N LYS A 62 -7.10 17.41 -2.39
CA LYS A 62 -7.51 18.09 -1.18
C LYS A 62 -8.04 19.44 -1.62
N LYS A 63 -7.56 19.92 -2.78
CA LYS A 63 -7.88 21.21 -3.35
C LYS A 63 -9.06 21.05 -4.27
N ALA A 64 -9.46 22.16 -4.93
CA ALA A 64 -10.64 22.23 -5.74
C ALA A 64 -10.33 21.76 -7.14
N THR A 65 -9.45 22.50 -7.85
CA THR A 65 -9.09 22.26 -9.22
C THR A 65 -8.05 21.15 -9.27
N GLN A 66 -7.66 20.70 -10.48
CA GLN A 66 -6.67 19.67 -10.67
C GLN A 66 -5.33 20.34 -10.67
N ALA A 67 -4.98 21.01 -11.79
CA ALA A 67 -3.75 21.74 -11.94
C ALA A 67 -3.98 23.16 -11.41
N GLY A 1 9.26 -2.29 5.45
CA GLY A 1 8.88 -3.18 4.35
C GLY A 1 9.63 -2.85 3.10
N PRO A 2 10.87 -3.30 2.93
CA PRO A 2 11.73 -2.84 1.86
C PRO A 2 11.35 -3.46 0.54
N MET A 3 11.28 -4.82 0.46
CA MET A 3 11.09 -5.53 -0.77
C MET A 3 10.46 -6.84 -0.40
N ALA A 4 10.57 -7.86 -1.30
CA ALA A 4 10.00 -9.18 -1.16
C ALA A 4 10.48 -9.88 0.08
N SER A 5 11.80 -9.90 0.26
CA SER A 5 12.46 -10.39 1.45
C SER A 5 12.48 -9.26 2.44
N ASP A 6 12.21 -9.58 3.73
CA ASP A 6 12.14 -8.61 4.79
C ASP A 6 13.53 -8.43 5.32
N LYS A 7 14.07 -7.20 5.19
CA LYS A 7 15.35 -6.79 5.69
C LYS A 7 15.04 -5.78 6.74
N ARG A 8 15.78 -4.65 6.73
CA ARG A 8 15.57 -3.52 7.60
C ARG A 8 14.30 -2.83 7.16
N PRO A 9 13.42 -2.34 8.03
CA PRO A 9 12.13 -1.78 7.65
C PRO A 9 12.33 -0.40 7.05
N ARG A 10 12.27 -0.32 5.69
CA ARG A 10 12.46 0.91 4.97
C ARG A 10 11.09 1.37 4.55
N THR A 11 10.98 2.67 4.21
CA THR A 11 9.75 3.31 3.81
C THR A 11 9.49 3.01 2.35
N ALA A 12 10.58 2.71 1.59
CA ALA A 12 10.53 2.52 0.16
C ALA A 12 9.98 1.17 -0.15
N PHE A 13 9.13 1.13 -1.21
CA PHE A 13 8.53 -0.08 -1.73
C PHE A 13 9.37 -0.42 -2.95
N THR A 14 9.14 -1.62 -3.53
CA THR A 14 9.71 -1.99 -4.80
C THR A 14 8.54 -2.12 -5.74
N ALA A 15 8.83 -2.46 -7.03
CA ALA A 15 7.86 -2.59 -8.08
C ALA A 15 6.99 -3.80 -7.87
N GLU A 16 7.52 -4.80 -7.14
CA GLU A 16 6.87 -6.03 -6.80
C GLU A 16 5.74 -5.80 -5.83
N GLN A 17 5.95 -4.82 -4.92
CA GLN A 17 5.08 -4.58 -3.80
C GLN A 17 3.96 -3.67 -4.25
N LEU A 18 4.32 -2.56 -4.96
CA LEU A 18 3.40 -1.56 -5.46
C LEU A 18 2.35 -2.13 -6.36
N GLN A 19 2.76 -3.06 -7.28
CA GLN A 19 1.94 -3.66 -8.32
C GLN A 19 0.70 -4.30 -7.79
N ARG A 20 0.88 -5.17 -6.79
CA ARG A 20 -0.16 -6.01 -6.23
C ARG A 20 -1.07 -5.23 -5.33
N LEU A 21 -0.57 -4.13 -4.71
CA LEU A 21 -1.36 -3.25 -3.88
C LEU A 21 -2.30 -2.41 -4.69
N LYS A 22 -2.01 -2.21 -6.01
CA LYS A 22 -2.88 -1.48 -6.90
C LYS A 22 -4.08 -2.31 -7.27
N ALA A 23 -3.96 -3.66 -7.15
CA ALA A 23 -5.04 -4.58 -7.37
C ALA A 23 -5.90 -4.64 -6.13
N GLU A 24 -5.27 -4.43 -4.94
CA GLU A 24 -5.94 -4.38 -3.66
C GLU A 24 -6.47 -2.99 -3.41
N PHE A 25 -6.20 -2.00 -4.30
CA PHE A 25 -6.75 -0.67 -4.22
C PHE A 25 -8.01 -0.65 -5.05
N GLN A 26 -8.01 -1.40 -6.18
CA GLN A 26 -9.07 -1.41 -7.14
C GLN A 26 -10.25 -2.18 -6.61
N THR A 27 -10.04 -3.49 -6.34
CA THR A 27 -11.09 -4.41 -5.98
C THR A 27 -11.30 -4.38 -4.50
N ASN A 28 -10.24 -4.75 -3.76
CA ASN A 28 -10.29 -5.10 -2.37
C ASN A 28 -9.81 -3.95 -1.54
N ARG A 29 -10.43 -2.75 -1.73
CA ARG A 29 -9.99 -1.49 -1.17
C ARG A 29 -10.21 -1.44 0.33
N TYR A 30 -11.32 -2.06 0.77
CA TYR A 30 -11.87 -1.93 2.09
C TYR A 30 -11.10 -2.80 3.04
N LEU A 31 -10.00 -2.23 3.56
CA LEU A 31 -9.03 -2.86 4.39
C LEU A 31 -9.52 -2.96 5.80
N THR A 32 -8.95 -3.95 6.52
CA THR A 32 -9.12 -4.15 7.94
C THR A 32 -7.73 -4.07 8.49
N GLU A 33 -7.60 -4.23 9.83
CA GLU A 33 -6.31 -4.34 10.50
C GLU A 33 -5.71 -5.68 10.17
N GLN A 34 -6.60 -6.68 9.96
CA GLN A 34 -6.27 -8.08 9.89
C GLN A 34 -5.78 -8.44 8.51
N ARG A 35 -6.44 -7.89 7.47
CA ARG A 35 -6.17 -8.29 6.12
C ARG A 35 -5.16 -7.41 5.49
N ARG A 36 -5.00 -6.18 6.04
CA ARG A 36 -3.89 -5.30 5.75
C ARG A 36 -2.60 -5.96 6.10
N GLN A 37 -2.63 -6.75 7.21
CA GLN A 37 -1.42 -7.35 7.74
C GLN A 37 -1.21 -8.74 7.19
N SER A 38 -2.15 -9.19 6.32
CA SER A 38 -1.98 -10.37 5.52
C SER A 38 -1.27 -9.97 4.25
N LEU A 39 -1.40 -8.67 3.84
CA LEU A 39 -0.64 -8.11 2.75
C LEU A 39 0.75 -7.80 3.27
N ALA A 40 0.88 -7.58 4.60
CA ALA A 40 2.15 -7.33 5.27
C ALA A 40 2.95 -8.60 5.39
N GLN A 41 2.26 -9.77 5.40
CA GLN A 41 2.89 -11.06 5.45
C GLN A 41 3.39 -11.38 4.07
N GLU A 42 2.62 -10.96 3.04
CA GLU A 42 2.72 -11.42 1.68
C GLU A 42 3.87 -10.82 0.94
N LEU A 43 3.76 -9.51 0.67
CA LEU A 43 4.71 -8.72 -0.07
C LEU A 43 5.92 -8.50 0.78
N GLY A 44 5.67 -8.55 2.11
CA GLY A 44 6.71 -8.47 3.11
C GLY A 44 6.79 -7.05 3.53
N LEU A 45 5.60 -6.46 3.80
CA LEU A 45 5.48 -5.10 4.28
C LEU A 45 5.27 -5.14 5.76
N ASN A 46 4.83 -4.00 6.34
CA ASN A 46 4.42 -3.90 7.72
C ASN A 46 3.02 -3.36 7.65
N GLU A 47 2.37 -3.18 8.82
CA GLU A 47 1.07 -2.56 8.94
C GLU A 47 1.21 -1.08 8.75
N SER A 48 2.38 -0.57 9.18
CA SER A 48 2.79 0.82 9.21
C SER A 48 3.02 1.34 7.81
N GLN A 49 3.47 0.46 6.89
CA GLN A 49 3.77 0.78 5.52
C GLN A 49 2.50 1.03 4.75
N ILE A 50 1.52 0.11 4.91
CA ILE A 50 0.39 -0.05 4.02
C ILE A 50 -0.68 0.96 4.36
N LYS A 51 -0.82 1.38 5.65
CA LYS A 51 -1.82 2.33 6.07
C LYS A 51 -1.61 3.68 5.43
N ILE A 52 -0.34 4.13 5.39
CA ILE A 52 0.15 5.32 4.76
C ILE A 52 -0.10 5.26 3.27
N TRP A 53 0.20 4.10 2.65
CA TRP A 53 0.09 3.83 1.23
C TRP A 53 -1.34 4.00 0.74
N PHE A 54 -2.34 3.51 1.50
CA PHE A 54 -3.73 3.55 1.12
C PHE A 54 -4.30 4.94 1.27
N GLN A 55 -3.76 5.75 2.22
CA GLN A 55 -4.20 7.10 2.45
C GLN A 55 -3.64 8.05 1.42
N ASN A 56 -2.52 7.67 0.75
CA ASN A 56 -1.92 8.41 -0.32
C ASN A 56 -2.75 8.24 -1.57
N LYS A 57 -3.18 6.98 -1.83
CA LYS A 57 -4.01 6.58 -2.94
C LYS A 57 -5.42 7.13 -2.84
N ARG A 58 -5.94 7.29 -1.61
CA ARG A 58 -7.25 7.88 -1.38
C ARG A 58 -7.18 9.38 -1.49
N ALA A 59 -5.98 9.98 -1.30
CA ALA A 59 -5.77 11.40 -1.35
C ALA A 59 -5.47 11.87 -2.75
N LYS A 60 -5.59 10.97 -3.77
CA LYS A 60 -5.44 11.34 -5.17
C LYS A 60 -6.71 11.99 -5.68
N ILE A 61 -7.79 11.98 -4.85
CA ILE A 61 -8.98 12.74 -5.03
C ILE A 61 -8.67 14.18 -4.72
N LYS A 62 -9.52 15.11 -5.19
CA LYS A 62 -9.33 16.52 -5.06
C LYS A 62 -10.03 16.93 -3.79
N LYS A 63 -9.32 16.76 -2.65
CA LYS A 63 -9.73 17.26 -1.37
C LYS A 63 -8.70 18.29 -0.97
N ALA A 64 -8.54 18.55 0.35
CA ALA A 64 -7.65 19.54 0.88
C ALA A 64 -6.22 19.03 0.79
N THR A 65 -5.92 17.94 1.52
CA THR A 65 -4.59 17.35 1.57
C THR A 65 -4.56 16.32 0.49
N GLN A 66 -3.71 16.53 -0.54
CA GLN A 66 -3.63 15.66 -1.69
C GLN A 66 -2.27 15.03 -1.71
N ALA A 67 -2.19 13.83 -2.34
CA ALA A 67 -1.00 13.02 -2.48
C ALA A 67 -0.39 12.64 -1.12
#